data_1OU6
#
_entry.id   1OU6
#
_cell.length_a   84.380
_cell.length_b   78.950
_cell.length_c   148.820
_cell.angle_alpha   90.00
_cell.angle_beta   92.96
_cell.angle_gamma   90.00
#
_symmetry.space_group_name_H-M   'P 1 21 1'
#
loop_
_entity.id
_entity.type
_entity.pdbx_description
1 polymer 'Acetyl-CoA acetyltransferase'
2 non-polymer 'SULFATE ION'
3 non-polymer 'PANTOTHENYL-AMINOETHANOL-ACETATE PIVALIC ACID'
4 water water
#
_entity_poly.entity_id   1
_entity_poly.type   'polypeptide(L)'
_entity_poly.pdbx_seq_one_letter_code
;STPSIVIASAARTAVGSFNGAFANTPAHELGATVISAVLERAGVAAGEVNEVILGQVLPAGEGQNPARQAAMKAGVPQEA
TAWGMNQL(CSO)GSGLRAVALGMQQIATGDASIIVAGGMESMSMAPHCAHLRGGVKMGDFKMIDTMIKDGLTDAFYGYH
MGTTAENVAKQWQLSRDEQDAFAVASQNKAEAAQKDGRFKDEIVPFIVKGRKGDITVDADEYIRHGATLDSMAKLRPAFD
KEGTVTAGNASGLNDGAAAALLMSEAEASRRGIQPLGRIVSWATVGVDPKVMGTGPIPASRKALERAGWKIGDLDLVEAN
EAFAAQACAVNKDLGWDPSIVNVNGGAIAIGHPIGASGARILNTLLFEMKRRGARKGLATLCIGGGMGVAMCIESL
;
_entity_poly.pdbx_strand_id   A,B,C,D
#
# COMPACT_ATOMS: atom_id res chain seq x y z
N SER A 1 12.56 57.80 -6.52
CA SER A 1 13.21 56.51 -6.10
C SER A 1 12.28 55.28 -6.18
N THR A 2 12.92 54.12 -6.36
CA THR A 2 12.25 52.82 -6.52
C THR A 2 12.54 51.96 -5.26
N PRO A 3 11.73 50.94 -4.98
CA PRO A 3 12.04 50.06 -3.85
C PRO A 3 13.19 49.12 -4.18
N SER A 4 14.23 49.15 -3.36
CA SER A 4 15.38 48.30 -3.57
C SER A 4 15.41 47.25 -2.46
N ILE A 5 15.34 45.97 -2.84
CA ILE A 5 15.44 44.83 -1.94
C ILE A 5 16.78 44.13 -2.17
N VAL A 6 17.41 43.81 -1.05
CA VAL A 6 18.70 43.12 -1.05
C VAL A 6 18.53 41.76 -0.43
N ILE A 7 19.43 40.87 -0.80
CA ILE A 7 19.65 39.60 -0.14
C ILE A 7 20.72 39.87 0.88
N ALA A 8 20.36 39.95 2.16
CA ALA A 8 21.31 40.16 3.27
C ALA A 8 22.26 38.98 3.48
N SER A 9 21.73 37.78 3.31
CA SER A 9 22.46 36.55 3.61
C SER A 9 21.82 35.39 2.89
N ALA A 10 22.57 34.30 2.77
CA ALA A 10 22.08 33.10 2.11
C ALA A 10 22.74 31.92 2.69
N ALA A 11 22.15 30.74 2.48
CA ALA A 11 22.74 29.50 2.93
C ALA A 11 22.04 28.35 2.30
N ARG A 12 22.73 27.24 2.15
CA ARG A 12 22.08 26.03 1.68
C ARG A 12 22.65 24.80 2.35
N THR A 13 21.86 23.74 2.45
CA THR A 13 22.50 22.49 2.82
C THR A 13 23.33 22.01 1.66
N ALA A 14 24.22 21.06 1.96
CA ALA A 14 24.73 20.22 0.90
C ALA A 14 23.54 19.57 0.17
N VAL A 15 23.76 19.19 -1.08
CA VAL A 15 22.77 18.44 -1.82
C VAL A 15 23.09 16.98 -1.63
N GLY A 16 22.12 16.22 -1.15
CA GLY A 16 22.30 14.80 -0.90
C GLY A 16 21.88 13.94 -2.09
N SER A 17 22.49 12.78 -2.21
CA SER A 17 22.11 11.82 -3.24
C SER A 17 20.78 11.15 -2.86
N PHE A 18 20.13 10.64 -3.88
CA PHE A 18 18.84 10.00 -3.77
C PHE A 18 18.97 8.78 -2.83
N ASN A 19 18.13 8.73 -1.81
CA ASN A 19 18.28 7.74 -0.74
C ASN A 19 19.72 7.69 -0.18
N GLY A 20 20.36 8.86 -0.13
CA GLY A 20 21.71 8.97 0.39
C GLY A 20 21.69 9.58 1.79
N ALA A 21 22.47 10.63 1.97
CA ALA A 21 22.70 11.24 3.28
C ALA A 21 21.39 11.65 3.98
N PHE A 22 20.46 12.17 3.18
CA PHE A 22 19.18 12.65 3.69
C PHE A 22 17.97 11.74 3.35
N ALA A 23 18.24 10.45 3.21
CA ALA A 23 17.28 9.46 2.73
C ALA A 23 15.99 9.48 3.57
N ASN A 24 16.16 9.73 4.88
CA ASN A 24 15.07 9.72 5.86
C ASN A 24 14.87 11.05 6.61
N THR A 25 15.29 12.14 5.99
CA THR A 25 15.19 13.47 6.59
C THR A 25 14.11 14.24 5.88
N PRO A 26 13.01 14.54 6.57
CA PRO A 26 11.96 15.37 6.00
C PRO A 26 12.51 16.73 5.53
N ALA A 27 11.98 17.23 4.41
CA ALA A 27 12.45 18.47 3.87
C ALA A 27 12.44 19.64 4.87
N HIS A 28 11.41 19.74 5.68
CA HIS A 28 11.29 20.85 6.65
C HIS A 28 12.45 20.91 7.67
N GLU A 29 13.01 19.75 8.03
CA GLU A 29 14.21 19.68 8.82
C GLU A 29 15.39 20.34 8.12
N LEU A 30 15.57 20.04 6.82
CA LEU A 30 16.57 20.72 6.00
C LEU A 30 16.27 22.20 5.95
N GLY A 31 15.00 22.58 5.80
CA GLY A 31 14.66 23.98 5.73
C GLY A 31 14.99 24.73 7.00
N ALA A 32 14.63 24.13 8.13
CA ALA A 32 14.85 24.75 9.43
C ALA A 32 16.32 25.11 9.61
N THR A 33 17.20 24.19 9.24
CA THR A 33 18.64 24.45 9.35
C THR A 33 19.06 25.64 8.47
N VAL A 34 18.62 25.73 7.21
CA VAL A 34 18.96 26.88 6.38
C VAL A 34 18.34 28.20 6.84
N ILE A 35 17.11 28.17 7.37
CA ILE A 35 16.52 29.36 8.01
C ILE A 35 17.39 29.85 9.18
N SER A 36 17.74 28.95 10.08
CA SER A 36 18.61 29.33 11.21
C SER A 36 19.92 29.92 10.70
N ALA A 37 20.48 29.32 9.66
CA ALA A 37 21.74 29.80 9.10
C ALA A 37 21.64 31.21 8.46
N VAL A 38 20.56 31.53 7.74
CA VAL A 38 20.52 32.85 7.11
C VAL A 38 20.31 33.92 8.15
N LEU A 39 19.66 33.54 9.23
CA LEU A 39 19.48 34.40 10.36
C LEU A 39 20.83 34.68 11.01
N GLU A 40 21.55 33.64 11.35
CA GLU A 40 22.89 33.78 11.97
C GLU A 40 23.84 34.58 11.10
N ARG A 41 23.80 34.33 9.78
CA ARG A 41 24.81 34.87 8.89
C ARG A 41 24.53 36.38 8.77
N ALA A 42 23.26 36.75 8.82
CA ALA A 42 22.86 38.16 8.72
C ALA A 42 22.93 38.94 10.02
N GLY A 43 22.99 38.25 11.16
CA GLY A 43 22.92 38.89 12.47
C GLY A 43 21.50 39.34 12.77
N VAL A 44 20.52 38.63 12.25
CA VAL A 44 19.09 38.96 12.43
C VAL A 44 18.44 37.85 13.25
N ALA A 45 17.65 38.20 14.26
CA ALA A 45 17.01 37.21 15.12
C ALA A 45 15.75 36.66 14.49
N ALA A 46 15.44 35.42 14.85
CA ALA A 46 14.31 34.73 14.30
C ALA A 46 13.02 35.47 14.62
N GLY A 47 12.99 36.09 15.80
CA GLY A 47 11.88 36.91 16.26
C GLY A 47 11.50 38.04 15.31
N GLU A 48 12.44 38.39 14.41
CA GLU A 48 12.31 39.54 13.53
C GLU A 48 11.76 39.18 12.18
N VAL A 49 11.62 37.88 11.92
CA VAL A 49 11.12 37.40 10.64
C VAL A 49 9.59 37.58 10.53
N ASN A 50 9.14 38.14 9.41
CA ASN A 50 7.72 38.35 9.20
C ASN A 50 7.09 37.15 8.51
N GLU A 51 7.78 36.61 7.51
CA GLU A 51 7.29 35.46 6.75
C GLU A 51 8.39 34.56 6.14
N VAL A 52 8.14 33.26 6.15
CA VAL A 52 8.97 32.27 5.50
C VAL A 52 8.22 31.76 4.25
N ILE A 53 8.84 31.84 3.07
CA ILE A 53 8.26 31.34 1.83
C ILE A 53 9.14 30.27 1.24
N LEU A 54 8.62 29.04 1.21
CA LEU A 54 9.42 27.90 0.72
C LEU A 54 8.78 27.09 -0.44
N GLY A 55 9.40 27.18 -1.61
CA GLY A 55 9.15 26.31 -2.73
C GLY A 55 9.32 24.85 -2.31
N GLN A 56 8.43 24.01 -2.79
CA GLN A 56 8.43 22.57 -2.53
C GLN A 56 7.37 21.88 -3.42
N VAL A 57 7.84 20.98 -4.25
CA VAL A 57 7.00 20.31 -5.21
C VAL A 57 6.40 19.04 -4.66
N LEU A 58 7.10 18.37 -3.75
CA LEU A 58 6.71 17.05 -3.27
C LEU A 58 6.56 16.99 -1.72
N PRO A 59 5.58 17.70 -1.18
CA PRO A 59 5.30 17.64 0.26
C PRO A 59 4.39 16.48 0.73
N ALA A 60 3.88 15.64 -0.16
CA ALA A 60 2.89 14.63 0.23
C ALA A 60 3.38 13.79 1.43
N GLY A 61 2.53 13.71 2.42
CA GLY A 61 2.77 12.98 3.66
C GLY A 61 3.50 13.71 4.77
N GLU A 62 4.07 14.87 4.48
CA GLU A 62 4.90 15.57 5.46
C GLU A 62 4.07 16.34 6.48
N GLY A 63 2.78 16.42 6.23
CA GLY A 63 1.87 17.09 7.12
C GLY A 63 1.62 18.51 6.70
N GLN A 64 0.80 19.20 7.49
CA GLN A 64 0.32 20.51 7.15
C GLN A 64 1.46 21.49 6.92
N ASN A 65 1.48 22.07 5.72
CA ASN A 65 2.31 23.22 5.40
C ASN A 65 3.74 23.08 5.96
N PRO A 66 4.53 22.20 5.37
CA PRO A 66 5.93 22.05 5.77
C PRO A 66 6.70 23.38 5.86
N ALA A 67 6.39 24.40 5.07
CA ALA A 67 7.07 25.69 5.27
C ALA A 67 6.97 26.19 6.72
N ARG A 68 5.78 26.07 7.30
CA ARG A 68 5.51 26.52 8.66
C ARG A 68 6.15 25.64 9.66
N GLN A 69 6.17 24.33 9.41
CA GLN A 69 6.92 23.44 10.27
C GLN A 69 8.40 23.82 10.28
N ALA A 70 8.91 24.20 9.14
CA ALA A 70 10.33 24.58 9.05
C ALA A 70 10.63 25.85 9.84
N ALA A 71 9.71 26.80 9.75
CA ALA A 71 9.88 28.11 10.36
C ALA A 71 9.76 27.97 11.89
N MET A 72 8.77 27.22 12.34
CA MET A 72 8.59 26.99 13.77
C MET A 72 9.80 26.28 14.39
N LYS A 73 10.34 25.31 13.68
CA LYS A 73 11.50 24.58 14.16
C LYS A 73 12.71 25.47 14.32
N ALA A 74 12.91 26.39 13.39
CA ALA A 74 13.98 27.39 13.50
C ALA A 74 13.70 28.48 14.53
N GLY A 75 12.55 28.44 15.18
CA GLY A 75 12.23 29.35 16.27
C GLY A 75 11.72 30.66 15.72
N VAL A 76 11.23 30.64 14.49
CA VAL A 76 10.53 31.78 13.98
C VAL A 76 9.19 31.81 14.79
N PRO A 77 8.79 32.98 15.27
CA PRO A 77 7.63 33.07 16.17
C PRO A 77 6.27 32.68 15.55
N GLN A 78 5.34 32.30 16.41
CA GLN A 78 4.02 31.88 15.95
C GLN A 78 3.27 33.00 15.25
N GLU A 79 3.63 34.23 15.57
CA GLU A 79 3.06 35.46 15.03
C GLU A 79 3.46 35.74 13.60
N ALA A 80 4.58 35.18 13.18
CA ALA A 80 4.94 35.23 11.76
C ALA A 80 4.06 34.27 10.94
N THR A 81 4.23 34.30 9.61
CA THR A 81 3.52 33.38 8.76
C THR A 81 4.47 32.58 7.90
N ALA A 82 3.92 31.60 7.22
CA ALA A 82 4.71 30.74 6.36
C ALA A 82 3.79 30.04 5.39
N TRP A 83 4.28 29.87 4.17
CA TRP A 83 3.58 29.18 3.11
C TRP A 83 4.54 28.56 2.13
N GLY A 84 4.03 27.51 1.47
CA GLY A 84 4.75 26.85 0.41
C GLY A 84 4.20 27.22 -0.93
N MET A 85 5.00 27.00 -1.97
CA MET A 85 4.56 27.21 -3.34
C MET A 85 5.27 26.29 -4.31
N ASN A 86 4.71 26.22 -5.53
CA ASN A 86 5.14 25.26 -6.50
C ASN A 86 5.03 25.82 -7.92
N GLN A 87 6.19 26.20 -8.46
CA GLN A 87 6.42 26.42 -9.89
C GLN A 87 7.53 25.48 -10.34
N LEU A 88 7.33 24.22 -9.93
CA LEU A 88 8.23 23.09 -10.17
C LEU A 88 9.73 23.44 -9.92
N GLY A 90 11.40 25.80 -10.93
CA GLY A 90 11.60 27.24 -10.73
C GLY A 90 11.30 27.68 -9.31
N SER A 91 10.77 26.79 -8.45
CA SER A 91 10.14 27.18 -7.17
C SER A 91 11.02 27.93 -6.19
N GLY A 92 12.27 27.46 -6.01
CA GLY A 92 13.21 28.01 -5.03
C GLY A 92 13.64 29.41 -5.37
N LEU A 93 13.65 29.71 -6.66
CA LEU A 93 14.03 31.03 -7.10
C LEU A 93 12.81 31.93 -7.14
N ARG A 94 11.67 31.39 -7.59
CA ARG A 94 10.40 32.14 -7.60
C ARG A 94 10.04 32.60 -6.20
N ALA A 95 10.24 31.75 -5.19
CA ALA A 95 9.98 32.15 -3.80
C ALA A 95 10.72 33.41 -3.42
N VAL A 96 11.95 33.54 -3.89
CA VAL A 96 12.78 34.69 -3.58
C VAL A 96 12.16 35.93 -4.19
N ALA A 97 11.74 35.80 -5.45
CA ALA A 97 11.07 36.87 -6.14
C ALA A 97 9.77 37.22 -5.43
N LEU A 98 9.03 36.20 -5.03
CA LEU A 98 7.81 36.43 -4.28
C LEU A 98 8.12 37.10 -2.95
N GLY A 99 9.19 36.64 -2.25
CA GLY A 99 9.63 37.23 -0.99
C GLY A 99 9.92 38.72 -1.17
N MET A 100 10.57 39.05 -2.29
CA MET A 100 10.95 40.45 -2.60
C MET A 100 9.70 41.33 -2.76
N GLN A 101 8.64 40.77 -3.33
CA GLN A 101 7.40 41.49 -3.54
C GLN A 101 6.65 41.82 -2.25
N GLN A 102 6.71 40.94 -1.26
CA GLN A 102 6.15 41.27 0.06
C GLN A 102 6.74 42.56 0.61
N ILE A 103 8.05 42.72 0.49
CA ILE A 103 8.77 43.93 0.96
C ILE A 103 8.49 45.13 0.06
N ALA A 104 8.49 44.93 -1.27
CA ALA A 104 8.32 46.07 -2.20
C ALA A 104 6.93 46.69 -2.07
N THR A 105 5.92 45.86 -1.76
CA THR A 105 4.58 46.37 -1.53
C THR A 105 4.34 46.78 -0.12
N GLY A 106 5.37 46.73 0.72
CA GLY A 106 5.27 47.27 2.06
C GLY A 106 4.50 46.36 3.01
N ASP A 107 4.28 45.09 2.64
CA ASP A 107 3.57 44.14 3.47
C ASP A 107 4.40 43.38 4.48
N ALA A 108 5.69 43.36 4.28
CA ALA A 108 6.62 42.74 5.20
C ALA A 108 7.92 43.54 5.16
N SER A 109 8.76 43.36 6.20
CA SER A 109 10.09 43.95 6.28
C SER A 109 11.19 42.91 6.05
N ILE A 110 10.96 41.72 6.59
CA ILE A 110 12.00 40.70 6.63
C ILE A 110 11.44 39.36 6.22
N ILE A 111 11.96 38.79 5.14
CA ILE A 111 11.48 37.53 4.57
C ILE A 111 12.61 36.53 4.56
N VAL A 112 12.35 35.27 4.87
CA VAL A 112 13.26 34.19 4.48
C VAL A 112 12.54 33.46 3.36
N ALA A 113 13.18 33.36 2.21
CA ALA A 113 12.60 32.72 1.05
C ALA A 113 13.58 31.76 0.41
N GLY A 114 13.12 30.58 0.04
CA GLY A 114 13.88 29.73 -0.85
C GLY A 114 13.09 28.49 -1.20
N GLY A 115 13.74 27.35 -1.14
CA GLY A 115 13.00 26.13 -1.27
C GLY A 115 13.64 24.97 -0.62
N MET A 116 12.92 23.86 -0.65
CA MET A 116 13.36 22.64 0.02
C MET A 116 12.71 21.45 -0.62
N GLU A 117 13.42 20.32 -0.61
CA GLU A 117 12.90 19.14 -1.22
C GLU A 117 13.50 17.89 -0.69
N SER A 118 12.66 16.90 -0.42
CA SER A 118 13.13 15.57 -0.18
C SER A 118 12.48 14.63 -1.16
N MET A 119 13.19 14.36 -2.23
CA MET A 119 12.69 13.47 -3.22
C MET A 119 12.80 12.06 -2.67
N SER A 120 13.78 11.81 -1.81
CA SER A 120 13.93 10.51 -1.16
C SER A 120 12.66 10.19 -0.33
N MET A 121 12.19 11.16 0.45
CA MET A 121 11.00 10.94 1.29
C MET A 121 9.64 11.01 0.57
N ALA A 122 9.64 11.33 -0.72
CA ALA A 122 8.40 11.36 -1.49
C ALA A 122 7.76 10.00 -1.47
N PRO A 123 6.46 9.91 -1.14
CA PRO A 123 5.78 8.61 -1.05
C PRO A 123 5.16 8.12 -2.34
N HIS A 124 4.67 6.90 -2.24
CA HIS A 124 3.90 6.28 -3.28
C HIS A 124 2.43 6.42 -2.88
N CYS A 125 1.55 6.57 -3.85
CA CYS A 125 0.14 6.79 -3.52
C CYS A 125 -0.85 6.11 -4.42
N ALA A 126 -2.09 6.08 -3.94
CA ALA A 126 -3.24 5.57 -4.70
C ALA A 126 -4.50 6.19 -4.13
N HIS A 127 -5.41 6.56 -5.03
CA HIS A 127 -6.70 7.07 -4.64
C HIS A 127 -7.60 5.88 -4.35
N LEU A 128 -7.95 5.71 -3.07
CA LEU A 128 -8.61 4.49 -2.63
C LEU A 128 -9.97 4.67 -1.98
N ARG A 129 -10.56 5.85 -2.09
CA ARG A 129 -11.84 6.13 -1.45
C ARG A 129 -13.00 5.30 -2.01
N GLY A 130 -13.05 5.15 -3.34
CA GLY A 130 -14.08 4.36 -4.00
C GLY A 130 -13.95 2.86 -3.76
N GLY A 131 -12.77 2.42 -3.34
CA GLY A 131 -12.47 1.01 -3.17
C GLY A 131 -12.08 0.36 -4.48
N VAL A 132 -11.42 -0.78 -4.39
CA VAL A 132 -11.04 -1.52 -5.58
C VAL A 132 -11.61 -2.93 -5.42
N LYS A 133 -12.93 -3.01 -5.55
CA LYS A 133 -13.68 -4.26 -5.36
C LYS A 133 -13.01 -5.48 -6.00
N MET A 134 -12.23 -5.27 -7.05
CA MET A 134 -11.53 -6.38 -7.72
C MET A 134 -10.41 -5.90 -8.67
N GLY A 135 -9.33 -6.68 -8.71
CA GLY A 135 -8.18 -6.47 -9.60
C GLY A 135 -6.98 -5.73 -8.98
N ASP A 136 -5.86 -5.78 -9.69
CA ASP A 136 -4.67 -5.04 -9.25
C ASP A 136 -4.93 -3.56 -9.44
N PHE A 137 -4.22 -2.73 -8.66
CA PHE A 137 -4.18 -1.30 -8.88
C PHE A 137 -2.74 -0.81 -8.70
N LYS A 138 -2.43 0.40 -9.13
CA LYS A 138 -1.08 0.93 -9.06
C LYS A 138 -0.87 1.77 -7.80
N MET A 139 0.29 1.60 -7.18
CA MET A 139 0.86 2.54 -6.21
C MET A 139 1.81 3.40 -7.02
N ILE A 140 1.50 4.69 -7.07
CA ILE A 140 2.13 5.67 -7.94
C ILE A 140 3.22 6.40 -7.22
N ASP A 141 4.39 6.46 -7.82
CA ASP A 141 5.50 7.16 -7.25
C ASP A 141 5.27 8.66 -7.42
N THR A 142 5.03 9.38 -6.33
CA THR A 142 4.67 10.79 -6.43
C THR A 142 5.79 11.62 -6.98
N MET A 143 7.04 11.27 -6.73
CA MET A 143 8.19 12.01 -7.21
C MET A 143 8.16 12.05 -8.73
N ILE A 144 7.90 10.90 -9.36
CA ILE A 144 7.81 10.82 -10.81
C ILE A 144 6.54 11.50 -11.36
N LYS A 145 5.39 11.21 -10.76
CA LYS A 145 4.12 11.63 -11.29
C LYS A 145 3.98 13.14 -11.14
N ASP A 146 4.26 13.66 -9.93
CA ASP A 146 4.02 15.07 -9.61
C ASP A 146 5.22 15.97 -9.82
N GLY A 147 6.39 15.36 -9.88
CA GLY A 147 7.64 16.04 -10.07
C GLY A 147 8.26 16.01 -11.45
N LEU A 148 8.16 14.89 -12.16
CA LEU A 148 9.04 14.64 -13.30
C LEU A 148 8.34 14.25 -14.60
N THR A 149 7.04 14.06 -14.54
CA THR A 149 6.29 13.57 -15.69
C THR A 149 5.49 14.75 -16.20
N ASP A 150 5.55 14.99 -17.52
CA ASP A 150 4.78 16.08 -18.10
C ASP A 150 3.30 15.70 -18.09
N ALA A 151 2.47 16.64 -17.66
CA ALA A 151 1.05 16.34 -17.45
C ALA A 151 0.28 16.30 -18.78
N PHE A 152 0.82 16.97 -19.81
CA PHE A 152 0.14 17.10 -21.11
C PHE A 152 0.44 15.97 -22.07
N TYR A 153 1.71 15.52 -22.12
CA TYR A 153 2.18 14.52 -23.08
C TYR A 153 2.45 13.15 -22.42
N GLY A 154 2.47 13.13 -21.10
CA GLY A 154 2.54 11.90 -20.35
C GLY A 154 3.91 11.27 -20.27
N TYR A 155 4.94 11.96 -20.76
CA TYR A 155 6.30 11.40 -20.76
C TYR A 155 7.20 12.22 -19.83
N HIS A 156 8.35 11.65 -19.50
CA HIS A 156 9.25 12.23 -18.51
C HIS A 156 9.96 13.47 -19.05
N MET A 157 10.51 14.25 -18.13
CA MET A 157 11.23 15.46 -18.47
C MET A 157 12.38 15.14 -19.43
N GLY A 158 12.92 13.92 -19.36
CA GLY A 158 14.01 13.49 -20.23
C GLY A 158 13.65 13.41 -21.71
N THR A 159 12.37 13.15 -21.97
CA THR A 159 11.85 13.15 -23.32
C THR A 159 11.83 14.60 -23.87
N THR A 160 11.49 15.56 -23.01
CA THR A 160 11.54 16.98 -23.40
C THR A 160 12.95 17.34 -23.76
N ALA A 161 13.90 16.80 -23.00
CA ALA A 161 15.31 16.95 -23.30
C ALA A 161 15.71 16.40 -24.66
N GLU A 162 15.16 15.25 -25.03
CA GLU A 162 15.40 14.68 -26.38
C GLU A 162 14.87 15.60 -27.48
N ASN A 163 13.68 16.16 -27.28
CA ASN A 163 13.05 17.05 -28.26
C ASN A 163 14.00 18.24 -28.48
N VAL A 164 14.57 18.77 -27.40
CA VAL A 164 15.48 19.92 -27.51
C VAL A 164 16.77 19.48 -28.21
N ALA A 165 17.22 18.26 -27.91
CA ALA A 165 18.43 17.74 -28.50
C ALA A 165 18.30 17.69 -30.02
N LYS A 166 17.18 17.15 -30.49
CA LYS A 166 16.95 17.00 -31.91
C LYS A 166 16.80 18.36 -32.57
N GLN A 167 16.07 19.27 -31.94
CA GLN A 167 15.80 20.57 -32.53
C GLN A 167 17.06 21.39 -32.68
N TRP A 168 17.93 21.36 -31.66
CA TRP A 168 19.21 22.08 -31.71
C TRP A 168 20.36 21.25 -32.31
N GLN A 169 20.06 20.01 -32.75
CA GLN A 169 21.05 19.12 -33.37
C GLN A 169 22.30 18.93 -32.47
N LEU A 170 22.03 18.63 -31.21
CA LEU A 170 23.11 18.44 -30.24
C LEU A 170 23.52 16.98 -30.22
N SER A 171 24.77 16.70 -30.54
CA SER A 171 25.29 15.36 -30.48
C SER A 171 25.40 14.83 -29.05
N ARG A 172 25.39 13.50 -28.96
CA ARG A 172 25.77 12.75 -27.77
C ARG A 172 27.10 13.21 -27.17
N ASP A 173 28.10 13.36 -28.02
CA ASP A 173 29.46 13.77 -27.65
C ASP A 173 29.48 15.14 -27.06
N GLU A 174 28.71 16.06 -27.65
CA GLU A 174 28.70 17.42 -27.16
C GLU A 174 28.06 17.48 -25.75
N GLN A 175 26.93 16.80 -25.61
CA GLN A 175 26.24 16.61 -24.35
C GLN A 175 27.12 15.93 -23.25
N ASP A 176 27.81 14.87 -23.63
CA ASP A 176 28.66 14.16 -22.68
C ASP A 176 29.86 14.97 -22.29
N ALA A 177 30.37 15.76 -23.21
CA ALA A 177 31.51 16.59 -22.92
C ALA A 177 31.07 17.60 -21.88
N PHE A 178 29.90 18.20 -22.10
CA PHE A 178 29.31 19.15 -21.15
C PHE A 178 29.13 18.52 -19.77
N ALA A 179 28.66 17.26 -19.75
CA ALA A 179 28.41 16.56 -18.50
C ALA A 179 29.71 16.34 -17.75
N VAL A 180 30.74 15.91 -18.46
CA VAL A 180 32.05 15.68 -17.90
C VAL A 180 32.60 16.99 -17.35
N ALA A 181 32.45 18.09 -18.08
CA ALA A 181 32.92 19.39 -17.60
C ALA A 181 32.19 19.84 -16.37
N SER A 182 30.89 19.56 -16.25
CA SER A 182 30.17 19.92 -15.06
C SER A 182 30.72 19.19 -13.84
N GLN A 183 30.90 17.87 -13.95
CA GLN A 183 31.49 17.08 -12.90
C GLN A 183 32.87 17.60 -12.49
N ASN A 184 33.74 17.78 -13.47
CA ASN A 184 35.13 18.21 -13.23
C ASN A 184 35.24 19.63 -12.64
N LYS A 185 34.37 20.55 -13.07
CA LYS A 185 34.37 21.90 -12.46
C LYS A 185 33.86 21.84 -10.99
N ALA A 186 32.92 20.94 -10.73
CA ALA A 186 32.26 20.88 -9.45
C ALA A 186 33.23 20.25 -8.48
N GLU A 187 33.96 19.23 -8.98
CA GLU A 187 34.93 18.56 -8.17
C GLU A 187 36.10 19.48 -7.78
N ALA A 188 36.56 20.29 -8.71
CA ALA A 188 37.59 21.29 -8.42
C ALA A 188 37.11 22.33 -7.41
N ALA A 189 35.92 22.87 -7.64
CA ALA A 189 35.30 23.80 -6.71
C ALA A 189 35.17 23.21 -5.31
N GLN A 190 34.73 21.97 -5.20
CA GLN A 190 34.64 21.29 -3.95
C GLN A 190 36.01 21.18 -3.25
N LYS A 191 36.98 20.59 -3.94
CA LYS A 191 38.31 20.41 -3.40
C LYS A 191 38.92 21.73 -2.92
N ASP A 192 38.66 22.81 -3.66
CA ASP A 192 39.20 24.14 -3.32
C ASP A 192 38.44 24.89 -2.21
N GLY A 193 37.31 24.34 -1.76
CA GLY A 193 36.60 24.89 -0.63
C GLY A 193 35.55 25.89 -1.06
N ARG A 194 35.31 25.99 -2.36
CA ARG A 194 34.44 27.03 -2.90
C ARG A 194 32.96 26.90 -2.53
N PHE A 195 32.54 25.70 -2.10
CA PHE A 195 31.18 25.48 -1.58
C PHE A 195 31.05 25.67 -0.07
N LYS A 196 32.16 25.86 0.64
CA LYS A 196 32.07 25.95 2.10
C LYS A 196 31.26 27.15 2.61
N ASP A 197 31.44 28.30 1.99
CA ASP A 197 30.80 29.53 2.49
C ASP A 197 29.27 29.36 2.39
N GLU A 198 28.80 28.84 1.27
CA GLU A 198 27.36 28.75 1.03
C GLU A 198 26.72 27.59 1.77
N ILE A 199 27.46 26.51 1.99
CA ILE A 199 26.90 25.34 2.68
C ILE A 199 26.86 25.57 4.17
N VAL A 200 25.70 25.33 4.79
CA VAL A 200 25.62 25.14 6.21
C VAL A 200 25.54 23.63 6.47
N PRO A 201 26.35 23.13 7.38
CA PRO A 201 26.27 21.72 7.75
C PRO A 201 24.92 21.34 8.33
N PHE A 202 24.48 20.13 7.99
CA PHE A 202 23.26 19.58 8.50
C PHE A 202 23.61 18.35 9.30
N ILE A 203 23.01 18.24 10.47
CA ILE A 203 23.23 17.09 11.35
C ILE A 203 22.11 16.08 11.22
N VAL A 204 22.46 14.89 10.74
CA VAL A 204 21.49 13.84 10.58
C VAL A 204 21.52 13.02 11.85
N LYS A 205 20.42 13.12 12.61
CA LYS A 205 20.33 12.50 13.92
C LYS A 205 19.94 11.06 13.71
N GLY A 206 20.60 10.17 14.42
CA GLY A 206 20.25 8.76 14.34
C GLY A 206 20.57 8.04 15.63
N ARG A 207 19.85 6.93 15.85
CA ARG A 207 20.02 6.13 17.07
C ARG A 207 21.50 5.79 17.34
N LYS A 208 22.23 5.44 16.27
CA LYS A 208 23.60 4.93 16.37
C LYS A 208 24.69 5.99 16.10
N GLY A 209 24.35 7.27 16.27
CA GLY A 209 25.31 8.35 16.13
C GLY A 209 24.90 9.37 15.09
N ASP A 210 25.07 10.66 15.42
CA ASP A 210 24.78 11.75 14.51
C ASP A 210 25.83 11.79 13.41
N ILE A 211 25.41 12.21 12.23
CA ILE A 211 26.32 12.33 11.10
C ILE A 211 26.23 13.77 10.62
N THR A 212 27.36 14.48 10.60
CA THR A 212 27.38 15.83 10.02
C THR A 212 27.64 15.78 8.53
N VAL A 213 26.72 16.34 7.75
CA VAL A 213 26.81 16.38 6.29
C VAL A 213 27.08 17.81 5.87
N ASP A 214 28.24 18.03 5.29
CA ASP A 214 28.58 19.33 4.75
C ASP A 214 29.25 19.26 3.40
N ALA A 215 29.13 18.11 2.71
CA ALA A 215 29.60 18.03 1.34
C ALA A 215 28.52 17.51 0.37
N ASP A 216 28.47 18.13 -0.79
CA ASP A 216 27.58 17.71 -1.88
C ASP A 216 27.96 16.31 -2.29
N GLU A 217 27.13 15.33 -1.95
CA GLU A 217 27.60 13.97 -2.14
C GLU A 217 27.36 13.39 -3.53
N TYR A 218 26.63 14.10 -4.39
CA TYR A 218 26.29 13.57 -5.71
C TYR A 218 27.46 13.80 -6.68
N ILE A 219 28.32 14.80 -6.36
CA ILE A 219 29.49 15.11 -7.21
C ILE A 219 30.34 13.85 -7.42
N ARG A 220 30.51 13.45 -8.69
CA ARG A 220 31.43 12.35 -9.04
C ARG A 220 32.90 12.79 -9.10
N HIS A 221 33.75 12.08 -8.37
CA HIS A 221 35.19 12.38 -8.38
C HIS A 221 35.90 11.59 -9.48
N GLY A 222 36.73 12.27 -10.27
CA GLY A 222 37.45 11.64 -11.38
C GLY A 222 36.54 11.15 -12.52
N ALA A 223 35.53 11.93 -12.86
CA ALA A 223 34.56 11.46 -13.84
C ALA A 223 35.20 11.43 -15.21
N THR A 224 35.06 10.31 -15.93
CA THR A 224 35.69 10.17 -17.25
C THR A 224 34.68 10.32 -18.38
N LEU A 225 35.16 10.75 -19.54
CA LEU A 225 34.38 10.78 -20.75
C LEU A 225 33.87 9.38 -21.06
N ASP A 226 34.73 8.37 -20.91
CA ASP A 226 34.33 6.99 -21.20
C ASP A 226 33.16 6.52 -20.34
N SER A 227 33.10 6.97 -19.09
CA SER A 227 32.03 6.61 -18.19
C SER A 227 30.69 7.16 -18.69
N MET A 228 30.69 8.37 -19.26
CA MET A 228 29.52 8.90 -19.95
C MET A 228 29.17 8.19 -21.29
N ALA A 229 30.17 7.96 -22.14
CA ALA A 229 29.96 7.48 -23.50
C ALA A 229 29.44 6.02 -23.53
N LYS A 230 29.74 5.29 -22.46
CA LYS A 230 29.35 3.88 -22.35
C LYS A 230 27.85 3.76 -22.09
N LEU A 231 27.25 4.79 -21.50
CA LEU A 231 25.86 4.67 -21.06
C LEU A 231 24.94 4.45 -22.25
N ARG A 232 23.78 3.90 -21.98
CA ARG A 232 22.75 3.77 -22.98
C ARG A 232 21.80 4.94 -22.79
N PRO A 233 21.21 5.40 -23.89
CA PRO A 233 20.16 6.42 -23.80
C PRO A 233 19.04 5.95 -22.88
N ALA A 234 18.56 6.84 -22.01
CA ALA A 234 17.65 6.47 -20.94
C ALA A 234 16.17 6.67 -21.28
N PHE A 235 15.87 7.28 -22.43
CA PHE A 235 14.49 7.73 -22.76
C PHE A 235 14.03 7.42 -24.19
N ASP A 236 14.97 7.26 -25.10
CA ASP A 236 14.71 7.00 -26.51
C ASP A 236 15.83 6.07 -26.93
N LYS A 237 15.52 4.99 -27.63
CA LYS A 237 16.53 3.96 -27.88
C LYS A 237 17.59 4.37 -28.93
N GLU A 238 17.26 5.36 -29.76
CA GLU A 238 18.27 6.07 -30.54
C GLU A 238 18.30 7.53 -30.13
N GLY A 239 18.22 7.74 -28.82
CA GLY A 239 18.39 9.05 -28.24
C GLY A 239 19.84 9.34 -27.88
N THR A 240 20.04 10.50 -27.25
CA THR A 240 21.34 10.90 -26.80
C THR A 240 21.39 11.24 -25.29
N VAL A 241 20.22 11.38 -24.65
CA VAL A 241 20.14 11.76 -23.25
C VAL A 241 20.25 10.49 -22.42
N THR A 242 21.10 10.55 -21.39
CA THR A 242 21.41 9.41 -20.52
C THR A 242 21.32 9.85 -19.07
N ALA A 243 21.45 8.88 -18.17
CA ALA A 243 21.62 9.17 -16.73
C ALA A 243 22.85 10.05 -16.45
N GLY A 244 23.89 9.89 -17.26
CA GLY A 244 25.11 10.65 -17.08
C GLY A 244 25.01 12.12 -17.46
N ASN A 245 24.31 12.44 -18.55
CA ASN A 245 24.25 13.81 -19.04
C ASN A 245 22.93 14.49 -18.67
N ALA A 246 22.23 13.86 -17.72
CA ALA A 246 21.13 14.49 -17.00
C ALA A 246 21.51 14.67 -15.51
N SER A 247 20.78 15.52 -14.80
CA SER A 247 20.94 15.73 -13.39
C SER A 247 20.26 14.55 -12.68
N GLY A 248 20.31 14.56 -11.36
CA GLY A 248 19.82 13.43 -10.59
C GLY A 248 18.54 13.77 -9.87
N LEU A 249 18.20 12.83 -8.98
CA LEU A 249 17.13 12.93 -8.02
C LEU A 249 17.83 13.21 -6.69
N ASN A 250 17.47 14.30 -6.02
CA ASN A 250 18.27 14.79 -4.91
C ASN A 250 17.47 15.45 -3.79
N ASP A 251 18.13 15.61 -2.64
CA ASP A 251 17.53 16.19 -1.43
C ASP A 251 18.31 17.42 -1.04
N GLY A 252 17.62 18.47 -0.64
CA GLY A 252 18.31 19.66 -0.21
C GLY A 252 17.38 20.79 0.14
N ALA A 253 17.91 21.79 0.83
CA ALA A 253 17.19 23.01 1.00
C ALA A 253 18.14 24.16 0.82
N ALA A 254 17.59 25.34 0.62
CA ALA A 254 18.40 26.52 0.38
C ALA A 254 17.53 27.74 0.51
N ALA A 255 18.09 28.83 1.01
CA ALA A 255 17.34 30.01 1.23
C ALA A 255 18.15 31.28 1.24
N ALA A 256 17.42 32.37 1.30
CA ALA A 256 17.96 33.69 1.38
C ALA A 256 17.15 34.50 2.35
N LEU A 257 17.79 35.47 3.01
CA LEU A 257 17.08 36.42 3.86
C LEU A 257 17.04 37.77 3.15
N LEU A 258 15.84 38.31 3.06
CA LEU A 258 15.59 39.54 2.31
C LEU A 258 15.09 40.62 3.19
N MET A 259 15.48 41.83 2.80
CA MET A 259 15.06 43.07 3.42
C MET A 259 15.36 44.21 2.46
N SER A 260 14.81 45.38 2.75
CA SER A 260 15.11 46.50 1.88
C SER A 260 16.58 46.89 2.02
N GLU A 261 17.10 47.56 1.00
CA GLU A 261 18.47 48.09 1.05
C GLU A 261 18.68 49.06 2.23
N ALA A 262 17.65 49.83 2.56
CA ALA A 262 17.78 50.86 3.58
C ALA A 262 17.83 50.19 4.96
N GLU A 263 17.10 49.08 5.09
CA GLU A 263 17.08 48.35 6.34
C GLU A 263 18.41 47.66 6.57
N ALA A 264 18.98 47.08 5.53
CA ALA A 264 20.34 46.51 5.64
C ALA A 264 21.37 47.55 6.07
N SER A 265 21.24 48.77 5.56
CA SER A 265 22.15 49.86 5.91
C SER A 265 21.97 50.30 7.37
N ARG A 266 20.73 50.47 7.82
CA ARG A 266 20.43 50.63 9.25
C ARG A 266 21.12 49.59 10.11
N ARG A 267 21.03 48.32 9.72
CA ARG A 267 21.60 47.24 10.52
C ARG A 267 23.11 47.06 10.32
N GLY A 268 23.70 47.75 9.35
CA GLY A 268 25.13 47.61 9.09
C GLY A 268 25.47 46.31 8.38
N ILE A 269 24.48 45.66 7.77
CA ILE A 269 24.72 44.43 7.03
C ILE A 269 25.28 44.80 5.66
N GLN A 270 26.35 44.10 5.26
CA GLN A 270 26.88 44.13 3.91
C GLN A 270 26.21 43.02 3.06
N PRO A 271 25.22 43.35 2.23
CA PRO A 271 24.46 42.32 1.55
C PRO A 271 25.20 41.57 0.49
N LEU A 272 24.70 40.39 0.21
CA LEU A 272 25.22 39.57 -0.87
C LEU A 272 24.83 40.12 -2.27
N GLY A 273 23.78 40.91 -2.32
CA GLY A 273 23.44 41.57 -3.57
C GLY A 273 22.09 42.25 -3.53
N ARG A 274 21.85 43.09 -4.53
CA ARG A 274 20.57 43.72 -4.78
C ARG A 274 19.81 42.96 -5.86
N ILE A 275 18.53 42.67 -5.63
CA ILE A 275 17.70 42.08 -6.67
C ILE A 275 17.29 43.18 -7.64
N VAL A 276 17.87 43.19 -8.83
CA VAL A 276 17.55 44.27 -9.77
C VAL A 276 16.33 43.98 -10.65
N SER A 277 16.10 42.71 -10.96
CA SER A 277 14.95 42.30 -11.73
C SER A 277 14.77 40.81 -11.61
N TRP A 278 13.57 40.36 -11.97
CA TRP A 278 13.27 38.94 -12.18
C TRP A 278 12.25 38.79 -13.35
N ALA A 279 12.02 37.58 -13.84
CA ALA A 279 11.02 37.33 -14.85
C ALA A 279 10.65 35.84 -14.88
N THR A 280 9.40 35.55 -15.24
CA THR A 280 9.04 34.16 -15.61
C THR A 280 8.21 34.21 -16.90
N VAL A 281 8.51 33.32 -17.84
CA VAL A 281 7.84 33.28 -19.13
C VAL A 281 7.61 31.83 -19.47
N GLY A 282 6.58 31.58 -20.29
CA GLY A 282 6.26 30.23 -20.70
C GLY A 282 6.79 29.90 -22.07
N VAL A 283 6.91 28.60 -22.34
CA VAL A 283 7.30 28.04 -23.62
C VAL A 283 6.50 26.73 -23.80
N ASP A 284 6.56 26.19 -25.00
CA ASP A 284 5.99 24.88 -25.29
C ASP A 284 6.44 23.88 -24.25
N PRO A 285 5.50 23.23 -23.57
CA PRO A 285 5.85 22.10 -22.69
C PRO A 285 6.83 21.08 -23.30
N LYS A 286 6.67 20.84 -24.59
CA LYS A 286 7.45 19.82 -25.27
C LYS A 286 8.93 20.12 -25.28
N VAL A 287 9.28 21.42 -25.23
CA VAL A 287 10.68 21.85 -25.17
C VAL A 287 10.93 22.76 -23.93
N MET A 288 10.44 22.32 -22.78
CA MET A 288 10.47 23.10 -21.53
C MET A 288 11.88 23.53 -21.15
N GLY A 289 12.88 22.75 -21.56
CA GLY A 289 14.28 23.04 -21.24
C GLY A 289 14.74 24.36 -21.82
N THR A 290 13.93 24.93 -22.73
CA THR A 290 14.23 26.23 -23.36
C THR A 290 13.75 27.42 -22.57
N GLY A 291 13.00 27.17 -21.50
CA GLY A 291 12.45 28.20 -20.65
C GLY A 291 13.41 29.32 -20.31
N PRO A 292 14.65 28.99 -19.95
CA PRO A 292 15.61 30.03 -19.57
C PRO A 292 15.88 31.06 -20.63
N ILE A 293 15.61 30.78 -21.90
CA ILE A 293 15.85 31.73 -22.96
C ILE A 293 14.92 32.96 -22.89
N PRO A 294 13.61 32.83 -23.08
CA PRO A 294 12.76 34.03 -22.97
C PRO A 294 12.85 34.66 -21.54
N ALA A 295 13.05 33.83 -20.52
CA ALA A 295 13.04 34.33 -19.12
C ALA A 295 14.25 35.18 -18.78
N SER A 296 15.43 34.76 -19.26
CA SER A 296 16.67 35.49 -19.03
C SER A 296 16.65 36.78 -19.79
N ARG A 297 16.16 36.72 -21.03
CA ARG A 297 16.08 37.90 -21.88
C ARG A 297 15.15 38.93 -21.27
N LYS A 298 14.00 38.50 -20.75
CA LYS A 298 13.08 39.41 -20.13
C LYS A 298 13.68 40.00 -18.83
N ALA A 299 14.36 39.17 -18.05
CA ALA A 299 14.97 39.69 -16.80
C ALA A 299 16.03 40.77 -17.11
N LEU A 300 16.82 40.53 -18.15
CA LEU A 300 17.86 41.43 -18.52
C LEU A 300 17.25 42.75 -19.04
N GLU A 301 16.20 42.69 -19.86
CA GLU A 301 15.52 43.87 -20.37
C GLU A 301 14.93 44.68 -19.20
N ARG A 302 14.32 43.99 -18.28
CA ARG A 302 13.80 44.63 -17.08
C ARG A 302 14.87 45.28 -16.20
N ALA A 303 16.10 44.76 -16.27
CA ALA A 303 17.23 45.34 -15.54
C ALA A 303 17.90 46.48 -16.31
N GLY A 304 17.64 46.57 -17.62
CA GLY A 304 18.37 47.48 -18.49
C GLY A 304 19.76 46.98 -18.80
N TRP A 305 19.93 45.67 -18.78
CA TRP A 305 21.22 45.06 -19.05
C TRP A 305 21.28 44.33 -20.39
N LYS A 306 22.41 44.47 -21.08
CA LYS A 306 22.73 43.58 -22.19
C LYS A 306 23.31 42.29 -21.64
N ILE A 307 23.23 41.25 -22.44
CA ILE A 307 23.77 39.94 -22.09
C ILE A 307 25.26 40.06 -21.71
N GLY A 308 26.00 40.83 -22.50
CA GLY A 308 27.43 41.03 -22.27
C GLY A 308 27.77 41.80 -21.00
N ASP A 309 26.78 42.37 -20.30
CA ASP A 309 27.04 43.08 -19.03
C ASP A 309 27.22 42.11 -17.87
N LEU A 310 26.75 40.88 -18.06
CA LEU A 310 26.85 39.87 -17.03
C LEU A 310 28.29 39.46 -16.79
N ASP A 311 28.63 39.36 -15.52
CA ASP A 311 29.94 38.92 -15.08
C ASP A 311 29.89 37.45 -14.70
N LEU A 312 28.72 36.94 -14.33
CA LEU A 312 28.61 35.57 -13.84
C LEU A 312 27.19 35.05 -14.02
N VAL A 313 27.05 33.75 -14.29
CA VAL A 313 25.73 33.16 -14.56
C VAL A 313 25.63 31.78 -13.93
N GLU A 314 24.46 31.51 -13.39
CA GLU A 314 24.10 30.17 -12.94
C GLU A 314 22.90 29.82 -13.79
N ALA A 315 23.12 29.02 -14.82
CA ALA A 315 22.08 28.50 -15.67
C ALA A 315 21.92 27.00 -15.34
N ASN A 316 20.77 26.62 -14.81
CA ASN A 316 20.62 25.32 -14.22
C ASN A 316 20.71 24.22 -15.26
N GLU A 317 21.42 23.15 -14.90
CA GLU A 317 21.61 22.00 -15.79
C GLU A 317 20.64 20.88 -15.49
N ALA A 318 19.41 21.00 -15.97
CA ALA A 318 18.46 19.89 -15.90
C ALA A 318 18.99 18.75 -16.72
N PHE A 319 19.38 19.08 -17.94
CA PHE A 319 19.95 18.11 -18.85
C PHE A 319 21.02 18.83 -19.66
N ALA A 320 22.10 18.14 -20.01
CA ALA A 320 23.09 18.73 -20.92
C ALA A 320 22.46 19.27 -22.23
N ALA A 321 21.60 18.49 -22.87
CA ALA A 321 20.94 18.94 -24.10
C ALA A 321 20.34 20.36 -23.92
N GLN A 322 19.54 20.57 -22.86
CA GLN A 322 18.92 21.89 -22.71
C GLN A 322 19.91 22.97 -22.25
N ALA A 323 20.83 22.63 -21.36
CA ALA A 323 21.78 23.63 -20.93
C ALA A 323 22.56 24.12 -22.17
N CYS A 324 22.92 23.20 -23.05
CA CYS A 324 23.66 23.56 -24.28
C CYS A 324 22.88 24.49 -25.19
N ALA A 325 21.58 24.26 -25.28
CA ALA A 325 20.69 25.02 -26.15
C ALA A 325 20.58 26.45 -25.65
N VAL A 326 20.35 26.56 -24.34
CA VAL A 326 20.25 27.86 -23.68
C VAL A 326 21.53 28.68 -23.92
N ASN A 327 22.70 28.13 -23.57
CA ASN A 327 23.99 28.80 -23.84
C ASN A 327 24.21 29.16 -25.30
N LYS A 328 23.74 28.33 -26.22
CA LYS A 328 23.89 28.65 -27.66
C LYS A 328 23.03 29.84 -28.07
N ASP A 329 21.79 29.85 -27.58
CA ASP A 329 20.87 30.90 -27.94
C ASP A 329 21.26 32.23 -27.31
N LEU A 330 21.59 32.20 -26.01
CA LEU A 330 21.87 33.43 -25.29
C LEU A 330 23.23 33.97 -25.74
N GLY A 331 24.16 33.06 -25.98
CA GLY A 331 25.46 33.40 -26.51
C GLY A 331 26.37 34.03 -25.50
N TRP A 332 26.05 33.94 -24.22
CA TRP A 332 26.97 34.48 -23.21
C TRP A 332 28.25 33.66 -23.16
N ASP A 333 29.33 34.24 -22.63
CA ASP A 333 30.64 33.57 -22.58
C ASP A 333 30.47 32.32 -21.70
N PRO A 334 30.60 31.13 -22.26
CA PRO A 334 30.43 29.94 -21.42
C PRO A 334 31.40 29.83 -20.25
N SER A 335 32.53 30.53 -20.28
CA SER A 335 33.49 30.51 -19.18
C SER A 335 32.99 31.26 -17.91
N ILE A 336 31.93 32.05 -18.02
CA ILE A 336 31.31 32.66 -16.84
C ILE A 336 30.04 31.96 -16.36
N VAL A 337 29.74 30.79 -16.91
CA VAL A 337 28.50 30.06 -16.58
C VAL A 337 28.82 28.82 -15.79
N ASN A 338 28.15 28.62 -14.66
CA ASN A 338 28.30 27.40 -13.87
C ASN A 338 29.79 27.14 -13.65
N VAL A 339 30.42 28.20 -13.25
CA VAL A 339 31.86 28.35 -13.02
C VAL A 339 32.40 27.29 -12.02
N ASN A 340 31.55 26.91 -11.08
CA ASN A 340 31.83 25.84 -10.13
C ASN A 340 31.09 24.54 -10.35
N GLY A 341 30.70 24.29 -11.58
CA GLY A 341 29.87 23.14 -11.87
C GLY A 341 28.39 23.45 -11.73
N GLY A 342 27.58 22.51 -12.19
CA GLY A 342 26.14 22.62 -12.13
C GLY A 342 25.48 21.34 -11.69
N ALA A 343 24.16 21.34 -11.79
CA ALA A 343 23.30 20.26 -11.30
C ALA A 343 23.55 18.86 -11.86
N ILE A 344 24.13 18.72 -13.06
CA ILE A 344 24.51 17.39 -13.53
C ILE A 344 25.44 16.76 -12.49
N ALA A 345 26.34 17.58 -11.94
CA ALA A 345 27.25 17.18 -10.88
C ALA A 345 26.63 17.26 -9.49
N ILE A 346 26.02 18.39 -9.20
CA ILE A 346 25.67 18.74 -7.84
C ILE A 346 24.33 18.15 -7.41
N GLY A 347 23.43 17.98 -8.37
CA GLY A 347 22.15 17.33 -8.16
C GLY A 347 21.01 18.33 -8.35
N HIS A 348 19.79 17.80 -8.29
CA HIS A 348 18.60 18.61 -8.62
C HIS A 348 17.44 18.34 -7.66
N PRO A 349 17.52 18.89 -6.44
CA PRO A 349 16.42 18.76 -5.48
C PRO A 349 15.39 19.81 -5.87
N ILE A 350 14.37 19.36 -6.60
CA ILE A 350 13.51 20.21 -7.45
C ILE A 350 13.13 21.55 -6.84
N GLY A 351 12.42 21.50 -5.72
CA GLY A 351 11.86 22.71 -5.10
C GLY A 351 12.92 23.66 -4.56
N ALA A 352 14.04 23.07 -4.13
CA ALA A 352 15.22 23.81 -3.67
C ALA A 352 16.13 24.35 -4.75
N SER A 353 16.09 23.74 -5.93
CA SER A 353 17.09 24.01 -6.96
C SER A 353 17.32 25.48 -7.28
N GLY A 354 16.28 26.26 -7.41
CA GLY A 354 16.45 27.66 -7.82
C GLY A 354 17.12 28.49 -6.77
N ALA A 355 16.88 28.17 -5.49
CA ALA A 355 17.57 28.85 -4.39
C ALA A 355 19.01 28.31 -4.24
N ARG A 356 19.18 27.03 -4.63
CA ARG A 356 20.47 26.38 -4.57
C ARG A 356 21.43 27.09 -5.49
N ILE A 357 21.06 27.24 -6.76
CA ILE A 357 21.92 27.96 -7.71
C ILE A 357 22.08 29.42 -7.40
N LEU A 358 21.07 30.00 -6.80
CA LEU A 358 21.19 31.39 -6.37
C LEU A 358 22.29 31.52 -5.30
N ASN A 359 22.41 30.51 -4.43
CA ASN A 359 23.40 30.48 -3.35
C ASN A 359 24.76 30.41 -3.97
N THR A 360 24.91 29.49 -4.93
CA THR A 360 26.17 29.36 -5.64
C THR A 360 26.56 30.62 -6.36
N LEU A 361 25.61 31.29 -6.99
CA LEU A 361 25.90 32.55 -7.70
C LEU A 361 26.38 33.65 -6.75
N LEU A 362 25.60 33.85 -5.69
CA LEU A 362 25.85 34.92 -4.73
C LEU A 362 27.21 34.85 -4.11
N PHE A 363 27.64 33.64 -3.82
CA PHE A 363 28.87 33.43 -3.04
C PHE A 363 30.08 33.43 -3.94
N GLU A 364 29.90 33.05 -5.20
CA GLU A 364 30.94 33.17 -6.17
C GLU A 364 31.08 34.66 -6.56
N MET A 365 29.97 35.35 -6.75
CA MET A 365 30.05 36.80 -7.09
C MET A 365 30.86 37.51 -6.04
N LYS A 366 30.57 37.22 -4.77
CA LYS A 366 31.30 37.80 -3.66
C LYS A 366 32.81 37.47 -3.68
N ARG A 367 33.11 36.18 -3.83
CA ARG A 367 34.48 35.71 -3.81
C ARG A 367 35.36 36.23 -4.98
N ARG A 368 34.82 36.39 -6.20
CA ARG A 368 35.60 36.90 -7.32
C ARG A 368 35.40 38.37 -7.61
N GLY A 369 34.48 39.00 -6.87
CA GLY A 369 34.12 40.38 -7.11
C GLY A 369 33.32 40.63 -8.39
N ALA A 370 32.46 39.69 -8.79
CA ALA A 370 31.57 39.98 -9.92
C ALA A 370 30.46 40.97 -9.52
N ARG A 371 30.23 41.95 -10.38
CA ARG A 371 29.24 42.99 -10.13
C ARG A 371 27.83 42.58 -10.54
N LYS A 372 27.68 42.00 -11.73
CA LYS A 372 26.34 41.65 -12.24
C LYS A 372 26.19 40.15 -12.51
N GLY A 373 25.12 39.57 -11.97
CA GLY A 373 24.90 38.14 -12.06
C GLY A 373 23.49 37.86 -12.49
N LEU A 374 23.28 36.67 -13.03
CA LEU A 374 21.93 36.19 -13.32
C LEU A 374 21.85 34.71 -12.94
N ALA A 375 20.73 34.31 -12.37
CA ALA A 375 20.35 32.91 -12.19
C ALA A 375 19.08 32.63 -12.98
N THR A 376 18.98 31.41 -13.51
CA THR A 376 17.86 31.01 -14.35
C THR A 376 17.71 29.48 -14.43
N LEU A 377 16.46 29.02 -14.43
CA LEU A 377 16.14 27.57 -14.57
C LEU A 377 15.00 27.31 -15.55
N CYS A 378 15.05 26.18 -16.24
CA CYS A 378 13.93 25.63 -17.00
C CYS A 378 12.92 24.98 -16.04
N ILE A 379 11.68 24.82 -16.48
CA ILE A 379 10.58 24.43 -15.59
C ILE A 379 9.67 23.53 -16.37
N GLY A 380 9.47 22.32 -15.88
CA GLY A 380 8.51 21.42 -16.49
C GLY A 380 7.12 22.02 -16.69
N GLY A 381 6.50 21.54 -17.76
CA GLY A 381 5.25 22.12 -18.22
C GLY A 381 5.49 23.38 -19.02
N GLY A 382 6.75 23.71 -19.31
CA GLY A 382 7.03 24.77 -20.24
C GLY A 382 7.11 26.15 -19.63
N MET A 383 8.03 26.37 -18.71
CA MET A 383 8.33 27.74 -18.25
C MET A 383 9.82 27.96 -18.03
N GLY A 384 10.17 29.22 -17.83
CA GLY A 384 11.48 29.62 -17.35
C GLY A 384 11.32 30.62 -16.21
N VAL A 385 12.33 30.70 -15.36
CA VAL A 385 12.46 31.80 -14.40
C VAL A 385 13.95 32.27 -14.38
N ALA A 386 14.13 33.57 -14.21
CA ALA A 386 15.41 34.26 -14.20
C ALA A 386 15.39 35.41 -13.17
N MET A 387 16.53 35.68 -12.56
CA MET A 387 16.71 36.82 -11.63
C MET A 387 18.06 37.46 -11.87
N CYS A 388 18.08 38.79 -11.96
CA CYS A 388 19.32 39.56 -12.05
C CYS A 388 19.75 40.12 -10.67
N ILE A 389 21.01 39.92 -10.35
CA ILE A 389 21.58 40.32 -9.04
C ILE A 389 22.75 41.20 -9.30
N GLU A 390 22.79 42.32 -8.60
CA GLU A 390 23.96 43.17 -8.65
C GLU A 390 24.57 43.28 -7.24
N SER A 391 25.90 43.19 -7.14
CA SER A 391 26.62 43.49 -5.88
C SER A 391 26.51 44.97 -5.45
N LEU A 392 26.48 45.22 -4.14
CA LEU A 392 26.53 46.59 -3.61
C LEU A 392 27.97 46.86 -3.24
N SER B 1 -0.19 58.04 -5.40
CA SER B 1 0.05 57.20 -6.61
C SER B 1 0.34 55.73 -6.24
N THR B 2 -0.23 55.24 -5.14
CA THR B 2 -0.08 53.83 -4.78
C THR B 2 -0.99 53.00 -5.71
N PRO B 3 -0.44 51.95 -6.35
CA PRO B 3 -1.22 51.20 -7.33
C PRO B 3 -2.59 50.79 -6.77
N SER B 4 -3.59 50.80 -7.65
CA SER B 4 -4.93 50.34 -7.34
C SER B 4 -5.24 49.15 -8.25
N ILE B 5 -5.50 48.00 -7.64
CA ILE B 5 -5.81 46.78 -8.36
C ILE B 5 -7.28 46.41 -8.08
N VAL B 6 -8.02 46.02 -9.13
CA VAL B 6 -9.40 45.64 -9.03
C VAL B 6 -9.59 44.17 -9.30
N ILE B 7 -10.73 43.70 -8.86
CA ILE B 7 -11.23 42.41 -9.24
C ILE B 7 -12.25 42.67 -10.32
N ALA B 8 -11.87 42.40 -11.56
CA ALA B 8 -12.72 42.64 -12.70
C ALA B 8 -13.90 41.65 -12.73
N SER B 9 -13.67 40.42 -12.32
CA SER B 9 -14.70 39.38 -12.43
C SER B 9 -14.34 38.27 -11.49
N ALA B 10 -15.31 37.40 -11.21
CA ALA B 10 -15.10 36.24 -10.32
C ALA B 10 -16.07 35.15 -10.65
N ALA B 11 -15.72 33.95 -10.24
CA ALA B 11 -16.55 32.79 -10.43
C ALA B 11 -16.10 31.68 -9.54
N ARG B 12 -17.04 30.77 -9.30
CA ARG B 12 -16.73 29.61 -8.46
C ARG B 12 -17.59 28.45 -8.93
N THR B 13 -17.08 27.22 -8.86
CA THR B 13 -18.01 26.12 -8.95
C THR B 13 -18.93 26.07 -7.72
N ALA B 14 -20.04 25.36 -7.88
CA ALA B 14 -20.72 24.75 -6.75
C ALA B 14 -19.70 24.00 -5.92
N VAL B 15 -19.93 23.95 -4.62
CA VAL B 15 -19.11 23.17 -3.72
C VAL B 15 -19.81 21.82 -3.65
N GLY B 16 -19.04 20.80 -3.96
CA GLY B 16 -19.43 19.44 -3.89
C GLY B 16 -19.19 18.81 -2.52
N SER B 17 -19.99 17.79 -2.22
CA SER B 17 -19.88 17.03 -1.00
C SER B 17 -18.80 15.98 -1.23
N PHE B 18 -18.28 15.48 -0.12
CA PHE B 18 -17.15 14.56 -0.08
C PHE B 18 -17.56 13.28 -0.79
N ASN B 19 -16.74 12.85 -1.74
CA ASN B 19 -17.10 11.75 -2.64
C ASN B 19 -18.53 11.85 -3.23
N GLY B 20 -18.95 13.06 -3.54
CA GLY B 20 -20.30 13.33 -4.08
C GLY B 20 -20.22 13.74 -5.55
N ALA B 21 -20.66 14.95 -5.88
CA ALA B 21 -20.83 15.32 -7.30
C ALA B 21 -19.50 15.30 -8.07
N PHE B 22 -18.44 15.64 -7.37
CA PHE B 22 -17.13 15.74 -7.96
C PHE B 22 -16.20 14.68 -7.41
N ALA B 23 -16.75 13.52 -7.03
CA ALA B 23 -15.96 12.44 -6.41
C ALA B 23 -14.72 12.06 -7.22
N ASN B 24 -14.84 12.03 -8.56
CA ASN B 24 -13.76 11.61 -9.44
C ASN B 24 -13.28 12.70 -10.40
N THR B 25 -13.43 13.95 -9.99
CA THR B 25 -13.03 15.09 -10.81
C THR B 25 -11.78 15.72 -10.23
N PRO B 26 -10.66 15.63 -10.95
CA PRO B 26 -9.42 16.27 -10.54
C PRO B 26 -9.60 17.77 -10.31
N ALA B 27 -8.94 18.32 -9.29
CA ALA B 27 -9.08 19.71 -8.98
C ALA B 27 -8.90 20.59 -10.21
N HIS B 28 -7.87 20.33 -11.01
CA HIS B 28 -7.54 21.12 -12.21
C HIS B 28 -8.68 21.30 -13.23
N GLU B 29 -9.57 20.33 -13.31
CA GLU B 29 -10.72 20.39 -14.16
C GLU B 29 -11.71 21.42 -13.64
N LEU B 30 -11.92 21.44 -12.31
CA LEU B 30 -12.74 22.47 -11.70
C LEU B 30 -12.09 23.83 -11.92
N GLY B 31 -10.77 23.90 -11.74
CA GLY B 31 -10.05 25.15 -11.94
C GLY B 31 -10.19 25.70 -13.33
N ALA B 32 -10.07 24.82 -14.32
CA ALA B 32 -10.18 25.23 -15.71
C ALA B 32 -11.53 25.91 -16.01
N THR B 33 -12.62 25.36 -15.46
CA THR B 33 -13.98 25.88 -15.70
C THR B 33 -14.04 27.28 -15.08
N VAL B 34 -13.50 27.46 -13.87
CA VAL B 34 -13.51 28.75 -13.24
C VAL B 34 -12.62 29.75 -13.94
N ILE B 35 -11.49 29.34 -14.53
CA ILE B 35 -10.65 30.28 -15.32
C ILE B 35 -11.43 30.77 -16.54
N SER B 36 -12.02 29.84 -17.25
CA SER B 36 -12.81 30.20 -18.44
C SER B 36 -13.98 31.14 -18.10
N ALA B 37 -14.57 30.92 -16.93
CA ALA B 37 -15.72 31.71 -16.49
C ALA B 37 -15.30 33.14 -16.14
N VAL B 38 -14.15 33.34 -15.48
CA VAL B 38 -13.78 34.72 -15.07
C VAL B 38 -13.34 35.51 -16.28
N LEU B 39 -12.80 34.81 -17.27
CA LEU B 39 -12.48 35.38 -18.56
C LEU B 39 -13.74 35.81 -19.30
N GLU B 40 -14.64 34.85 -19.49
CA GLU B 40 -15.92 35.14 -20.12
C GLU B 40 -16.64 36.30 -19.43
N ARG B 41 -16.70 36.27 -18.10
CA ARG B 41 -17.42 37.28 -17.34
C ARG B 41 -16.81 38.69 -17.50
N ALA B 42 -15.49 38.77 -17.65
CA ALA B 42 -14.83 40.08 -17.79
C ALA B 42 -14.71 40.55 -19.25
N GLY B 43 -15.01 39.67 -20.22
CA GLY B 43 -14.77 39.96 -21.61
C GLY B 43 -13.29 39.95 -22.00
N VAL B 44 -12.50 39.23 -21.23
CA VAL B 44 -11.06 39.15 -21.43
C VAL B 44 -10.76 37.78 -22.06
N ALA B 45 -9.91 37.77 -23.09
CA ALA B 45 -9.55 36.53 -23.77
C ALA B 45 -8.43 35.86 -22.99
N ALA B 46 -8.47 34.54 -22.96
CA ALA B 46 -7.45 33.72 -22.33
C ALA B 46 -6.04 34.10 -22.82
N GLY B 47 -5.90 34.45 -24.09
CA GLY B 47 -4.62 34.88 -24.65
C GLY B 47 -3.96 36.08 -23.97
N GLU B 48 -4.75 36.83 -23.20
CA GLU B 48 -4.34 38.05 -22.51
C GLU B 48 -3.83 37.80 -21.11
N VAL B 49 -4.05 36.58 -20.59
CA VAL B 49 -3.68 36.27 -19.23
C VAL B 49 -2.14 36.13 -19.13
N ASN B 50 -1.53 36.80 -18.16
CA ASN B 50 -0.09 36.63 -17.91
C ASN B 50 0.27 35.44 -17.03
N GLU B 51 -0.49 35.23 -15.97
CA GLU B 51 -0.21 34.17 -15.02
C GLU B 51 -1.47 33.69 -14.33
N VAL B 52 -1.51 32.41 -14.02
CA VAL B 52 -2.56 31.85 -13.21
C VAL B 52 -1.93 31.39 -11.87
N ILE B 53 -2.56 31.74 -10.75
CA ILE B 53 -2.04 31.45 -9.40
C ILE B 53 -3.14 30.74 -8.68
N LEU B 54 -2.98 29.45 -8.42
CA LEU B 54 -3.98 28.69 -7.65
C LEU B 54 -3.49 27.98 -6.34
N GLY B 55 -4.05 28.41 -5.24
CA GLY B 55 -3.99 27.74 -3.97
C GLY B 55 -4.52 26.34 -4.05
N GLN B 56 -3.79 25.41 -3.45
CA GLN B 56 -4.16 24.00 -3.49
C GLN B 56 -3.28 23.25 -2.53
N VAL B 57 -3.92 22.56 -1.60
CA VAL B 57 -3.25 21.98 -0.46
C VAL B 57 -3.00 20.50 -0.69
N LEU B 58 -3.84 19.86 -1.51
CA LEU B 58 -3.86 18.40 -1.70
C LEU B 58 -3.75 17.96 -3.19
N PRO B 59 -2.61 18.25 -3.81
CA PRO B 59 -2.40 17.96 -5.23
C PRO B 59 -1.78 16.57 -5.43
N ALA B 60 -1.47 15.84 -4.37
CA ALA B 60 -0.78 14.56 -4.56
C ALA B 60 -1.46 13.70 -5.60
N GLY B 61 -0.67 13.25 -6.55
CA GLY B 61 -1.06 12.28 -7.54
C GLY B 61 -1.65 12.90 -8.79
N GLU B 62 -1.85 14.22 -8.76
CA GLU B 62 -2.53 14.91 -9.86
C GLU B 62 -1.55 15.19 -11.02
N GLY B 63 -0.27 15.01 -10.75
CA GLY B 63 0.75 15.32 -11.74
C GLY B 63 1.27 16.72 -11.59
N GLN B 64 2.11 17.12 -12.52
CA GLN B 64 2.93 18.31 -12.41
C GLN B 64 2.06 19.56 -12.36
N ASN B 65 2.29 20.37 -11.33
CA ASN B 65 1.74 21.73 -11.23
C ASN B 65 0.34 21.76 -11.81
N PRO B 66 -0.63 21.15 -11.11
CA PRO B 66 -2.03 21.30 -11.48
C PRO B 66 -2.48 22.75 -11.83
N ALA B 67 -1.88 23.81 -11.30
CA ALA B 67 -2.30 25.15 -11.72
C ALA B 67 -2.08 25.34 -13.22
N ARG B 68 -0.93 24.89 -13.73
CA ARG B 68 -0.63 24.91 -15.15
C ARG B 68 -1.55 24.00 -15.94
N GLN B 69 -1.87 22.84 -15.38
CA GLN B 69 -2.83 21.96 -16.04
C GLN B 69 -4.16 22.68 -16.19
N ALA B 70 -4.59 23.37 -15.15
CA ALA B 70 -5.87 24.07 -15.22
C ALA B 70 -5.83 25.16 -16.29
N ALA B 71 -4.76 25.94 -16.31
CA ALA B 71 -4.69 27.10 -17.20
C ALA B 71 -4.56 26.67 -18.66
N MET B 72 -3.80 25.59 -18.94
CA MET B 72 -3.69 25.08 -20.30
C MET B 72 -5.06 24.58 -20.77
N LYS B 73 -5.81 23.91 -19.90
CA LYS B 73 -7.10 23.38 -20.31
C LYS B 73 -8.05 24.51 -20.68
N ALA B 74 -7.89 25.65 -20.02
CA ALA B 74 -8.73 26.78 -20.27
C ALA B 74 -8.25 27.61 -21.43
N GLY B 75 -7.21 27.16 -22.11
CA GLY B 75 -6.69 27.84 -23.28
C GLY B 75 -5.80 29.04 -22.98
N VAL B 76 -5.33 29.14 -21.76
CA VAL B 76 -4.36 30.17 -21.44
C VAL B 76 -3.10 29.71 -22.17
N PRO B 77 -2.44 30.62 -22.91
CA PRO B 77 -1.34 30.24 -23.80
C PRO B 77 -0.12 29.69 -23.06
N GLN B 78 0.66 28.90 -23.79
CA GLN B 78 1.87 28.34 -23.22
C GLN B 78 2.88 29.43 -22.81
N GLU B 79 2.77 30.60 -23.41
CA GLU B 79 3.65 31.73 -23.06
C GLU B 79 3.32 32.34 -21.69
N ALA B 80 2.13 32.12 -21.19
CA ALA B 80 1.82 32.50 -19.82
C ALA B 80 2.51 31.55 -18.82
N THR B 81 2.42 31.87 -17.52
CA THR B 81 2.87 31.00 -16.47
C THR B 81 1.75 30.62 -15.48
N ALA B 82 2.04 29.64 -14.66
CA ALA B 82 1.10 29.20 -13.66
C ALA B 82 1.88 28.54 -12.55
N TRP B 83 1.43 28.78 -11.32
CA TRP B 83 1.94 28.08 -10.17
C TRP B 83 0.87 27.88 -9.12
N GLY B 84 1.09 26.90 -8.23
CA GLY B 84 0.22 26.75 -7.10
C GLY B 84 0.89 27.19 -5.83
N MET B 85 0.09 27.42 -4.79
CA MET B 85 0.65 27.75 -3.50
C MET B 85 -0.21 27.17 -2.36
N ASN B 86 0.31 27.25 -1.14
CA ASN B 86 -0.27 26.54 -0.02
C ASN B 86 -0.01 27.29 1.26
N GLN B 87 -1.03 28.00 1.70
CA GLN B 87 -1.11 28.50 3.05
C GLN B 87 -2.37 27.94 3.64
N LEU B 88 -2.58 26.63 3.43
CA LEU B 88 -3.74 25.87 3.92
C LEU B 88 -5.12 26.56 3.66
N GLY B 90 -6.13 29.39 4.15
CA GLY B 90 -5.96 30.74 3.63
C GLY B 90 -5.65 30.88 2.14
N SER B 91 -5.34 29.76 1.49
CA SER B 91 -4.66 29.69 0.18
C SER B 91 -5.36 30.42 -0.97
N GLY B 92 -6.67 30.17 -1.09
CA GLY B 92 -7.47 30.71 -2.19
C GLY B 92 -7.58 32.24 -2.09
N LEU B 93 -7.50 32.77 -0.89
CA LEU B 93 -7.52 34.23 -0.68
C LEU B 93 -6.12 34.82 -0.81
N ARG B 94 -5.13 34.13 -0.22
CA ARG B 94 -3.74 34.55 -0.34
C ARG B 94 -3.33 34.63 -1.80
N ALA B 95 -3.80 33.70 -2.60
CA ALA B 95 -3.54 33.70 -4.05
C ALA B 95 -3.89 35.03 -4.69
N VAL B 96 -5.06 35.57 -4.34
CA VAL B 96 -5.54 36.84 -4.86
C VAL B 96 -4.63 37.95 -4.43
N ALA B 97 -4.18 37.94 -3.16
CA ALA B 97 -3.28 38.97 -2.68
C ALA B 97 -2.00 38.90 -3.43
N LEU B 98 -1.50 37.70 -3.62
CA LEU B 98 -0.29 37.52 -4.40
C LEU B 98 -0.46 37.97 -5.86
N GLY B 99 -1.62 37.68 -6.49
CA GLY B 99 -1.86 38.09 -7.87
C GLY B 99 -1.88 39.61 -7.95
N MET B 100 -2.44 40.24 -6.92
CA MET B 100 -2.55 41.69 -6.86
C MET B 100 -1.12 42.28 -6.82
N GLN B 101 -0.24 41.58 -6.10
CA GLN B 101 1.15 41.99 -5.96
C GLN B 101 1.91 41.88 -7.28
N GLN B 102 1.61 40.90 -8.13
CA GLN B 102 2.25 40.82 -9.45
C GLN B 102 2.01 42.08 -10.29
N ILE B 103 0.77 42.56 -10.30
CA ILE B 103 0.37 43.78 -10.96
C ILE B 103 0.93 45.05 -10.28
N ALA B 104 0.92 45.09 -8.96
CA ALA B 104 1.44 46.23 -8.19
C ALA B 104 2.92 46.54 -8.44
N THR B 105 3.74 45.51 -8.56
CA THR B 105 5.17 45.69 -8.83
C THR B 105 5.46 45.73 -10.31
N GLY B 106 4.42 45.70 -11.14
CA GLY B 106 4.59 45.85 -12.59
C GLY B 106 5.11 44.64 -13.32
N ASP B 107 5.02 43.46 -12.72
CA ASP B 107 5.46 42.22 -13.33
C ASP B 107 4.44 41.46 -14.15
N ALA B 108 3.19 41.91 -14.05
CA ALA B 108 2.06 41.37 -14.79
C ALA B 108 0.97 42.45 -14.89
N SER B 109 0.09 42.30 -15.88
CA SER B 109 -1.09 43.15 -16.09
C SER B 109 -2.38 42.40 -15.77
N ILE B 110 -2.39 41.11 -16.05
CA ILE B 110 -3.62 40.30 -15.97
C ILE B 110 -3.34 38.96 -15.32
N ILE B 111 -4.00 38.74 -14.20
CA ILE B 111 -3.81 37.56 -13.36
C ILE B 111 -5.17 36.89 -13.11
N VAL B 112 -5.20 35.57 -13.21
CA VAL B 112 -6.30 34.81 -12.64
C VAL B 112 -5.75 34.13 -11.38
N ALA B 113 -6.36 34.42 -10.24
CA ALA B 113 -5.91 33.95 -8.94
C ALA B 113 -7.11 33.36 -8.19
N GLY B 114 -6.91 32.23 -7.53
CA GLY B 114 -7.84 31.72 -6.54
C GLY B 114 -7.31 30.40 -6.01
N GLY B 115 -8.18 29.41 -5.92
CA GLY B 115 -7.77 28.10 -5.54
C GLY B 115 -8.71 27.04 -5.97
N MET B 116 -8.33 25.81 -5.66
CA MET B 116 -9.06 24.66 -6.11
C MET B 116 -8.66 23.48 -5.25
N GLU B 117 -9.58 22.57 -5.06
CA GLU B 117 -9.30 21.44 -4.22
C GLU B 117 -10.23 20.35 -4.50
N SER B 118 -9.70 19.15 -4.58
CA SER B 118 -10.50 17.93 -4.56
C SER B 118 -10.04 17.09 -3.41
N MET B 119 -10.76 17.21 -2.30
CA MET B 119 -10.47 16.40 -1.16
C MET B 119 -10.85 14.95 -1.43
N SER B 120 -11.91 14.71 -2.22
CA SER B 120 -12.33 13.36 -2.64
C SER B 120 -11.21 12.66 -3.36
N MET B 121 -10.54 13.34 -4.28
CA MET B 121 -9.46 12.73 -5.07
C MET B 121 -8.12 12.56 -4.34
N ALA B 122 -8.01 13.10 -3.12
CA ALA B 122 -6.78 13.01 -2.37
C ALA B 122 -6.44 11.53 -2.07
N PRO B 123 -5.20 11.11 -2.35
CA PRO B 123 -4.85 9.71 -2.13
C PRO B 123 -4.36 9.39 -0.73
N HIS B 124 -4.24 8.09 -0.53
CA HIS B 124 -3.49 7.47 0.55
C HIS B 124 -2.04 7.19 0.08
N CYS B 125 -1.09 7.26 1.01
CA CYS B 125 0.33 7.24 0.68
C CYS B 125 1.23 6.60 1.73
N ALA B 126 2.43 6.22 1.31
CA ALA B 126 3.45 5.68 2.19
C ALA B 126 4.82 5.90 1.56
N HIS B 127 5.77 6.40 2.34
CA HIS B 127 7.19 6.40 1.98
C HIS B 127 7.67 4.97 1.97
N LEU B 128 7.87 4.43 0.77
CA LEU B 128 8.25 3.03 0.60
C LEU B 128 9.62 2.80 -0.04
N ARG B 129 10.39 3.85 -0.35
CA ARG B 129 11.72 3.66 -1.00
C ARG B 129 12.71 2.82 -0.23
N GLY B 130 12.76 3.02 1.09
CA GLY B 130 13.70 2.35 1.96
C GLY B 130 13.26 0.93 2.27
N GLY B 131 12.01 0.62 2.00
CA GLY B 131 11.45 -0.67 2.33
C GLY B 131 10.89 -0.67 3.74
N VAL B 132 10.11 -1.69 4.02
CA VAL B 132 9.63 -1.99 5.36
C VAL B 132 10.10 -3.41 5.60
N LYS B 133 11.19 -3.56 6.35
CA LYS B 133 11.87 -4.86 6.46
C LYS B 133 11.01 -5.87 7.19
N MET B 134 10.36 -5.44 8.26
CA MET B 134 9.29 -6.19 8.90
C MET B 134 8.35 -5.26 9.67
N GLY B 135 7.15 -5.76 9.95
CA GLY B 135 6.13 -5.00 10.66
C GLY B 135 5.12 -4.28 9.80
N ASP B 136 3.97 -4.02 10.40
CA ASP B 136 2.94 -3.24 9.74
C ASP B 136 3.44 -1.84 9.52
N PHE B 137 2.85 -1.18 8.55
CA PHE B 137 3.04 0.27 8.35
C PHE B 137 1.70 0.88 7.95
N LYS B 138 1.59 2.20 8.06
CA LYS B 138 0.37 2.88 7.74
C LYS B 138 0.38 3.42 6.29
N MET B 139 -0.74 3.20 5.60
CA MET B 139 -1.12 3.96 4.42
C MET B 139 -1.87 5.19 4.93
N ILE B 140 -1.30 6.35 4.66
CA ILE B 140 -1.70 7.59 5.26
C ILE B 140 -2.67 8.35 4.35
N ASP B 141 -3.79 8.79 4.90
CA ASP B 141 -4.73 9.59 4.15
C ASP B 141 -4.16 11.00 4.04
N THR B 142 -3.72 11.41 2.84
CA THR B 142 -3.09 12.72 2.69
C THR B 142 -4.03 13.85 3.00
N MET B 143 -5.32 13.63 2.82
CA MET B 143 -6.31 14.66 3.11
C MET B 143 -6.24 15.00 4.60
N ILE B 144 -6.27 13.95 5.43
CA ILE B 144 -6.17 14.13 6.88
C ILE B 144 -4.80 14.63 7.32
N LYS B 145 -3.72 14.00 6.84
CA LYS B 145 -2.35 14.31 7.29
C LYS B 145 -1.89 15.68 6.85
N ASP B 146 -2.04 16.00 5.57
CA ASP B 146 -1.48 17.25 5.03
C ASP B 146 -2.49 18.38 5.06
N GLY B 147 -3.75 18.03 5.24
CA GLY B 147 -4.83 19.01 5.20
C GLY B 147 -5.33 19.43 6.58
N LEU B 148 -5.49 18.45 7.49
CA LEU B 148 -6.40 18.61 8.63
C LEU B 148 -5.79 18.29 9.99
N THR B 149 -4.54 17.85 10.00
CA THR B 149 -3.88 17.47 11.23
C THR B 149 -2.82 18.51 11.57
N ASP B 150 -2.81 18.95 12.83
CA ASP B 150 -1.78 19.89 13.26
C ASP B 150 -0.45 19.16 13.36
N ALA B 151 0.57 19.75 12.75
CA ALA B 151 1.88 19.10 12.61
C ALA B 151 2.73 19.17 13.86
N PHE B 152 2.35 20.06 14.76
CA PHE B 152 3.09 20.27 16.00
C PHE B 152 2.53 19.40 17.11
N TYR B 153 1.22 19.52 17.35
CA TYR B 153 0.56 18.81 18.45
C TYR B 153 -0.02 17.45 18.03
N GLY B 154 -0.08 17.22 16.72
CA GLY B 154 -0.50 15.93 16.19
C GLY B 154 -1.99 15.64 16.14
N TYR B 155 -2.84 16.59 16.54
CA TYR B 155 -4.29 16.33 16.62
C TYR B 155 -5.05 17.04 15.49
N HIS B 156 -6.31 16.64 15.24
CA HIS B 156 -7.11 17.25 14.17
C HIS B 156 -7.46 18.72 14.46
N MET B 157 -7.84 19.44 13.42
CA MET B 157 -8.28 20.84 13.56
C MET B 157 -9.47 20.96 14.51
N GLY B 158 -10.21 19.87 14.70
CA GLY B 158 -11.35 19.86 15.61
C GLY B 158 -10.97 20.08 17.07
N THR B 159 -9.81 19.58 17.45
CA THR B 159 -9.27 19.75 18.79
C THR B 159 -8.87 21.22 18.98
N THR B 160 -8.34 21.88 17.94
CA THR B 160 -8.06 23.32 18.05
C THR B 160 -9.36 24.07 18.25
N ALA B 161 -10.44 23.54 17.65
CA ALA B 161 -11.75 24.13 17.84
C ALA B 161 -12.22 23.95 19.27
N GLU B 162 -11.97 22.78 19.86
CA GLU B 162 -12.24 22.54 21.28
C GLU B 162 -11.48 23.50 22.19
N ASN B 163 -10.19 23.63 21.95
CA ASN B 163 -9.37 24.60 22.69
C ASN B 163 -10.00 26.01 22.66
N VAL B 164 -10.54 26.40 21.51
CA VAL B 164 -11.15 27.75 21.36
C VAL B 164 -12.48 27.81 22.11
N ALA B 165 -13.23 26.71 22.06
CA ALA B 165 -14.51 26.62 22.75
C ALA B 165 -14.36 26.77 24.26
N LYS B 166 -13.32 26.13 24.81
CA LYS B 166 -13.05 26.18 26.24
C LYS B 166 -12.62 27.58 26.68
N GLN B 167 -11.61 28.11 26.01
CA GLN B 167 -11.03 29.42 26.28
C GLN B 167 -12.04 30.59 26.13
N TRP B 168 -13.01 30.45 25.24
CA TRP B 168 -14.07 31.45 25.08
C TRP B 168 -15.39 31.04 25.77
N GLN B 169 -15.37 29.87 26.42
CA GLN B 169 -16.52 29.31 27.17
C GLN B 169 -17.83 29.31 26.34
N LEU B 170 -17.70 28.75 25.14
CA LEU B 170 -18.81 28.65 24.17
C LEU B 170 -19.52 27.33 24.39
N SER B 171 -20.81 27.43 24.71
CA SER B 171 -21.63 26.28 24.98
C SER B 171 -21.92 25.51 23.69
N ARG B 172 -22.16 24.22 23.86
CA ARG B 172 -22.77 23.39 22.83
C ARG B 172 -24.03 24.03 22.24
N ASP B 173 -24.93 24.57 23.07
CA ASP B 173 -26.10 25.26 22.57
C ASP B 173 -25.75 26.39 21.62
N GLU B 174 -24.77 27.21 21.99
CA GLU B 174 -24.47 28.39 21.18
C GLU B 174 -23.89 27.98 19.84
N GLN B 175 -23.05 26.97 19.87
CA GLN B 175 -22.38 26.49 18.68
C GLN B 175 -23.38 25.88 17.68
N ASP B 176 -24.28 25.06 18.20
CA ASP B 176 -25.33 24.44 17.45
C ASP B 176 -26.31 25.44 16.86
N ALA B 177 -26.68 26.45 17.64
CA ALA B 177 -27.59 27.47 17.11
C ALA B 177 -26.91 28.17 15.93
N PHE B 178 -25.65 28.47 16.08
CA PHE B 178 -24.83 29.00 15.01
C PHE B 178 -24.83 28.09 13.77
N ALA B 179 -24.65 26.80 13.97
CA ALA B 179 -24.61 25.83 12.86
C ALA B 179 -25.94 25.78 12.14
N VAL B 180 -27.03 25.71 12.91
CA VAL B 180 -28.37 25.70 12.33
C VAL B 180 -28.61 27.03 11.59
N ALA B 181 -28.23 28.15 12.19
CA ALA B 181 -28.40 29.44 11.50
C ALA B 181 -27.68 29.47 10.17
N SER B 182 -26.47 28.88 10.09
CA SER B 182 -25.73 28.83 8.85
C SER B 182 -26.41 28.01 7.80
N GLN B 183 -26.89 26.82 8.17
CA GLN B 183 -27.67 25.97 7.28
C GLN B 183 -28.92 26.70 6.77
N ASN B 184 -29.64 27.35 7.66
CA ASN B 184 -30.89 27.96 7.28
C ASN B 184 -30.67 29.22 6.39
N LYS B 185 -29.60 30.00 6.64
CA LYS B 185 -29.32 31.20 5.86
C LYS B 185 -28.87 30.79 4.46
N ALA B 186 -28.06 29.74 4.39
CA ALA B 186 -27.59 29.20 3.10
C ALA B 186 -28.73 28.57 2.29
N GLU B 187 -29.64 27.88 2.95
CA GLU B 187 -30.77 27.29 2.22
C GLU B 187 -31.67 28.38 1.60
N ALA B 188 -31.97 29.40 2.39
CA ALA B 188 -32.69 30.61 1.96
C ALA B 188 -32.02 31.30 0.76
N ALA B 189 -30.73 31.57 0.88
CA ALA B 189 -29.96 32.16 -0.20
C ALA B 189 -30.00 31.31 -1.46
N GLN B 190 -29.82 30.00 -1.30
CA GLN B 190 -29.91 29.07 -2.41
C GLN B 190 -31.26 29.11 -3.16
N LYS B 191 -32.33 28.88 -2.40
CA LYS B 191 -33.69 28.93 -2.93
C LYS B 191 -34.02 30.30 -3.57
N ASP B 192 -33.56 31.39 -2.98
CA ASP B 192 -33.79 32.74 -3.62
C ASP B 192 -32.92 33.03 -4.87
N GLY B 193 -31.93 32.18 -5.17
CA GLY B 193 -31.10 32.33 -6.35
C GLY B 193 -29.85 33.15 -6.11
N ARG B 194 -29.50 33.40 -4.85
CA ARG B 194 -28.40 34.29 -4.52
C ARG B 194 -26.98 33.75 -4.83
N PHE B 195 -26.84 32.43 -4.98
CA PHE B 195 -25.56 31.85 -5.44
C PHE B 195 -25.44 31.73 -6.97
N LYS B 196 -26.54 31.95 -7.70
CA LYS B 196 -26.49 31.82 -9.18
C LYS B 196 -25.42 32.63 -9.87
N ASP B 197 -25.31 33.90 -9.50
CA ASP B 197 -24.37 34.80 -10.19
C ASP B 197 -22.95 34.28 -10.04
N GLU B 198 -22.60 33.81 -8.84
CA GLU B 198 -21.21 33.47 -8.51
C GLU B 198 -20.86 32.09 -9.03
N ILE B 199 -21.85 31.20 -8.98
CA ILE B 199 -21.65 29.85 -9.47
C ILE B 199 -21.62 29.79 -11.02
N VAL B 200 -20.57 29.17 -11.56
CA VAL B 200 -20.54 28.75 -12.94
C VAL B 200 -20.80 27.24 -12.90
N PRO B 201 -21.71 26.77 -13.75
CA PRO B 201 -21.98 25.34 -13.81
C PRO B 201 -20.77 24.51 -14.28
N PHE B 202 -20.69 23.31 -13.72
CA PHE B 202 -19.63 22.39 -14.05
C PHE B 202 -20.25 21.11 -14.55
N ILE B 203 -19.76 20.67 -15.71
CA ILE B 203 -20.22 19.45 -16.39
C ILE B 203 -19.33 18.29 -16.02
N VAL B 204 -19.90 17.34 -15.31
CA VAL B 204 -19.20 16.13 -14.95
C VAL B 204 -19.43 15.17 -16.08
N LYS B 205 -18.39 14.88 -16.85
CA LYS B 205 -18.50 13.99 -17.99
C LYS B 205 -18.40 12.56 -17.50
N GLY B 206 -19.37 11.74 -17.91
CA GLY B 206 -19.37 10.33 -17.61
C GLY B 206 -19.36 9.51 -18.89
N ARG B 207 -19.94 8.33 -18.79
CA ARG B 207 -20.05 7.38 -19.91
C ARG B 207 -21.54 7.23 -20.19
N LYS B 208 -22.29 6.90 -19.13
CA LYS B 208 -23.74 6.85 -19.20
C LYS B 208 -24.40 8.24 -19.23
N GLY B 209 -23.62 9.31 -19.20
CA GLY B 209 -24.17 10.64 -19.42
C GLY B 209 -23.45 11.77 -18.70
N ASP B 210 -23.59 12.98 -19.22
CA ASP B 210 -23.01 14.16 -18.60
C ASP B 210 -24.02 14.74 -17.62
N ILE B 211 -23.53 15.24 -16.50
CA ILE B 211 -24.36 15.83 -15.45
C ILE B 211 -23.85 17.23 -15.19
N THR B 212 -24.75 18.19 -15.23
CA THR B 212 -24.41 19.58 -14.97
C THR B 212 -24.68 19.86 -13.51
N VAL B 213 -23.64 20.29 -12.80
CA VAL B 213 -23.70 20.59 -11.37
C VAL B 213 -23.59 22.10 -11.23
N ASP B 214 -24.65 22.69 -10.70
CA ASP B 214 -24.65 24.11 -10.40
C ASP B 214 -25.34 24.49 -9.09
N ALA B 215 -25.60 23.51 -8.24
CA ALA B 215 -26.09 23.77 -6.90
C ALA B 215 -25.08 23.30 -5.87
N ASP B 216 -24.89 24.10 -4.82
CA ASP B 216 -24.07 23.70 -3.68
C ASP B 216 -24.70 22.53 -2.98
N GLU B 217 -24.12 21.34 -3.09
CA GLU B 217 -24.85 20.18 -2.63
C GLU B 217 -24.68 19.81 -1.18
N TYR B 218 -23.77 20.45 -0.47
CA TYR B 218 -23.54 20.14 0.95
C TYR B 218 -24.58 20.79 1.86
N ILE B 219 -25.25 21.83 1.36
CA ILE B 219 -26.28 22.55 2.15
C ILE B 219 -27.45 21.63 2.54
N ARG B 220 -27.68 21.48 3.85
CA ARG B 220 -28.78 20.68 4.38
C ARG B 220 -30.08 21.49 4.35
N HIS B 221 -31.14 20.92 3.78
CA HIS B 221 -32.46 21.57 3.74
C HIS B 221 -33.28 21.18 4.95
N GLY B 222 -33.94 22.14 5.55
CA GLY B 222 -34.76 21.88 6.71
C GLY B 222 -33.99 21.38 7.92
N ALA B 223 -32.79 21.88 8.10
CA ALA B 223 -31.91 21.47 9.18
C ALA B 223 -32.53 21.87 10.51
N THR B 224 -32.60 20.94 11.45
CA THR B 224 -33.27 21.19 12.73
C THR B 224 -32.22 21.35 13.80
N LEU B 225 -32.60 22.06 14.87
CA LEU B 225 -31.75 22.17 16.06
C LEU B 225 -31.58 20.79 16.68
N ASP B 226 -32.64 20.00 16.70
CA ASP B 226 -32.56 18.65 17.22
C ASP B 226 -31.51 17.77 16.54
N SER B 227 -31.41 17.83 15.22
CA SER B 227 -30.47 17.01 14.48
C SER B 227 -29.01 17.36 14.83
N MET B 228 -28.77 18.63 15.17
CA MET B 228 -27.48 19.06 15.70
C MET B 228 -27.24 18.62 17.12
N ALA B 229 -28.29 18.73 17.92
CA ALA B 229 -28.23 18.50 19.35
C ALA B 229 -28.06 17.02 19.69
N LYS B 230 -28.42 16.12 18.77
CA LYS B 230 -28.34 14.66 19.05
C LYS B 230 -27.00 14.05 18.69
N LEU B 231 -26.11 14.83 18.07
CA LEU B 231 -24.83 14.31 17.63
C LEU B 231 -23.92 14.21 18.84
N ARG B 232 -23.03 13.22 18.80
CA ARG B 232 -22.02 13.09 19.83
C ARG B 232 -20.86 13.99 19.44
N PRO B 233 -20.13 14.48 20.43
CA PRO B 233 -18.89 15.22 20.17
C PRO B 233 -17.88 14.39 19.38
N ALA B 234 -17.25 15.01 18.40
CA ALA B 234 -16.40 14.29 17.45
C ALA B 234 -14.91 14.27 17.81
N PHE B 235 -14.48 15.07 18.78
CA PHE B 235 -13.02 15.24 19.07
C PHE B 235 -12.62 15.06 20.54
N ASP B 236 -13.57 15.27 21.44
CA ASP B 236 -13.39 15.08 22.87
C ASP B 236 -14.73 14.64 23.45
N LYS B 237 -14.75 13.50 24.17
CA LYS B 237 -15.98 12.90 24.65
C LYS B 237 -16.77 13.81 25.63
N GLU B 238 -16.09 14.77 26.25
CA GLU B 238 -16.75 15.81 27.06
C GLU B 238 -16.70 17.18 26.37
N GLY B 239 -16.64 17.19 25.04
CA GLY B 239 -16.46 18.41 24.28
C GLY B 239 -17.78 18.95 23.78
N THR B 240 -17.70 19.96 22.93
CA THR B 240 -18.88 20.58 22.34
C THR B 240 -18.91 20.52 20.80
N VAL B 241 -17.74 20.28 20.18
CA VAL B 241 -17.56 20.36 18.72
C VAL B 241 -17.97 19.04 18.08
N THR B 242 -18.72 19.14 17.00
CA THR B 242 -19.34 17.98 16.34
C THR B 242 -19.28 18.14 14.82
N ALA B 243 -19.65 17.07 14.14
CA ALA B 243 -19.72 17.06 12.69
C ALA B 243 -20.72 18.08 12.22
N GLY B 244 -21.75 18.32 13.05
CA GLY B 244 -22.86 19.21 12.73
C GLY B 244 -22.48 20.69 12.87
N ASN B 245 -21.63 21.03 13.86
CA ASN B 245 -21.19 22.40 14.04
C ASN B 245 -19.79 22.67 13.52
N ALA B 246 -19.21 21.67 12.84
CA ALA B 246 -18.00 21.89 12.02
C ALA B 246 -18.39 21.87 10.54
N SER B 247 -17.52 22.45 9.72
CA SER B 247 -17.65 22.36 8.28
C SER B 247 -17.31 20.94 7.83
N GLY B 248 -17.34 20.73 6.52
CA GLY B 248 -17.06 19.43 6.01
C GLY B 248 -15.80 19.32 5.16
N LEU B 249 -15.75 18.16 4.53
CA LEU B 249 -14.78 17.78 3.55
C LEU B 249 -15.44 17.98 2.17
N ASN B 250 -14.81 18.76 1.32
CA ASN B 250 -15.47 19.22 0.10
C ASN B 250 -14.57 19.46 -1.09
N ASP B 251 -15.22 19.55 -2.24
CA ASP B 251 -14.53 19.79 -3.52
C ASP B 251 -15.07 21.08 -4.16
N GLY B 252 -14.17 21.79 -4.81
CA GLY B 252 -14.53 23.02 -5.48
C GLY B 252 -13.36 23.81 -6.02
N ALA B 253 -13.68 24.81 -6.85
CA ALA B 253 -12.71 25.82 -7.23
C ALA B 253 -13.34 27.16 -7.25
N ALA B 254 -12.52 28.17 -7.22
CA ALA B 254 -13.03 29.53 -7.31
C ALA B 254 -11.93 30.46 -7.64
N ALA B 255 -12.26 31.56 -8.30
CA ALA B 255 -11.23 32.48 -8.75
C ALA B 255 -11.70 33.88 -8.98
N ALA B 256 -10.73 34.77 -9.21
CA ALA B 256 -10.90 36.16 -9.54
C ALA B 256 -9.95 36.51 -10.65
N LEU B 257 -10.33 37.45 -11.50
CA LEU B 257 -9.47 37.98 -12.55
C LEU B 257 -9.10 39.39 -12.12
N LEU B 258 -7.80 39.67 -12.07
CA LEU B 258 -7.27 40.90 -11.54
C LEU B 258 -6.59 41.68 -12.62
N MET B 259 -6.72 42.99 -12.51
CA MET B 259 -6.03 43.91 -13.34
C MET B 259 -5.99 45.22 -12.59
N SER B 260 -5.22 46.17 -13.08
CA SER B 260 -5.23 47.50 -12.50
C SER B 260 -6.53 48.23 -12.74
N GLU B 261 -6.83 49.18 -11.86
CA GLU B 261 -8.05 49.93 -12.00
C GLU B 261 -8.06 50.67 -13.35
N ALA B 262 -6.92 51.20 -13.77
CA ALA B 262 -6.84 51.95 -15.03
C ALA B 262 -7.06 51.05 -16.26
N GLU B 263 -6.55 49.83 -16.19
CA GLU B 263 -6.74 48.89 -17.28
C GLU B 263 -8.21 48.49 -17.43
N ALA B 264 -8.89 48.25 -16.31
CA ALA B 264 -10.33 48.00 -16.29
C ALA B 264 -11.11 49.14 -16.91
N SER B 265 -10.74 50.34 -16.57
CA SER B 265 -11.32 51.52 -17.12
C SER B 265 -11.13 51.61 -18.65
N ARG B 266 -9.92 51.31 -19.12
CA ARG B 266 -9.61 51.25 -20.55
C ARG B 266 -10.48 50.24 -21.25
N ARG B 267 -10.70 49.10 -20.61
CA ARG B 267 -11.54 48.05 -21.18
C ARG B 267 -13.06 48.30 -21.05
N GLY B 268 -13.46 49.31 -20.27
CA GLY B 268 -14.86 49.56 -19.99
C GLY B 268 -15.48 48.50 -19.07
N ILE B 269 -14.66 47.86 -18.25
CA ILE B 269 -15.16 46.88 -17.31
C ILE B 269 -15.66 47.54 -16.01
N GLN B 270 -16.81 47.07 -15.52
CA GLN B 270 -17.29 47.45 -14.20
C GLN B 270 -16.84 46.40 -13.20
N PRO B 271 -15.75 46.70 -12.49
CA PRO B 271 -15.21 45.70 -11.58
C PRO B 271 -16.12 45.45 -10.38
N LEU B 272 -15.97 44.23 -9.87
CA LEU B 272 -16.62 43.79 -8.62
C LEU B 272 -16.07 44.48 -7.35
N GLY B 273 -14.90 45.06 -7.42
CA GLY B 273 -14.36 45.89 -6.36
C GLY B 273 -12.85 46.15 -6.46
N ARG B 274 -12.37 47.02 -5.61
CA ARG B 274 -10.94 47.38 -5.54
C ARG B 274 -10.39 46.71 -4.29
N ILE B 275 -9.20 46.15 -4.41
CA ILE B 275 -8.54 45.53 -3.27
C ILE B 275 -7.85 46.67 -2.56
N VAL B 276 -8.42 47.10 -1.45
CA VAL B 276 -7.82 48.20 -0.69
C VAL B 276 -6.68 47.75 0.24
N SER B 277 -6.73 46.52 0.76
CA SER B 277 -5.70 46.02 1.67
C SER B 277 -5.90 44.54 1.88
N TRP B 278 -4.86 43.94 2.41
CA TRP B 278 -4.91 42.55 2.86
C TRP B 278 -3.92 42.43 4.01
N ALA B 279 -3.97 41.33 4.73
CA ALA B 279 -2.99 41.01 5.75
C ALA B 279 -3.03 39.53 6.12
N THR B 280 -1.90 39.04 6.58
CA THR B 280 -1.81 37.71 7.16
C THR B 280 -0.94 37.81 8.42
N VAL B 281 -1.41 37.18 9.48
CA VAL B 281 -0.79 37.21 10.78
C VAL B 281 -0.87 35.81 11.37
N GLY B 282 0.14 35.45 12.17
CA GLY B 282 0.13 34.17 12.87
C GLY B 282 -0.42 34.24 14.28
N VAL B 283 -0.85 33.09 14.78
CA VAL B 283 -1.28 32.92 16.17
C VAL B 283 -0.83 31.51 16.62
N ASP B 284 -1.12 31.18 17.87
CA ASP B 284 -0.80 29.87 18.42
C ASP B 284 -1.49 28.79 17.62
N PRO B 285 -0.74 27.82 17.11
CA PRO B 285 -1.38 26.66 16.45
C PRO B 285 -2.53 26.04 17.27
N LYS B 286 -2.38 25.99 18.60
CA LYS B 286 -3.39 25.38 19.49
C LYS B 286 -4.78 26.00 19.39
N VAL B 287 -4.83 27.29 19.04
CA VAL B 287 -6.09 28.03 18.87
C VAL B 287 -6.12 28.74 17.50
N MET B 288 -5.78 27.99 16.46
CA MET B 288 -5.61 28.48 15.08
C MET B 288 -6.86 29.19 14.55
N GLY B 289 -8.02 28.78 15.10
CA GLY B 289 -9.31 29.32 14.75
C GLY B 289 -9.39 30.81 14.99
N THR B 290 -8.46 31.35 15.78
CA THR B 290 -8.48 32.77 16.16
C THR B 290 -7.79 33.66 15.18
N GLY B 291 -7.13 33.05 14.19
CA GLY B 291 -6.39 33.73 13.16
C GLY B 291 -7.05 34.97 12.60
N PRO B 292 -8.35 34.88 12.29
CA PRO B 292 -9.06 36.02 11.71
C PRO B 292 -9.04 37.27 12.56
N ILE B 293 -8.84 37.16 13.89
CA ILE B 293 -8.82 38.30 14.75
C ILE B 293 -7.69 39.29 14.42
N PRO B 294 -6.42 38.92 14.60
CA PRO B 294 -5.34 39.83 14.23
C PRO B 294 -5.26 40.14 12.72
N ALA B 295 -5.57 39.16 11.86
CA ALA B 295 -5.57 39.41 10.39
C ALA B 295 -6.57 40.46 9.94
N SER B 296 -7.80 40.46 10.50
CA SER B 296 -8.83 41.38 10.10
C SER B 296 -8.46 42.75 10.62
N ARG B 297 -7.93 42.80 11.85
CA ARG B 297 -7.55 44.05 12.47
C ARG B 297 -6.42 44.72 11.70
N LYS B 298 -5.44 43.92 11.29
CA LYS B 298 -4.33 44.42 10.49
C LYS B 298 -4.80 44.86 9.09
N ALA B 299 -5.64 44.06 8.46
CA ALA B 299 -6.19 44.45 7.15
C ALA B 299 -6.91 45.81 7.25
N LEU B 300 -7.77 45.98 8.27
CA LEU B 300 -8.54 47.18 8.40
C LEU B 300 -7.65 48.37 8.64
N GLU B 301 -6.70 48.24 9.55
CA GLU B 301 -5.76 49.33 9.85
C GLU B 301 -4.96 49.74 8.59
N ARG B 302 -4.53 48.76 7.82
CA ARG B 302 -3.89 49.04 6.52
C ARG B 302 -4.81 49.78 5.56
N ALA B 303 -6.11 49.50 5.67
CA ALA B 303 -7.11 50.20 4.86
C ALA B 303 -7.44 51.57 5.42
N GLY B 304 -7.15 51.79 6.71
CA GLY B 304 -7.62 52.98 7.42
C GLY B 304 -9.09 52.89 7.74
N TRP B 305 -9.59 51.68 7.86
CA TRP B 305 -10.99 51.49 8.17
C TRP B 305 -11.16 51.11 9.62
N LYS B 306 -12.23 51.57 10.24
CA LYS B 306 -12.72 51.03 11.50
C LYS B 306 -13.57 49.81 11.22
N ILE B 307 -13.73 48.97 12.22
CA ILE B 307 -14.57 47.77 12.11
C ILE B 307 -15.98 48.18 11.74
N GLY B 308 -16.47 49.24 12.35
CA GLY B 308 -17.79 49.79 12.05
C GLY B 308 -17.96 50.35 10.65
N ASP B 309 -16.87 50.51 9.89
CA ASP B 309 -16.97 50.98 8.52
C ASP B 309 -17.45 49.87 7.58
N LEU B 310 -17.25 48.61 7.99
CA LEU B 310 -17.68 47.49 7.18
C LEU B 310 -19.20 47.44 6.98
N ASP B 311 -19.60 47.20 5.73
CA ASP B 311 -20.99 46.95 5.35
C ASP B 311 -21.28 45.47 5.18
N LEU B 312 -20.27 44.66 4.92
CA LEU B 312 -20.50 43.24 4.75
C LEU B 312 -19.25 42.49 5.08
N VAL B 313 -19.41 41.26 5.57
CA VAL B 313 -18.29 40.43 6.03
C VAL B 313 -18.50 38.96 5.70
N GLU B 314 -17.48 38.31 5.14
CA GLU B 314 -17.40 36.84 5.03
C GLU B 314 -16.28 36.35 5.94
N ALA B 315 -16.64 35.79 7.08
CA ALA B 315 -15.70 35.19 8.00
C ALA B 315 -15.93 33.71 7.91
N ASN B 316 -14.93 32.99 7.50
CA ASN B 316 -15.11 31.58 7.22
C ASN B 316 -15.42 30.79 8.47
N GLU B 317 -16.40 29.91 8.32
CA GLU B 317 -16.81 28.98 9.36
C GLU B 317 -16.12 27.63 9.25
N ALA B 318 -14.87 27.54 9.70
CA ALA B 318 -14.24 26.24 9.85
C ALA B 318 -15.02 25.48 10.90
N PHE B 319 -15.26 26.14 12.05
CA PHE B 319 -15.99 25.56 13.16
C PHE B 319 -16.89 26.62 13.81
N ALA B 320 -18.10 26.25 14.23
CA ALA B 320 -18.94 27.18 14.97
C ALA B 320 -18.18 27.83 16.12
N ALA B 321 -17.48 27.02 16.89
CA ALA B 321 -16.64 27.52 17.99
C ALA B 321 -15.73 28.70 17.62
N GLN B 322 -14.92 28.56 16.56
CA GLN B 322 -14.01 29.66 16.19
C GLN B 322 -14.72 30.84 15.48
N ALA B 323 -15.68 30.53 14.61
CA ALA B 323 -16.51 31.58 14.00
C ALA B 323 -17.12 32.48 15.13
N CYS B 324 -17.66 31.84 16.14
CA CYS B 324 -18.24 32.57 17.29
C CYS B 324 -17.23 33.40 18.11
N ALA B 325 -16.01 32.90 18.25
CA ALA B 325 -14.94 33.61 18.99
C ALA B 325 -14.48 34.84 18.24
N VAL B 326 -14.34 34.69 16.93
CA VAL B 326 -13.95 35.77 16.03
C VAL B 326 -14.99 36.90 16.01
N ASN B 327 -16.26 36.54 15.88
CA ASN B 327 -17.35 37.49 15.97
C ASN B 327 -17.36 38.17 17.34
N LYS B 328 -17.26 37.41 18.42
CA LYS B 328 -17.19 38.02 19.77
C LYS B 328 -16.07 39.04 19.91
N ASP B 329 -14.86 38.72 19.46
CA ASP B 329 -13.70 39.59 19.66
C ASP B 329 -13.81 40.86 18.82
N LEU B 330 -14.15 40.69 17.54
CA LEU B 330 -14.21 41.78 16.59
C LEU B 330 -15.40 42.69 16.88
N GLY B 331 -16.51 42.10 17.32
CA GLY B 331 -17.67 42.88 17.71
C GLY B 331 -18.46 43.46 16.55
N TRP B 332 -18.15 43.06 15.31
CA TRP B 332 -18.96 43.50 14.19
C TRP B 332 -20.38 42.92 14.25
N ASP B 333 -21.33 43.66 13.70
CA ASP B 333 -22.75 43.35 13.78
C ASP B 333 -22.94 41.98 13.13
N PRO B 334 -23.31 40.94 13.86
CA PRO B 334 -23.39 39.60 13.24
C PRO B 334 -24.33 39.53 12.02
N SER B 335 -25.30 40.44 11.93
CA SER B 335 -26.27 40.45 10.83
C SER B 335 -25.63 40.85 9.49
N ILE B 336 -24.41 41.38 9.49
CA ILE B 336 -23.71 41.66 8.24
C ILE B 336 -22.71 40.58 7.91
N VAL B 337 -22.68 39.51 8.70
CA VAL B 337 -21.66 38.44 8.54
C VAL B 337 -22.31 37.19 7.97
N ASN B 338 -21.66 36.60 6.96
CA ASN B 338 -22.10 35.33 6.35
C ASN B 338 -23.62 35.38 6.14
N VAL B 339 -24.02 36.52 5.59
CA VAL B 339 -25.37 36.89 5.19
C VAL B 339 -26.13 35.83 4.39
N ASN B 340 -25.42 35.18 3.48
CA ASN B 340 -25.96 34.04 2.74
C ASN B 340 -25.58 32.67 3.27
N GLY B 341 -25.21 32.57 4.55
CA GLY B 341 -24.71 31.35 5.13
C GLY B 341 -23.21 31.21 4.92
N GLY B 342 -22.59 30.23 5.58
CA GLY B 342 -21.16 29.97 5.46
C GLY B 342 -20.80 28.52 5.36
N ALA B 343 -19.53 28.24 5.60
CA ALA B 343 -18.91 26.96 5.30
C ALA B 343 -19.50 25.77 6.08
N ILE B 344 -20.14 26.00 7.23
CA ILE B 344 -20.79 24.90 7.94
C ILE B 344 -21.84 24.28 7.01
N ALA B 345 -22.52 25.14 6.28
CA ALA B 345 -23.55 24.72 5.37
C ALA B 345 -23.02 24.45 3.99
N ILE B 346 -22.18 25.35 3.48
CA ILE B 346 -21.71 25.33 2.10
C ILE B 346 -20.54 24.39 1.83
N GLY B 347 -19.67 24.24 2.82
CA GLY B 347 -18.55 23.30 2.78
C GLY B 347 -17.20 24.00 2.77
N HIS B 348 -16.15 23.21 2.83
CA HIS B 348 -14.82 23.77 3.03
C HIS B 348 -13.78 23.04 2.17
N PRO B 349 -13.77 23.32 0.87
CA PRO B 349 -12.75 22.76 -0.03
C PRO B 349 -11.48 23.57 0.16
N ILE B 350 -10.58 23.04 0.99
CA ILE B 350 -9.53 23.80 1.67
C ILE B 350 -8.84 24.88 0.86
N GLY B 351 -8.14 24.47 -0.20
CA GLY B 351 -7.40 25.42 -1.03
C GLY B 351 -8.27 26.41 -1.80
N ALA B 352 -9.49 26.01 -2.10
CA ALA B 352 -10.46 26.90 -2.71
C ALA B 352 -11.21 27.86 -1.77
N SER B 353 -11.34 27.48 -0.50
CA SER B 353 -12.25 28.18 0.41
C SER B 353 -12.14 29.68 0.41
N GLY B 354 -10.92 30.19 0.43
CA GLY B 354 -10.71 31.63 0.57
C GLY B 354 -11.22 32.38 -0.63
N ALA B 355 -11.03 31.82 -1.82
CA ALA B 355 -11.58 32.46 -3.04
C ALA B 355 -13.08 32.16 -3.19
N ARG B 356 -13.55 31.05 -2.59
CA ARG B 356 -14.98 30.77 -2.48
C ARG B 356 -15.74 31.86 -1.70
N ILE B 357 -15.32 32.17 -0.46
CA ILE B 357 -15.97 33.23 0.32
C ILE B 357 -15.74 34.62 -0.29
N LEU B 358 -14.59 34.85 -0.92
CA LEU B 358 -14.42 36.11 -1.64
C LEU B 358 -15.55 36.26 -2.69
N ASN B 359 -15.90 35.16 -3.37
CA ASN B 359 -16.87 35.16 -4.46
C ASN B 359 -18.21 35.54 -3.86
N THR B 360 -18.57 34.87 -2.78
CA THR B 360 -19.80 35.18 -2.04
C THR B 360 -19.85 36.61 -1.55
N LEU B 361 -18.76 37.11 -1.03
CA LEU B 361 -18.70 38.53 -0.63
C LEU B 361 -18.95 39.47 -1.80
N LEU B 362 -18.24 39.23 -2.89
CA LEU B 362 -18.20 40.17 -3.99
C LEU B 362 -19.57 40.29 -4.64
N PHE B 363 -20.26 39.16 -4.78
CA PHE B 363 -21.56 39.14 -5.49
C PHE B 363 -22.70 39.64 -4.62
N GLU B 364 -22.56 39.45 -3.30
CA GLU B 364 -23.50 40.03 -2.34
C GLU B 364 -23.27 41.54 -2.25
N MET B 365 -22.01 41.96 -2.23
CA MET B 365 -21.72 43.41 -2.22
C MET B 365 -22.39 44.08 -3.41
N LYS B 366 -22.24 43.47 -4.60
CA LYS B 366 -22.84 43.98 -5.81
C LYS B 366 -24.36 44.06 -5.71
N ARG B 367 -24.96 42.98 -5.23
CA ARG B 367 -26.39 42.76 -5.23
C ARG B 367 -27.05 43.77 -4.28
N ARG B 368 -26.41 44.02 -3.13
CA ARG B 368 -27.01 44.89 -2.13
C ARG B 368 -26.48 46.33 -2.12
N GLY B 369 -25.52 46.60 -2.98
CA GLY B 369 -24.83 47.88 -2.96
C GLY B 369 -23.97 48.15 -1.72
N ALA B 370 -23.39 47.12 -1.09
CA ALA B 370 -22.49 47.37 0.04
C ALA B 370 -21.21 47.97 -0.47
N ARG B 371 -20.69 48.95 0.24
CA ARG B 371 -19.52 49.66 -0.22
C ARG B 371 -18.24 48.99 0.24
N LYS B 372 -18.18 48.62 1.51
CA LYS B 372 -16.92 48.15 2.13
C LYS B 372 -17.10 46.71 2.64
N GLY B 373 -16.13 45.86 2.35
CA GLY B 373 -16.26 44.45 2.64
C GLY B 373 -14.96 43.90 3.12
N LEU B 374 -15.04 42.76 3.78
CA LEU B 374 -13.86 42.07 4.23
C LEU B 374 -14.15 40.59 4.17
N ALA B 375 -13.16 39.84 3.71
CA ALA B 375 -13.14 38.38 3.82
C ALA B 375 -11.96 37.94 4.70
N THR B 376 -12.14 36.87 5.48
CA THR B 376 -11.11 36.42 6.40
C THR B 376 -11.31 34.95 6.69
N LEU B 377 -10.21 34.22 6.76
CA LEU B 377 -10.21 32.79 7.18
C LEU B 377 -9.21 32.50 8.29
N CYS B 378 -9.49 31.50 9.10
CA CYS B 378 -8.52 30.96 10.02
C CYS B 378 -7.69 29.94 9.24
N ILE B 379 -6.49 29.62 9.73
CA ILE B 379 -5.56 28.71 9.02
C ILE B 379 -4.84 27.78 9.97
N GLY B 380 -4.83 26.48 9.65
CA GLY B 380 -4.13 25.49 10.43
C GLY B 380 -2.64 25.83 10.60
N GLY B 381 -2.11 25.49 11.76
CA GLY B 381 -0.76 25.87 12.12
C GLY B 381 -0.73 27.26 12.73
N GLY B 382 -1.91 27.86 12.89
CA GLY B 382 -2.06 29.14 13.54
C GLY B 382 -1.73 30.30 12.64
N MET B 383 -2.59 30.58 11.67
CA MET B 383 -2.50 31.83 10.94
C MET B 383 -3.90 32.33 10.62
N GLY B 384 -3.97 33.57 10.14
CA GLY B 384 -5.15 34.17 9.58
C GLY B 384 -4.79 34.97 8.34
N VAL B 385 -5.79 35.15 7.49
CA VAL B 385 -5.69 36.03 6.34
C VAL B 385 -7.00 36.85 6.18
N ALA B 386 -6.88 38.10 5.74
CA ALA B 386 -8.03 39.00 5.56
C ALA B 386 -7.80 39.90 4.37
N MET B 387 -8.88 40.28 3.68
CA MET B 387 -8.74 41.23 2.58
C MET B 387 -9.87 42.25 2.66
N CYS B 388 -9.55 43.53 2.51
CA CYS B 388 -10.58 44.58 2.43
C CYS B 388 -10.91 44.89 0.96
N ILE B 389 -12.20 44.89 0.61
CA ILE B 389 -12.70 45.21 -0.73
C ILE B 389 -13.60 46.42 -0.65
N GLU B 390 -13.39 47.37 -1.55
CA GLU B 390 -14.30 48.51 -1.71
C GLU B 390 -14.97 48.47 -3.07
N SER B 391 -16.24 48.80 -3.14
CA SER B 391 -16.96 48.81 -4.41
C SER B 391 -16.62 50.07 -5.20
N LEU B 392 -16.57 49.97 -6.53
CA LEU B 392 -16.25 51.10 -7.45
C LEU B 392 -17.45 51.56 -8.19
N SER C 1 0.35 -58.56 7.42
CA SER C 1 1.47 -57.60 7.68
C SER C 1 1.02 -56.15 7.52
N THR C 2 1.88 -55.24 7.98
CA THR C 2 1.62 -53.80 8.03
C THR C 2 2.38 -53.14 6.86
N PRO C 3 1.86 -52.05 6.29
CA PRO C 3 2.43 -51.46 5.05
C PRO C 3 3.97 -51.23 4.99
N SER C 4 4.54 -50.45 5.92
CA SER C 4 5.98 -50.13 5.98
C SER C 4 6.50 -49.23 4.85
N ILE C 5 6.73 -47.97 5.20
CA ILE C 5 7.11 -46.92 4.28
C ILE C 5 8.45 -46.40 4.71
N VAL C 6 9.30 -46.10 3.73
CA VAL C 6 10.66 -45.65 3.98
C VAL C 6 10.88 -44.27 3.41
N ILE C 7 11.80 -43.54 4.03
CA ILE C 7 12.35 -42.34 3.43
C ILE C 7 13.51 -42.87 2.59
N ALA C 8 13.26 -43.02 1.30
CA ALA C 8 14.29 -43.42 0.33
C ALA C 8 15.43 -42.41 0.18
N SER C 9 15.12 -41.13 0.34
CA SER C 9 16.10 -40.07 0.08
C SER C 9 15.60 -38.73 0.61
N ALA C 10 16.52 -37.79 0.79
CA ALA C 10 16.13 -36.51 1.38
C ALA C 10 17.11 -35.47 0.97
N ALA C 11 16.67 -34.22 1.01
CA ALA C 11 17.56 -33.11 0.71
C ALA C 11 16.93 -31.79 1.17
N ARG C 12 17.79 -30.84 1.51
CA ARG C 12 17.30 -29.50 1.83
C ARG C 12 18.20 -28.42 1.31
N THR C 13 17.67 -27.23 1.07
CA THR C 13 18.53 -26.11 0.75
C THR C 13 19.21 -25.75 2.03
N ALA C 14 20.28 -24.99 1.91
CA ALA C 14 20.75 -24.19 3.01
C ALA C 14 19.58 -23.34 3.49
N VAL C 15 19.60 -22.97 4.78
CA VAL C 15 18.69 -21.97 5.30
C VAL C 15 19.32 -20.57 5.22
N GLY C 16 18.67 -19.71 4.44
CA GLY C 16 19.07 -18.32 4.26
C GLY C 16 18.52 -17.39 5.34
N SER C 17 19.30 -16.36 5.63
CA SER C 17 18.92 -15.34 6.58
C SER C 17 17.88 -14.41 5.96
N PHE C 18 17.13 -13.75 6.82
CA PHE C 18 16.03 -12.85 6.48
C PHE C 18 16.55 -11.73 5.60
N ASN C 19 15.93 -11.56 4.43
CA ASN C 19 16.45 -10.67 3.39
C ASN C 19 17.92 -10.90 3.09
N GLY C 20 18.29 -12.18 3.11
CA GLY C 20 19.66 -12.59 2.88
C GLY C 20 19.87 -13.14 1.46
N ALA C 21 20.44 -14.34 1.41
CA ALA C 21 20.75 -15.02 0.17
C ALA C 21 19.51 -15.28 -0.69
N PHE C 22 18.39 -15.66 -0.06
CA PHE C 22 17.16 -15.94 -0.79
C PHE C 22 16.16 -14.79 -0.71
N ALA C 23 16.65 -13.57 -0.49
CA ALA C 23 15.79 -12.42 -0.26
C ALA C 23 14.70 -12.28 -1.31
N ASN C 24 15.03 -12.62 -2.56
CA ASN C 24 14.14 -12.41 -3.70
C ASN C 24 13.81 -13.72 -4.40
N THR C 25 13.96 -14.82 -3.68
CA THR C 25 13.73 -16.15 -4.24
C THR C 25 12.39 -16.73 -3.77
N PRO C 26 11.43 -16.86 -4.69
CA PRO C 26 10.14 -17.47 -4.38
C PRO C 26 10.27 -18.86 -3.76
N ALA C 27 9.45 -19.16 -2.76
CA ALA C 27 9.46 -20.44 -2.08
C ALA C 27 9.51 -21.65 -2.99
N HIS C 28 8.76 -21.62 -4.09
CA HIS C 28 8.61 -22.80 -4.94
C HIS C 28 9.88 -23.08 -5.73
N GLU C 29 10.69 -22.07 -5.94
CA GLU C 29 12.02 -22.22 -6.57
C GLU C 29 12.95 -23.01 -5.67
N LEU C 30 13.03 -22.60 -4.41
CA LEU C 30 13.70 -23.41 -3.41
C LEU C 30 13.12 -24.82 -3.36
N GLY C 31 11.80 -24.91 -3.41
CA GLY C 31 11.13 -26.21 -3.38
C GLY C 31 11.49 -27.10 -4.55
N ALA C 32 11.57 -26.50 -5.73
CA ALA C 32 11.86 -27.25 -6.97
C ALA C 32 13.22 -27.94 -6.86
N THR C 33 14.24 -27.15 -6.54
CA THR C 33 15.60 -27.67 -6.35
C THR C 33 15.62 -28.90 -5.41
N VAL C 34 14.92 -28.83 -4.28
CA VAL C 34 14.92 -29.96 -3.34
C VAL C 34 14.11 -31.14 -3.87
N ILE C 35 13.12 -30.90 -4.74
CA ILE C 35 12.38 -32.02 -5.36
C ILE C 35 13.29 -32.76 -6.34
N SER C 36 14.01 -32.01 -7.18
CA SER C 36 14.92 -32.61 -8.15
C SER C 36 16.01 -33.37 -7.41
N ALA C 37 16.38 -32.84 -6.24
CA ALA C 37 17.45 -33.42 -5.42
C ALA C 37 17.07 -34.80 -4.86
N VAL C 38 15.87 -34.93 -4.30
CA VAL C 38 15.47 -36.19 -3.69
C VAL C 38 15.31 -37.27 -4.77
N LEU C 39 14.83 -36.86 -5.93
CA LEU C 39 14.74 -37.76 -7.09
C LEU C 39 16.10 -38.28 -7.56
N GLU C 40 17.04 -37.35 -7.75
CA GLU C 40 18.43 -37.63 -8.18
C GLU C 40 19.15 -38.52 -7.18
N ARG C 41 19.00 -38.17 -5.92
CA ARG C 41 19.63 -38.89 -4.82
C ARG C 41 19.13 -40.32 -4.66
N ALA C 42 17.88 -40.57 -5.02
CA ALA C 42 17.26 -41.91 -4.93
C ALA C 42 17.41 -42.69 -6.23
N GLY C 43 17.70 -42.00 -7.33
CA GLY C 43 17.71 -42.61 -8.66
C GLY C 43 16.32 -42.86 -9.24
N VAL C 44 15.36 -41.99 -8.90
CA VAL C 44 13.99 -42.12 -9.33
C VAL C 44 13.72 -40.99 -10.34
N ALA C 45 13.10 -41.30 -11.47
CA ALA C 45 12.74 -40.26 -12.44
C ALA C 45 11.54 -39.50 -11.89
N ALA C 46 11.55 -38.19 -12.12
CA ALA C 46 10.43 -37.31 -11.77
C ALA C 46 9.08 -37.81 -12.28
N GLY C 47 9.07 -38.45 -13.45
CA GLY C 47 7.88 -39.02 -14.05
C GLY C 47 7.23 -40.10 -13.22
N GLU C 48 7.94 -40.58 -12.22
CA GLU C 48 7.45 -41.63 -11.32
C GLU C 48 6.81 -41.08 -10.02
N VAL C 49 6.76 -39.75 -9.88
CA VAL C 49 6.19 -39.18 -8.67
C VAL C 49 4.69 -39.09 -8.83
N ASN C 50 3.95 -39.66 -7.88
CA ASN C 50 2.49 -39.53 -7.89
C ASN C 50 2.04 -38.18 -7.35
N GLU C 51 2.69 -37.68 -6.30
CA GLU C 51 2.22 -36.48 -5.63
C GLU C 51 3.30 -35.76 -4.85
N VAL C 52 3.32 -34.45 -4.94
CA VAL C 52 4.20 -33.57 -4.15
C VAL C 52 3.32 -32.92 -3.08
N ILE C 53 3.73 -33.04 -1.82
CA ILE C 53 3.01 -32.44 -0.70
C ILE C 53 3.98 -31.53 0.04
N LEU C 54 3.72 -30.23 0.04
CA LEU C 54 4.65 -29.27 0.65
C LEU C 54 4.02 -28.32 1.68
N GLY C 55 4.48 -28.41 2.93
CA GLY C 55 4.12 -27.45 3.94
C GLY C 55 4.50 -26.04 3.58
N GLN C 56 3.65 -25.07 3.89
CA GLN C 56 3.91 -23.67 3.59
C GLN C 56 2.86 -22.84 4.31
N VAL C 57 3.33 -21.85 5.06
CA VAL C 57 2.50 -21.02 5.91
C VAL C 57 2.25 -19.65 5.28
N LEU C 58 3.17 -19.22 4.42
CA LEU C 58 3.17 -17.82 3.92
C LEU C 58 3.25 -17.74 2.40
N PRO C 59 2.22 -18.22 1.72
CA PRO C 59 2.19 -18.29 0.26
C PRO C 59 1.56 -17.08 -0.40
N ALA C 60 1.19 -16.02 0.33
CA ALA C 60 0.53 -14.86 -0.28
C ALA C 60 1.32 -14.22 -1.42
N GLY C 61 0.69 -14.13 -2.59
CA GLY C 61 1.24 -13.44 -3.75
C GLY C 61 2.03 -14.35 -4.67
N GLU C 62 2.30 -15.57 -4.22
CA GLU C 62 3.15 -16.46 -5.01
C GLU C 62 2.37 -17.09 -6.17
N GLY C 63 1.06 -16.91 -6.16
CA GLY C 63 0.19 -17.42 -7.19
C GLY C 63 -0.36 -18.78 -6.83
N GLN C 64 -1.01 -19.40 -7.81
CA GLN C 64 -1.82 -20.60 -7.55
C GLN C 64 -0.96 -21.76 -7.08
N ASN C 65 -1.30 -22.30 -5.92
CA ASN C 65 -0.75 -23.55 -5.40
C ASN C 65 0.75 -23.71 -5.69
N PRO C 66 1.57 -23.05 -4.88
CA PRO C 66 3.02 -23.11 -5.01
C PRO C 66 3.63 -24.50 -4.94
N ALA C 67 2.98 -25.48 -4.28
CA ALA C 67 3.48 -26.85 -4.34
C ALA C 67 3.39 -27.38 -5.78
N ARG C 68 2.32 -27.05 -6.48
CA ARG C 68 2.20 -27.44 -7.88
C ARG C 68 3.20 -26.70 -8.73
N GLN C 69 3.52 -25.44 -8.40
CA GLN C 69 4.57 -24.73 -9.13
C GLN C 69 5.97 -25.34 -8.88
N ALA C 70 6.28 -25.75 -7.65
CA ALA C 70 7.55 -26.42 -7.37
C ALA C 70 7.64 -27.75 -8.10
N ALA C 71 6.54 -28.48 -8.14
CA ALA C 71 6.51 -29.81 -8.75
C ALA C 71 6.78 -29.71 -10.25
N MET C 72 6.18 -28.72 -10.89
CA MET C 72 6.26 -28.59 -12.36
C MET C 72 7.63 -28.09 -12.79
N LYS C 73 8.16 -27.09 -12.07
CA LYS C 73 9.50 -26.56 -12.35
C LYS C 73 10.56 -27.66 -12.23
N ALA C 74 10.41 -28.53 -11.24
CA ALA C 74 11.27 -29.72 -11.05
C ALA C 74 11.14 -30.82 -12.11
N GLY C 75 10.09 -30.81 -12.93
CA GLY C 75 9.96 -31.74 -14.04
C GLY C 75 9.05 -32.92 -13.73
N VAL C 76 8.38 -32.86 -12.58
CA VAL C 76 7.29 -33.79 -12.31
C VAL C 76 6.24 -33.45 -13.37
N PRO C 77 5.72 -34.47 -14.07
CA PRO C 77 4.83 -34.24 -15.21
C PRO C 77 3.45 -33.73 -14.76
N GLN C 78 2.74 -33.04 -15.64
CA GLN C 78 1.39 -32.53 -15.34
C GLN C 78 0.41 -33.61 -14.84
N GLU C 79 0.70 -34.89 -15.13
CA GLU C 79 -0.20 -35.99 -14.76
C GLU C 79 -0.20 -36.28 -13.26
N ALA C 80 0.90 -35.94 -12.59
CA ALA C 80 1.00 -36.00 -11.13
C ALA C 80 0.14 -34.94 -10.46
N THR C 81 0.00 -35.03 -9.13
CA THR C 81 -0.71 -33.97 -8.39
C THR C 81 0.18 -33.31 -7.36
N ALA C 82 -0.31 -32.21 -6.80
CA ALA C 82 0.45 -31.47 -5.81
C ALA C 82 -0.45 -30.56 -4.97
N TRP C 83 -0.10 -30.41 -3.70
CA TRP C 83 -0.78 -29.52 -2.79
C TRP C 83 0.10 -29.00 -1.67
N GLY C 84 -0.33 -27.89 -1.08
CA GLY C 84 0.28 -27.34 0.10
C GLY C 84 -0.58 -27.53 1.33
N MET C 85 0.05 -27.43 2.49
CA MET C 85 -0.68 -27.51 3.75
C MET C 85 0.00 -26.64 4.81
N ASN C 86 -0.75 -26.37 5.86
CA ASN C 86 -0.37 -25.45 6.91
C ASN C 86 -0.76 -26.01 8.28
N GLN C 87 0.18 -26.67 8.97
CA GLN C 87 0.08 -26.82 10.40
C GLN C 87 1.20 -26.00 11.05
N LEU C 88 1.38 -24.78 10.55
CA LEU C 88 2.39 -23.83 11.02
C LEU C 88 3.80 -24.40 11.10
N GLY C 90 4.89 -26.89 12.31
CA GLY C 90 4.88 -28.35 12.16
C GLY C 90 4.67 -28.84 10.73
N SER C 91 4.42 -27.90 9.80
CA SER C 91 3.99 -28.20 8.43
C SER C 91 4.93 -29.12 7.66
N GLY C 92 6.23 -28.87 7.76
CA GLY C 92 7.23 -29.58 6.99
C GLY C 92 7.35 -31.05 7.33
N LEU C 93 7.15 -31.38 8.60
CA LEU C 93 7.22 -32.76 9.06
C LEU C 93 5.88 -33.47 8.89
N ARG C 94 4.80 -32.73 9.16
CA ARG C 94 3.47 -33.26 8.94
C ARG C 94 3.27 -33.68 7.47
N ALA C 95 3.76 -32.89 6.52
CA ALA C 95 3.61 -33.24 5.10
C ALA C 95 4.19 -34.63 4.84
N VAL C 96 5.27 -34.97 5.55
CA VAL C 96 5.92 -36.27 5.42
C VAL C 96 5.06 -37.44 5.93
N ALA C 97 4.37 -37.22 7.05
CA ALA C 97 3.45 -38.21 7.62
C ALA C 97 2.17 -38.33 6.76
N LEU C 98 1.72 -37.21 6.20
CA LEU C 98 0.64 -37.19 5.23
C LEU C 98 1.01 -38.00 3.99
N GLY C 99 2.24 -37.81 3.49
CA GLY C 99 2.70 -38.56 2.32
C GLY C 99 2.75 -40.05 2.62
N MET C 100 3.19 -40.37 3.83
CA MET C 100 3.34 -41.76 4.22
C MET C 100 1.95 -42.39 4.18
N GLN C 101 0.98 -41.63 4.70
CA GLN C 101 -0.40 -42.09 4.69
C GLN C 101 -0.92 -42.35 3.27
N GLN C 102 -0.54 -41.50 2.30
CA GLN C 102 -0.93 -41.74 0.91
C GLN C 102 -0.50 -43.12 0.46
N ILE C 103 0.72 -43.52 0.85
CA ILE C 103 1.26 -44.83 0.47
C ILE C 103 0.64 -45.99 1.27
N ALA C 104 0.38 -45.76 2.56
CA ALA C 104 -0.19 -46.79 3.42
C ALA C 104 -1.64 -47.14 3.04
N THR C 105 -2.43 -46.17 2.55
CA THR C 105 -3.83 -46.45 2.21
C THR C 105 -3.97 -47.01 0.80
N GLY C 106 -2.84 -47.14 0.07
CA GLY C 106 -2.83 -47.70 -1.27
C GLY C 106 -3.07 -46.70 -2.38
N ASP C 107 -3.13 -45.41 -2.03
CA ASP C 107 -3.51 -44.37 -2.98
C ASP C 107 -2.36 -43.82 -3.80
N ALA C 108 -1.14 -44.01 -3.30
CA ALA C 108 0.07 -43.64 -4.04
C ALA C 108 1.17 -44.64 -3.78
N SER C 109 2.16 -44.66 -4.68
CA SER C 109 3.39 -45.45 -4.54
C SER C 109 4.60 -44.58 -4.16
N ILE C 110 4.67 -43.36 -4.68
CA ILE C 110 5.88 -42.53 -4.57
C ILE C 110 5.50 -41.05 -4.30
N ILE C 111 5.86 -40.52 -3.13
CA ILE C 111 5.55 -39.14 -2.77
C ILE C 111 6.82 -38.31 -2.52
N VAL C 112 6.86 -37.06 -2.95
CA VAL C 112 7.88 -36.18 -2.43
C VAL C 112 7.14 -35.35 -1.39
N ALA C 113 7.65 -35.26 -0.18
CA ALA C 113 7.00 -34.45 0.87
C ALA C 113 7.98 -33.72 1.72
N GLY C 114 7.54 -32.60 2.27
CA GLY C 114 8.45 -31.63 2.84
C GLY C 114 7.80 -30.28 3.02
N GLY C 115 8.61 -29.23 2.99
CA GLY C 115 8.10 -27.89 3.15
C GLY C 115 8.96 -26.81 2.53
N MET C 116 8.42 -25.61 2.51
CA MET C 116 9.10 -24.50 1.88
C MET C 116 8.56 -23.20 2.39
N GLU C 117 9.45 -22.21 2.42
CA GLU C 117 9.10 -20.95 3.00
C GLU C 117 10.07 -19.90 2.57
N SER C 118 9.52 -18.80 2.08
CA SER C 118 10.30 -17.59 1.93
C SER C 118 9.60 -16.59 2.83
N MET C 119 10.15 -16.41 4.02
CA MET C 119 9.65 -15.42 4.96
C MET C 119 10.03 -14.05 4.42
N SER C 120 11.18 -13.96 3.76
CA SER C 120 11.60 -12.75 3.02
C SER C 120 10.58 -12.20 1.99
N MET C 121 10.01 -13.10 1.18
CA MET C 121 9.12 -12.74 0.08
C MET C 121 7.65 -12.58 0.52
N ALA C 122 7.37 -12.77 1.80
CA ALA C 122 6.00 -12.56 2.30
C ALA C 122 5.62 -11.09 2.18
N PRO C 123 4.47 -10.80 1.56
CA PRO C 123 4.03 -9.41 1.37
C PRO C 123 3.33 -8.82 2.57
N HIS C 124 3.19 -7.50 2.49
CA HIS C 124 2.31 -6.74 3.33
C HIS C 124 0.96 -6.71 2.59
N CYS C 125 -0.14 -6.77 3.32
CA CYS C 125 -1.48 -6.85 2.73
C CYS C 125 -2.50 -5.99 3.45
N ALA C 126 -3.62 -5.78 2.79
CA ALA C 126 -4.74 -5.01 3.32
C ALA C 126 -6.03 -5.39 2.57
N HIS C 127 -7.12 -5.58 3.31
CA HIS C 127 -8.45 -5.76 2.71
C HIS C 127 -9.01 -4.42 2.27
N LEU C 128 -9.12 -4.24 0.95
CA LEU C 128 -9.44 -2.95 0.37
C LEU C 128 -10.61 -2.98 -0.61
N ARG C 129 -11.34 -4.09 -0.67
CA ARG C 129 -12.52 -4.22 -1.54
C ARG C 129 -13.57 -3.16 -1.23
N GLY C 130 -13.95 -3.09 0.05
CA GLY C 130 -14.92 -2.10 0.48
C GLY C 130 -14.49 -0.66 0.23
N GLY C 131 -13.18 -0.41 0.17
CA GLY C 131 -12.66 0.95 -0.04
C GLY C 131 -12.47 1.65 1.29
N VAL C 132 -11.72 2.74 1.27
CA VAL C 132 -11.39 3.43 2.51
C VAL C 132 -11.72 4.89 2.30
N LYS C 133 -12.99 5.23 2.50
CA LYS C 133 -13.50 6.57 2.21
C LYS C 133 -12.79 7.68 3.00
N MET C 134 -12.22 7.33 4.16
CA MET C 134 -11.44 8.26 4.97
C MET C 134 -10.63 7.52 6.07
N GLY C 135 -9.41 7.97 6.34
CA GLY C 135 -8.65 7.49 7.49
C GLY C 135 -7.52 6.48 7.17
N ASP C 136 -6.46 6.58 7.98
CA ASP C 136 -5.28 5.73 7.80
C ASP C 136 -5.75 4.24 7.89
N PHE C 137 -5.13 3.40 7.08
CA PHE C 137 -5.27 1.97 7.29
C PHE C 137 -3.91 1.30 7.33
N LYS C 138 -3.92 0.08 7.82
CA LYS C 138 -2.69 -0.60 8.08
C LYS C 138 -2.43 -1.53 6.92
N MET C 139 -1.22 -1.45 6.40
CA MET C 139 -0.66 -2.50 5.56
C MET C 139 -0.02 -3.54 6.50
N ILE C 140 -0.58 -4.74 6.48
CA ILE C 140 -0.24 -5.79 7.42
C ILE C 140 0.85 -6.70 6.86
N ASP C 141 1.90 -6.86 7.65
CA ASP C 141 2.98 -7.79 7.34
C ASP C 141 2.50 -9.24 7.49
N THR C 142 2.25 -9.93 6.38
CA THR C 142 1.68 -11.30 6.46
C THR C 142 2.57 -12.27 7.23
N MET C 143 3.89 -12.11 7.14
CA MET C 143 4.85 -12.89 7.93
C MET C 143 4.57 -12.86 9.44
N ILE C 144 4.34 -11.65 9.95
CA ILE C 144 4.10 -11.44 11.37
C ILE C 144 2.67 -11.88 11.71
N LYS C 145 1.69 -11.33 11.00
CA LYS C 145 0.27 -11.68 11.19
C LYS C 145 -0.01 -13.18 11.02
N ASP C 146 0.37 -13.73 9.87
CA ASP C 146 -0.01 -15.13 9.54
C ASP C 146 0.96 -16.22 9.98
N GLY C 147 2.15 -15.83 10.43
CA GLY C 147 3.18 -16.79 10.83
C GLY C 147 3.54 -16.80 12.30
N LEU C 148 3.59 -15.61 12.88
CA LEU C 148 4.32 -15.36 14.13
C LEU C 148 3.47 -14.84 15.28
N THR C 149 2.21 -14.52 15.00
CA THR C 149 1.32 -13.87 15.96
C THR C 149 0.23 -14.84 16.36
N ASP C 150 0.01 -15.03 17.67
CA ASP C 150 -1.04 -15.94 18.10
C ASP C 150 -2.41 -15.30 17.85
N ALA C 151 -3.32 -16.08 17.28
CA ALA C 151 -4.61 -15.55 16.83
C ALA C 151 -5.58 -15.30 17.97
N PHE C 152 -5.38 -15.98 19.08
CA PHE C 152 -6.33 -15.98 20.19
C PHE C 152 -5.99 -14.93 21.25
N TYR C 153 -4.71 -14.76 21.54
CA TYR C 153 -4.26 -13.82 22.57
C TYR C 153 -3.66 -12.54 21.98
N GLY C 154 -3.28 -12.59 20.71
CA GLY C 154 -2.90 -11.36 20.00
C GLY C 154 -1.42 -10.99 20.01
N TYR C 155 -0.58 -11.78 20.66
CA TYR C 155 0.82 -11.44 20.86
C TYR C 155 1.72 -12.41 20.09
N HIS C 156 3.01 -12.07 19.92
CA HIS C 156 3.99 -12.84 19.14
C HIS C 156 4.31 -14.18 19.77
N MET C 157 5.00 -15.03 19.02
CA MET C 157 5.38 -16.36 19.52
C MET C 157 6.33 -16.19 20.72
N GLY C 158 7.25 -15.23 20.63
CA GLY C 158 8.19 -15.00 21.72
C GLY C 158 7.55 -14.77 23.09
N THR C 159 6.35 -14.18 23.10
CA THR C 159 5.56 -14.04 24.33
C THR C 159 5.09 -15.41 24.90
N THR C 160 4.68 -16.36 24.06
CA THR C 160 4.41 -17.73 24.54
C THR C 160 5.68 -18.32 25.17
N ALA C 161 6.84 -17.96 24.62
CA ALA C 161 8.13 -18.38 25.16
C ALA C 161 8.34 -17.79 26.56
N GLU C 162 7.93 -16.54 26.79
CA GLU C 162 8.03 -15.95 28.13
C GLU C 162 7.15 -16.74 29.11
N ASN C 163 5.95 -17.10 28.66
CA ASN C 163 5.00 -17.85 29.49
C ASN C 163 5.61 -19.21 29.91
N VAL C 164 6.34 -19.86 28.99
CA VAL C 164 6.96 -21.16 29.24
C VAL C 164 8.15 -21.00 30.16
N ALA C 165 8.98 -19.98 29.90
CA ALA C 165 10.15 -19.68 30.73
C ALA C 165 9.70 -19.58 32.18
N LYS C 166 8.64 -18.79 32.38
CA LYS C 166 8.07 -18.50 33.69
C LYS C 166 7.48 -19.72 34.36
N GLN C 167 6.80 -20.56 33.59
CA GLN C 167 6.24 -21.82 34.08
C GLN C 167 7.32 -22.72 34.65
N TRP C 168 8.44 -22.76 33.93
CA TRP C 168 9.56 -23.66 34.21
C TRP C 168 10.70 -23.01 35.01
N GLN C 169 10.55 -21.74 35.38
CA GLN C 169 11.55 -20.98 36.14
C GLN C 169 12.93 -21.06 35.49
N LEU C 170 12.96 -20.84 34.17
CA LEU C 170 14.20 -20.88 33.44
C LEU C 170 14.84 -19.51 33.51
N SER C 171 16.06 -19.48 34.03
CA SER C 171 16.82 -18.24 34.12
C SER C 171 17.27 -17.83 32.73
N ARG C 172 17.47 -16.52 32.58
CA ARG C 172 18.15 -15.90 31.45
C ARG C 172 19.45 -16.63 31.10
N ASP C 173 20.29 -16.85 32.11
CA ASP C 173 21.58 -17.51 31.94
C ASP C 173 21.43 -18.85 31.23
N GLU C 174 20.51 -19.67 31.75
CA GLU C 174 20.32 -21.03 31.27
C GLU C 174 19.82 -21.07 29.82
N GLN C 175 18.95 -20.12 29.47
CA GLN C 175 18.48 -19.94 28.10
C GLN C 175 19.62 -19.51 27.18
N ASP C 176 20.49 -18.63 27.69
CA ASP C 176 21.62 -18.11 26.94
C ASP C 176 22.71 -19.14 26.74
N ALA C 177 22.98 -19.92 27.77
CA ALA C 177 23.96 -21.00 27.67
C ALA C 177 23.53 -22.04 26.63
N PHE C 178 22.22 -22.21 26.47
CA PHE C 178 21.64 -23.17 25.52
C PHE C 178 21.83 -22.62 24.12
N ALA C 179 21.53 -21.33 23.95
CA ALA C 179 21.70 -20.68 22.67
C ALA C 179 23.15 -20.74 22.18
N VAL C 180 24.11 -20.51 23.08
CA VAL C 180 25.53 -20.55 22.73
C VAL C 180 25.95 -21.97 22.38
N ALA C 181 25.51 -22.94 23.19
CA ALA C 181 25.76 -24.35 22.91
C ALA C 181 25.27 -24.71 21.52
N SER C 182 24.11 -24.19 21.15
CA SER C 182 23.48 -24.49 19.86
C SER C 182 24.29 -23.90 18.67
N GLN C 183 24.74 -22.64 18.83
CA GLN C 183 25.55 -21.96 17.83
C GLN C 183 26.88 -22.67 17.68
N ASN C 184 27.51 -22.98 18.81
CA ASN C 184 28.83 -23.59 18.80
C ASN C 184 28.76 -25.01 18.20
N LYS C 185 27.65 -25.70 18.44
CA LYS C 185 27.40 -27.04 17.89
C LYS C 185 27.26 -26.96 16.37
N ALA C 186 26.58 -25.91 15.91
CA ALA C 186 26.23 -25.73 14.51
C ALA C 186 27.41 -25.23 13.68
N GLU C 187 28.13 -24.23 14.20
CA GLU C 187 29.39 -23.79 13.58
C GLU C 187 30.38 -24.95 13.44
N ALA C 188 30.41 -25.85 14.43
CA ALA C 188 31.25 -27.03 14.40
C ALA C 188 30.79 -27.97 13.29
N ALA C 189 29.53 -28.34 13.30
CA ALA C 189 28.96 -29.19 12.25
C ALA C 189 29.26 -28.63 10.87
N GLN C 190 29.02 -27.33 10.69
CA GLN C 190 29.27 -26.66 9.42
C GLN C 190 30.70 -26.81 8.95
N LYS C 191 31.63 -26.53 9.85
CA LYS C 191 33.07 -26.54 9.56
C LYS C 191 33.60 -27.94 9.26
N ASP C 192 33.13 -28.94 10.00
CA ASP C 192 33.50 -30.35 9.79
C ASP C 192 32.74 -31.04 8.63
N GLY C 193 31.92 -30.26 7.91
CA GLY C 193 31.26 -30.71 6.69
C GLY C 193 30.04 -31.61 6.90
N ARG C 194 29.51 -31.63 8.12
CA ARG C 194 28.38 -32.51 8.48
C ARG C 194 27.03 -32.05 7.91
N PHE C 195 26.98 -30.83 7.35
CA PHE C 195 25.79 -30.35 6.67
C PHE C 195 25.81 -30.62 5.16
N LYS C 196 26.92 -31.11 4.62
CA LYS C 196 27.11 -31.17 3.17
C LYS C 196 26.20 -32.22 2.51
N ASP C 197 26.16 -33.41 3.04
CA ASP C 197 25.29 -34.44 2.47
C ASP C 197 23.85 -33.89 2.32
N GLU C 198 23.31 -33.34 3.40
CA GLU C 198 21.88 -33.00 3.41
C GLU C 198 21.57 -31.78 2.56
N ILE C 199 22.53 -30.87 2.40
CA ILE C 199 22.29 -29.63 1.67
C ILE C 199 22.45 -29.93 0.17
N VAL C 200 21.53 -29.42 -0.64
CA VAL C 200 21.73 -29.38 -2.08
C VAL C 200 21.87 -27.90 -2.42
N PRO C 201 22.98 -27.50 -3.06
CA PRO C 201 23.19 -26.10 -3.39
C PRO C 201 22.04 -25.54 -4.23
N PHE C 202 21.70 -24.29 -3.97
CA PHE C 202 20.69 -23.60 -4.74
C PHE C 202 21.38 -22.50 -5.47
N ILE C 203 21.04 -22.32 -6.73
CA ILE C 203 21.63 -21.27 -7.54
C ILE C 203 20.68 -20.07 -7.65
N VAL C 204 21.11 -18.93 -7.12
CA VAL C 204 20.35 -17.70 -7.21
C VAL C 204 20.66 -17.00 -8.55
N LYS C 205 19.66 -16.97 -9.44
CA LYS C 205 19.79 -16.30 -10.73
C LYS C 205 19.52 -14.80 -10.59
N GLY C 206 20.52 -13.98 -10.89
CA GLY C 206 20.34 -12.54 -10.92
C GLY C 206 20.75 -11.99 -12.27
N ARG C 207 20.81 -10.67 -12.36
CA ARG C 207 21.28 -10.03 -13.59
C ARG C 207 22.81 -10.04 -13.64
N LYS C 208 23.43 -9.70 -12.51
CA LYS C 208 24.87 -9.44 -12.45
C LYS C 208 25.72 -10.72 -12.31
N GLY C 209 25.09 -11.86 -12.04
CA GLY C 209 25.81 -13.13 -11.95
C GLY C 209 25.14 -14.15 -11.05
N ASP C 210 25.27 -15.42 -11.40
CA ASP C 210 24.73 -16.53 -10.61
C ASP C 210 25.52 -16.66 -9.30
N ILE C 211 24.80 -16.95 -8.20
CA ILE C 211 25.44 -17.15 -6.92
C ILE C 211 24.99 -18.48 -6.42
N THR C 212 25.93 -19.39 -6.16
CA THR C 212 25.58 -20.70 -5.63
C THR C 212 25.65 -20.62 -4.12
N VAL C 213 24.55 -20.98 -3.48
CA VAL C 213 24.43 -20.95 -2.02
C VAL C 213 24.33 -22.37 -1.49
N ASP C 214 25.29 -22.76 -0.67
CA ASP C 214 25.35 -24.12 -0.09
C ASP C 214 25.78 -24.14 1.38
N ALA C 215 25.63 -23.01 2.06
CA ALA C 215 26.00 -22.89 3.47
C ALA C 215 24.92 -22.13 4.22
N ASP C 216 24.54 -22.66 5.37
CA ASP C 216 23.55 -22.03 6.20
C ASP C 216 24.12 -20.70 6.67
N GLU C 217 23.53 -19.58 6.25
CA GLU C 217 24.17 -18.31 6.54
C GLU C 217 23.71 -17.67 7.84
N TYR C 218 22.72 -18.25 8.49
CA TYR C 218 22.24 -17.69 9.74
C TYR C 218 23.14 -18.04 10.93
N ILE C 219 23.93 -19.10 10.80
CA ILE C 219 24.81 -19.54 11.89
C ILE C 219 25.79 -18.42 12.24
N ARG C 220 25.85 -18.07 13.53
CA ARG C 220 26.80 -17.07 14.04
C ARG C 220 28.09 -17.76 14.41
N HIS C 221 29.17 -17.36 13.75
CA HIS C 221 30.50 -17.90 13.98
C HIS C 221 31.15 -17.30 15.23
N GLY C 222 31.56 -18.18 16.14
CA GLY C 222 32.25 -17.79 17.37
C GLY C 222 31.34 -17.11 18.37
N ALA C 223 30.15 -17.66 18.56
CA ALA C 223 29.20 -17.11 19.52
C ALA C 223 29.72 -17.38 20.91
N THR C 224 29.56 -16.40 21.80
CA THR C 224 30.00 -16.46 23.19
C THR C 224 28.84 -16.21 24.16
N LEU C 225 28.98 -16.73 25.37
CA LEU C 225 28.07 -16.39 26.45
C LEU C 225 28.04 -14.87 26.66
N ASP C 226 29.21 -14.24 26.55
CA ASP C 226 29.31 -12.79 26.73
C ASP C 226 28.46 -12.04 25.74
N SER C 227 28.53 -12.44 24.48
CA SER C 227 27.72 -11.81 23.44
C SER C 227 26.21 -11.92 23.75
N MET C 228 25.73 -13.12 24.10
CA MET C 228 24.31 -13.32 24.47
C MET C 228 23.85 -12.45 25.64
N ALA C 229 24.69 -12.33 26.66
CA ALA C 229 24.30 -11.69 27.92
C ALA C 229 24.24 -10.16 27.80
N LYS C 230 24.79 -9.62 26.70
CA LYS C 230 24.70 -8.19 26.38
C LYS C 230 23.31 -7.79 25.87
N LEU C 231 22.57 -8.75 25.30
CA LEU C 231 21.32 -8.43 24.59
C LEU C 231 20.16 -8.08 25.52
N ARG C 232 19.19 -7.37 24.96
CA ARG C 232 18.03 -6.92 25.71
C ARG C 232 16.85 -7.85 25.45
N PRO C 233 15.94 -7.98 26.42
CA PRO C 233 14.70 -8.74 26.22
C PRO C 233 13.88 -8.17 25.07
N ALA C 234 13.39 -9.03 24.19
CA ALA C 234 12.71 -8.60 22.96
C ALA C 234 11.16 -8.55 23.05
N PHE C 235 10.59 -9.11 24.13
CA PHE C 235 9.14 -9.25 24.30
C PHE C 235 8.58 -8.77 25.65
N ASP C 236 9.43 -8.64 26.67
CA ASP C 236 9.04 -8.25 28.03
C ASP C 236 10.20 -7.54 28.71
N LYS C 237 10.00 -6.29 29.16
CA LYS C 237 11.13 -5.48 29.66
C LYS C 237 11.87 -6.09 30.89
N GLU C 238 11.21 -7.01 31.61
CA GLU C 238 11.87 -7.81 32.65
C GLU C 238 11.78 -9.30 32.32
N GLY C 239 11.90 -9.60 31.03
CA GLY C 239 11.81 -10.95 30.52
C GLY C 239 13.18 -11.52 30.23
N THR C 240 13.21 -12.79 29.85
CA THR C 240 14.43 -13.53 29.58
C THR C 240 14.69 -13.84 28.11
N VAL C 241 13.69 -13.65 27.25
CA VAL C 241 13.74 -14.05 25.84
C VAL C 241 14.30 -12.87 25.01
N THR C 242 15.41 -13.10 24.34
CA THR C 242 16.05 -12.12 23.43
C THR C 242 16.07 -12.66 21.99
N ALA C 243 16.64 -11.85 21.09
CA ALA C 243 16.93 -12.24 19.71
C ALA C 243 18.07 -13.29 19.64
N GLY C 244 18.94 -13.29 20.64
CA GLY C 244 20.05 -14.21 20.71
C GLY C 244 19.69 -15.61 21.20
N ASN C 245 18.67 -15.73 22.05
CA ASN C 245 18.20 -17.05 22.49
C ASN C 245 16.84 -17.47 21.86
N ALA C 246 16.41 -16.74 20.83
CA ALA C 246 15.28 -17.15 20.00
C ALA C 246 15.78 -17.40 18.60
N SER C 247 15.09 -18.28 17.88
CA SER C 247 15.40 -18.51 16.47
C SER C 247 15.15 -17.24 15.67
N GLY C 248 15.20 -17.35 14.35
CA GLY C 248 15.10 -16.19 13.50
C GLY C 248 14.03 -16.36 12.46
N LEU C 249 14.06 -15.43 11.51
CA LEU C 249 13.22 -15.35 10.33
C LEU C 249 14.05 -15.80 9.15
N ASN C 250 13.60 -16.80 8.46
CA ASN C 250 14.46 -17.52 7.53
C ASN C 250 13.76 -18.05 6.28
N ASP C 251 14.57 -18.39 5.27
CA ASP C 251 14.08 -18.86 3.98
C ASP C 251 14.70 -20.21 3.74
N GLY C 252 13.96 -21.14 3.19
CA GLY C 252 14.54 -22.42 2.82
C GLY C 252 13.49 -23.42 2.46
N ALA C 253 13.93 -24.54 1.91
CA ALA C 253 13.02 -25.64 1.62
C ALA C 253 13.67 -26.97 1.96
N ALA C 254 12.84 -27.97 2.21
CA ALA C 254 13.35 -29.31 2.53
C ALA C 254 12.33 -30.37 2.21
N ALA C 255 12.77 -31.53 1.74
CA ALA C 255 11.88 -32.61 1.35
C ALA C 255 12.50 -33.98 1.52
N ALA C 256 11.66 -34.98 1.33
CA ALA C 256 12.04 -36.37 1.43
C ALA C 256 11.25 -37.16 0.39
N LEU C 257 11.84 -38.22 -0.17
CA LEU C 257 11.14 -39.05 -1.15
C LEU C 257 10.68 -40.30 -0.43
N LEU C 258 9.38 -40.57 -0.46
CA LEU C 258 8.81 -41.70 0.29
C LEU C 258 8.28 -42.77 -0.64
N MET C 259 8.44 -44.02 -0.25
CA MET C 259 7.91 -45.14 -0.99
C MET C 259 7.83 -46.30 -0.03
N SER C 260 7.37 -47.45 -0.49
CA SER C 260 7.28 -48.58 0.40
C SER C 260 8.67 -49.19 0.52
N GLU C 261 8.89 -49.89 1.64
CA GLU C 261 10.12 -50.62 1.87
C GLU C 261 10.43 -51.52 0.70
N ALA C 262 9.39 -52.21 0.23
CA ALA C 262 9.53 -53.24 -0.80
C ALA C 262 9.93 -52.61 -2.13
N GLU C 263 9.44 -51.42 -2.42
CA GLU C 263 9.77 -50.74 -3.66
C GLU C 263 11.20 -50.20 -3.66
N ALA C 264 11.68 -49.72 -2.50
CA ALA C 264 13.09 -49.35 -2.35
C ALA C 264 14.03 -50.53 -2.66
N SER C 265 13.72 -51.71 -2.11
CA SER C 265 14.45 -52.94 -2.37
C SER C 265 14.44 -53.34 -3.87
N ARG C 266 13.32 -53.12 -4.55
CA ARG C 266 13.19 -53.36 -6.00
C ARG C 266 14.16 -52.46 -6.79
N ARG C 267 14.34 -51.24 -6.31
CA ARG C 267 15.13 -50.24 -7.03
C ARG C 267 16.59 -50.17 -6.58
N GLY C 268 16.99 -51.05 -5.67
CA GLY C 268 18.33 -51.03 -5.09
C GLY C 268 18.61 -49.87 -4.16
N ILE C 269 17.58 -49.10 -3.82
CA ILE C 269 17.73 -47.95 -2.95
C ILE C 269 17.96 -48.39 -1.50
N GLN C 270 18.99 -47.82 -0.87
CA GLN C 270 19.27 -48.02 0.55
C GLN C 270 18.72 -46.80 1.32
N PRO C 271 17.51 -46.92 1.86
CA PRO C 271 16.82 -45.77 2.46
C PRO C 271 17.45 -45.27 3.75
N LEU C 272 17.16 -44.02 4.02
CA LEU C 272 17.59 -43.30 5.20
C LEU C 272 16.81 -43.75 6.45
N GLY C 273 15.68 -44.40 6.27
CA GLY C 273 14.95 -44.91 7.40
C GLY C 273 13.53 -45.32 7.10
N ARG C 274 12.92 -45.97 8.08
CA ARG C 274 11.53 -46.40 8.02
C ARG C 274 10.78 -45.49 8.98
N ILE C 275 9.61 -45.03 8.54
CA ILE C 275 8.76 -44.18 9.37
C ILE C 275 8.01 -45.16 10.22
N VAL C 276 8.36 -45.24 11.50
CA VAL C 276 7.70 -46.17 12.40
C VAL C 276 6.44 -45.60 13.05
N SER C 277 6.44 -44.30 13.35
CA SER C 277 5.23 -43.67 13.88
C SER C 277 5.31 -42.15 13.73
N TRP C 278 4.19 -41.49 14.02
CA TRP C 278 4.18 -40.04 14.10
C TRP C 278 3.04 -39.69 15.02
N ALA C 279 2.97 -38.46 15.49
CA ALA C 279 1.81 -38.03 16.25
C ALA C 279 1.74 -36.53 16.30
N THR C 280 0.52 -36.03 16.48
CA THR C 280 0.32 -34.63 16.73
C THR C 280 -0.69 -34.47 17.88
N VAL C 281 -0.39 -33.55 18.80
CA VAL C 281 -1.30 -33.25 19.88
C VAL C 281 -1.39 -31.74 20.11
N GLY C 282 -2.45 -31.32 20.79
CA GLY C 282 -2.69 -29.93 21.08
C GLY C 282 -2.41 -29.56 22.53
N VAL C 283 -2.17 -28.27 22.77
CA VAL C 283 -1.95 -27.74 24.11
C VAL C 283 -2.44 -26.30 24.12
N ASP C 284 -2.37 -25.69 25.29
CA ASP C 284 -2.76 -24.28 25.46
C ASP C 284 -1.89 -23.47 24.53
N PRO C 285 -2.51 -22.63 23.68
CA PRO C 285 -1.76 -21.71 22.81
C PRO C 285 -0.83 -20.76 23.60
N LYS C 286 -1.22 -20.40 24.82
CA LYS C 286 -0.40 -19.56 25.69
C LYS C 286 1.00 -20.13 25.89
N VAL C 287 1.10 -21.45 25.98
CA VAL C 287 2.36 -22.16 26.22
C VAL C 287 2.63 -23.20 25.10
N MET C 288 2.51 -22.75 23.85
CA MET C 288 2.62 -23.62 22.69
C MET C 288 3.98 -24.31 22.59
N GLY C 289 5.00 -23.70 23.18
CA GLY C 289 6.34 -24.27 23.27
C GLY C 289 6.45 -25.65 23.95
N THR C 290 5.43 -26.04 24.73
CA THR C 290 5.38 -27.37 25.35
C THR C 290 4.83 -28.47 24.46
N GLY C 291 4.31 -28.08 23.29
CA GLY C 291 3.76 -29.02 22.31
C GLY C 291 4.51 -30.31 22.15
N PRO C 292 5.83 -30.25 21.96
CA PRO C 292 6.64 -31.46 21.75
C PRO C 292 6.58 -32.54 22.83
N ILE C 293 6.18 -32.19 24.06
CA ILE C 293 6.18 -33.15 25.15
C ILE C 293 5.12 -34.23 24.96
N PRO C 294 3.83 -33.89 24.90
CA PRO C 294 2.81 -34.92 24.58
C PRO C 294 2.97 -35.46 23.18
N ALA C 295 3.46 -34.65 22.24
CA ALA C 295 3.70 -35.13 20.87
C ALA C 295 4.74 -36.27 20.78
N SER C 296 5.92 -36.05 21.36
CA SER C 296 6.97 -37.06 21.42
C SER C 296 6.52 -38.29 22.21
N ARG C 297 5.76 -38.10 23.28
CA ARG C 297 5.31 -39.24 24.09
C ARG C 297 4.29 -40.11 23.34
N LYS C 298 3.29 -39.48 22.72
CA LYS C 298 2.33 -40.23 21.90
C LYS C 298 3.06 -40.96 20.76
N ALA C 299 4.04 -40.28 20.15
CA ALA C 299 4.78 -40.87 19.02
C ALA C 299 5.53 -42.13 19.48
N LEU C 300 6.16 -42.05 20.65
CA LEU C 300 6.94 -43.16 21.21
C LEU C 300 6.07 -44.36 21.62
N GLU C 301 4.93 -44.08 22.24
CA GLU C 301 3.88 -45.05 22.50
C GLU C 301 3.43 -45.77 21.21
N ARG C 302 3.22 -45.01 20.14
CA ARG C 302 2.80 -45.61 18.88
C ARG C 302 3.90 -46.48 18.27
N ALA C 303 5.16 -46.14 18.51
CA ALA C 303 6.30 -46.94 18.04
C ALA C 303 6.64 -48.15 18.95
N GLY C 304 6.03 -48.24 20.13
CA GLY C 304 6.43 -49.22 21.14
C GLY C 304 7.80 -48.97 21.79
N TRP C 305 8.27 -47.72 21.75
CA TRP C 305 9.60 -47.38 22.26
C TRP C 305 9.52 -46.69 23.60
N LYS C 306 10.54 -46.90 24.43
CA LYS C 306 10.80 -46.08 25.61
C LYS C 306 11.74 -44.96 25.16
N ILE C 307 11.77 -43.87 25.93
CA ILE C 307 12.56 -42.68 25.56
C ILE C 307 14.06 -42.98 25.45
N GLY C 308 14.52 -43.93 26.26
CA GLY C 308 15.91 -44.34 26.30
C GLY C 308 16.36 -45.18 25.13
N ASP C 309 15.40 -45.67 24.34
CA ASP C 309 15.74 -46.37 23.10
C ASP C 309 16.26 -45.40 22.05
N LEU C 310 15.88 -44.12 22.15
CA LEU C 310 16.30 -43.14 21.15
C LEU C 310 17.81 -42.99 21.15
N ASP C 311 18.41 -42.88 19.97
CA ASP C 311 19.86 -42.70 19.83
C ASP C 311 20.17 -41.29 19.37
N LEU C 312 19.15 -40.62 18.83
CA LEU C 312 19.31 -39.27 18.28
C LEU C 312 17.99 -38.53 18.17
N VAL C 313 18.00 -37.26 18.52
CA VAL C 313 16.79 -36.46 18.55
C VAL C 313 17.04 -35.10 17.85
N GLU C 314 16.05 -34.65 17.09
CA GLU C 314 15.98 -33.27 16.61
C GLU C 314 14.70 -32.74 17.21
N ALA C 315 14.83 -31.93 18.26
CA ALA C 315 13.69 -31.23 18.86
C ALA C 315 13.93 -29.75 18.58
N ASN C 316 13.10 -29.19 17.72
CA ASN C 316 13.30 -27.84 17.16
C ASN C 316 13.37 -26.74 18.22
N GLU C 317 14.32 -25.84 18.03
CA GLU C 317 14.58 -24.75 18.95
C GLU C 317 13.89 -23.51 18.42
N ALA C 318 12.58 -23.38 18.63
CA ALA C 318 11.94 -22.11 18.30
C ALA C 318 12.45 -21.06 19.29
N PHE C 319 12.52 -21.43 20.56
CA PHE C 319 13.02 -20.58 21.65
C PHE C 319 13.76 -21.40 22.68
N ALA C 320 14.88 -20.89 23.18
CA ALA C 320 15.64 -21.57 24.24
C ALA C 320 14.76 -21.94 25.44
N ALA C 321 13.81 -21.05 25.76
CA ALA C 321 12.95 -21.29 26.91
C ALA C 321 12.17 -22.59 26.69
N GLN C 322 11.59 -22.77 25.51
CA GLN C 322 10.77 -23.96 25.25
C GLN C 322 11.62 -25.20 25.01
N ALA C 323 12.73 -25.02 24.28
CA ALA C 323 13.68 -26.11 24.03
C ALA C 323 14.25 -26.70 25.32
N CYS C 324 14.64 -25.85 26.25
CA CYS C 324 15.16 -26.29 27.55
C CYS C 324 14.11 -27.05 28.33
N ALA C 325 12.87 -26.55 28.28
CA ALA C 325 11.71 -27.06 29.03
C ALA C 325 11.33 -28.46 28.54
N VAL C 326 11.27 -28.61 27.22
CA VAL C 326 10.99 -29.90 26.62
C VAL C 326 12.06 -30.92 27.06
N ASN C 327 13.33 -30.53 27.01
CA ASN C 327 14.46 -31.40 27.34
C ASN C 327 14.43 -31.83 28.81
N LYS C 328 14.09 -30.91 29.69
CA LYS C 328 14.02 -31.17 31.13
C LYS C 328 12.83 -32.10 31.46
N ASP C 329 11.76 -32.02 30.70
CA ASP C 329 10.58 -32.83 30.99
C ASP C 329 10.79 -34.28 30.54
N LEU C 330 11.26 -34.45 29.32
CA LEU C 330 11.33 -35.77 28.69
C LEU C 330 12.53 -36.55 29.20
N GLY C 331 13.56 -35.80 29.58
CA GLY C 331 14.70 -36.36 30.27
C GLY C 331 15.67 -37.10 29.38
N TRP C 332 15.52 -36.93 28.07
CA TRP C 332 16.48 -37.49 27.16
C TRP C 332 17.83 -36.79 27.33
N ASP C 333 18.91 -37.54 27.09
CA ASP C 333 20.29 -37.08 27.21
C ASP C 333 20.47 -35.87 26.29
N PRO C 334 20.69 -34.68 26.84
CA PRO C 334 20.81 -33.49 25.98
C PRO C 334 21.89 -33.69 24.93
N SER C 335 22.85 -34.57 25.18
CA SER C 335 23.94 -34.85 24.23
C SER C 335 23.55 -35.61 22.94
N ILE C 336 22.37 -36.22 22.89
CA ILE C 336 21.87 -36.80 21.63
C ILE C 336 20.82 -35.91 20.94
N VAL C 337 20.60 -34.70 21.48
CA VAL C 337 19.62 -33.78 20.93
C VAL C 337 20.30 -32.64 20.17
N ASN C 338 19.81 -32.36 18.96
CA ASN C 338 20.34 -31.29 18.09
C ASN C 338 21.85 -31.28 18.12
N VAL C 339 22.39 -32.38 17.65
CA VAL C 339 23.76 -32.72 17.86
C VAL C 339 24.68 -31.84 16.97
N ASN C 340 24.16 -31.45 15.83
CA ASN C 340 24.81 -30.50 14.93
C ASN C 340 24.27 -29.06 15.09
N GLY C 341 23.67 -28.75 16.23
CA GLY C 341 23.00 -27.48 16.44
C GLY C 341 21.53 -27.49 16.04
N GLY C 342 20.78 -26.49 16.48
CA GLY C 342 19.36 -26.39 16.18
C GLY C 342 19.03 -25.02 15.66
N ALA C 343 17.75 -24.65 15.66
CA ALA C 343 17.22 -23.54 14.87
C ALA C 343 17.63 -22.15 15.35
N ILE C 344 18.06 -22.00 16.60
CA ILE C 344 18.55 -20.69 17.05
C ILE C 344 19.73 -20.29 16.18
N ALA C 345 20.54 -21.28 15.79
CA ALA C 345 21.71 -21.10 14.93
C ALA C 345 21.37 -21.17 13.43
N ILE C 346 20.59 -22.17 13.08
CA ILE C 346 20.37 -22.53 11.68
C ILE C 346 19.25 -21.74 11.04
N GLY C 347 18.25 -21.41 11.84
CA GLY C 347 17.11 -20.63 11.37
C GLY C 347 15.81 -21.41 11.37
N HIS C 348 14.71 -20.68 11.17
CA HIS C 348 13.37 -21.27 11.30
C HIS C 348 12.49 -20.80 10.14
N PRO C 349 12.70 -21.40 8.98
CA PRO C 349 11.86 -21.13 7.82
C PRO C 349 10.60 -21.95 8.00
N ILE C 350 9.60 -21.28 8.59
CA ILE C 350 8.47 -21.93 9.25
C ILE C 350 7.98 -23.21 8.60
N GLY C 351 7.51 -23.12 7.36
CA GLY C 351 6.87 -24.24 6.69
C GLY C 351 7.82 -25.36 6.35
N ALA C 352 9.08 -25.00 6.05
CA ALA C 352 10.15 -25.97 5.78
C ALA C 352 10.76 -26.61 7.03
N SER C 353 10.63 -25.94 8.18
CA SER C 353 11.40 -26.31 9.39
C SER C 353 11.32 -27.77 9.75
N GLY C 354 10.15 -28.39 9.62
CA GLY C 354 9.96 -29.75 10.11
C GLY C 354 10.61 -30.78 9.22
N ALA C 355 10.70 -30.44 7.94
CA ALA C 355 11.45 -31.24 6.99
C ALA C 355 12.94 -30.92 7.09
N ARG C 356 13.27 -29.68 7.51
CA ARG C 356 14.64 -29.29 7.70
C ARG C 356 15.27 -30.13 8.80
N ILE C 357 14.62 -30.20 9.96
CA ILE C 357 15.20 -30.97 11.06
C ILE C 357 15.16 -32.47 10.79
N LEU C 358 14.17 -32.92 10.03
CA LEU C 358 14.13 -34.32 9.62
C LEU C 358 15.37 -34.64 8.79
N ASN C 359 15.74 -33.75 7.88
CA ASN C 359 16.94 -33.95 7.06
C ASN C 359 18.17 -34.14 7.93
N THR C 360 18.35 -33.22 8.88
CA THR C 360 19.50 -33.25 9.80
C THR C 360 19.59 -34.53 10.62
N LEU C 361 18.46 -35.00 11.10
CA LEU C 361 18.35 -36.25 11.86
C LEU C 361 18.77 -37.46 11.00
N LEU C 362 18.20 -37.55 9.80
CA LEU C 362 18.39 -38.68 8.90
C LEU C 362 19.84 -38.78 8.45
N PHE C 363 20.47 -37.66 8.15
CA PHE C 363 21.84 -37.74 7.65
C PHE C 363 22.83 -37.98 8.78
N GLU C 364 22.54 -37.46 9.97
CA GLU C 364 23.38 -37.75 11.14
C GLU C 364 23.15 -39.17 11.67
N MET C 365 21.93 -39.69 11.55
CA MET C 365 21.67 -41.08 11.96
C MET C 365 22.51 -41.97 11.09
N LYS C 366 22.58 -41.62 9.80
CA LYS C 366 23.35 -42.41 8.85
C LYS C 366 24.83 -42.37 9.18
N ARG C 367 25.36 -41.17 9.39
CA ARG C 367 26.80 -40.98 9.56
C ARG C 367 27.35 -41.58 10.86
N ARG C 368 26.57 -41.56 11.95
CA ARG C 368 26.99 -42.24 13.19
C ARG C 368 26.38 -43.63 13.41
N GLY C 369 25.61 -44.11 12.45
CA GLY C 369 25.02 -45.43 12.54
C GLY C 369 24.00 -45.56 13.67
N ALA C 370 23.34 -44.47 14.01
CA ALA C 370 22.22 -44.54 14.94
C ALA C 370 21.09 -45.41 14.35
N ARG C 371 20.33 -46.04 15.24
CA ARG C 371 19.26 -46.92 14.83
C ARG C 371 17.88 -46.32 14.97
N LYS C 372 17.67 -45.52 16.01
CA LYS C 372 16.35 -45.03 16.36
C LYS C 372 16.44 -43.53 16.63
N GLY C 373 15.50 -42.77 16.08
CA GLY C 373 15.56 -41.31 16.13
C GLY C 373 14.19 -40.68 16.16
N LEU C 374 14.10 -39.45 16.67
CA LEU C 374 12.82 -38.76 16.78
C LEU C 374 13.01 -37.31 16.37
N ALA C 375 12.08 -36.79 15.57
CA ALA C 375 12.02 -35.36 15.26
C ALA C 375 10.71 -34.80 15.77
N THR C 376 10.74 -33.60 16.33
CA THR C 376 9.55 -33.00 16.91
C THR C 376 9.70 -31.49 16.94
N LEU C 377 8.56 -30.81 16.88
CA LEU C 377 8.52 -29.33 16.91
C LEU C 377 7.28 -28.84 17.63
N CYS C 378 7.42 -27.70 18.30
CA CYS C 378 6.28 -27.00 18.85
C CYS C 378 5.61 -26.24 17.72
N ILE C 379 4.33 -25.92 17.90
CA ILE C 379 3.51 -25.34 16.85
C ILE C 379 2.67 -24.21 17.46
N GLY C 380 2.75 -23.05 16.82
CA GLY C 380 2.00 -21.88 17.26
C GLY C 380 0.50 -22.17 17.22
N GLY C 381 -0.25 -21.57 18.13
CA GLY C 381 -1.65 -21.88 18.30
C GLY C 381 -1.85 -23.08 19.24
N GLY C 382 -0.76 -23.65 19.73
CA GLY C 382 -0.79 -24.71 20.73
C GLY C 382 -0.88 -26.11 20.13
N MET C 383 0.18 -26.53 19.47
CA MET C 383 0.24 -27.91 19.04
C MET C 383 1.68 -28.41 19.06
N GLY C 384 1.81 -29.72 18.89
CA GLY C 384 3.08 -30.37 18.70
C GLY C 384 2.93 -31.48 17.71
N VAL C 385 4.04 -31.81 17.05
CA VAL C 385 4.13 -32.92 16.10
C VAL C 385 5.44 -33.69 16.28
N ALA C 386 5.41 -34.99 16.07
CA ALA C 386 6.61 -35.78 16.25
C ALA C 386 6.61 -36.97 15.32
N MET C 387 7.79 -37.47 15.01
CA MET C 387 7.93 -38.62 14.14
C MET C 387 9.06 -39.52 14.61
N CYS C 388 8.81 -40.81 14.62
CA CYS C 388 9.85 -41.78 14.94
C CYS C 388 10.34 -42.47 13.66
N ILE C 389 11.67 -42.55 13.53
CA ILE C 389 12.35 -43.07 12.35
C ILE C 389 13.32 -44.15 12.81
N GLU C 390 13.30 -45.29 12.12
CA GLU C 390 14.25 -46.37 12.39
C GLU C 390 15.13 -46.63 11.15
N SER C 391 16.44 -46.72 11.33
CA SER C 391 17.34 -47.04 10.22
C SER C 391 17.13 -48.47 9.76
N LEU C 392 17.32 -48.71 8.47
CA LEU C 392 17.09 -50.04 7.91
C LEU C 392 18.24 -50.96 8.30
N SER D 1 -11.19 -57.05 5.53
CA SER D 1 -10.87 -56.32 6.79
C SER D 1 -10.39 -54.87 6.52
N THR D 2 -10.71 -54.34 5.33
CA THR D 2 -10.29 -52.98 4.93
C THR D 2 -11.05 -51.94 5.78
N PRO D 3 -10.44 -50.79 6.09
CA PRO D 3 -11.15 -49.77 6.87
C PRO D 3 -12.34 -49.14 6.15
N SER D 4 -13.48 -49.16 6.83
CA SER D 4 -14.72 -48.56 6.34
C SER D 4 -14.91 -47.30 7.16
N ILE D 5 -14.76 -46.15 6.51
CA ILE D 5 -14.98 -44.85 7.12
C ILE D 5 -16.25 -44.26 6.53
N VAL D 6 -17.13 -43.78 7.39
CA VAL D 6 -18.41 -43.16 7.00
C VAL D 6 -18.42 -41.67 7.30
N ILE D 7 -19.35 -40.95 6.68
CA ILE D 7 -19.66 -39.58 7.02
C ILE D 7 -20.88 -39.65 7.91
N ALA D 8 -20.67 -39.45 9.20
CA ALA D 8 -21.75 -39.49 10.18
C ALA D 8 -22.72 -38.31 10.01
N SER D 9 -22.19 -37.17 9.57
CA SER D 9 -23.01 -35.96 9.41
C SER D 9 -22.27 -34.94 8.59
N ALA D 10 -23.00 -33.98 8.05
CA ALA D 10 -22.38 -32.90 7.29
C ALA D 10 -23.19 -31.61 7.38
N ALA D 11 -22.59 -30.49 6.97
CA ALA D 11 -23.34 -29.24 6.91
C ALA D 11 -22.53 -28.18 6.22
N ARG D 12 -23.25 -27.25 5.63
CA ARG D 12 -22.60 -26.14 4.97
C ARG D 12 -23.33 -24.88 5.25
N THR D 13 -22.63 -23.75 5.18
CA THR D 13 -23.34 -22.50 5.18
C THR D 13 -23.95 -22.37 3.83
N ALA D 14 -24.86 -21.42 3.73
CA ALA D 14 -25.23 -20.88 2.46
C ALA D 14 -23.97 -20.25 1.88
N VAL D 15 -24.00 -20.15 0.56
CA VAL D 15 -22.95 -19.56 -0.20
C VAL D 15 -23.34 -18.11 -0.43
N GLY D 16 -22.46 -17.21 0.03
CA GLY D 16 -22.64 -15.80 -0.17
C GLY D 16 -22.07 -15.35 -1.49
N SER D 17 -22.64 -14.27 -2.00
CA SER D 17 -22.19 -13.59 -3.20
C SER D 17 -21.03 -12.68 -2.84
N PHE D 18 -20.24 -12.35 -3.84
CA PHE D 18 -19.01 -11.57 -3.65
C PHE D 18 -19.34 -10.23 -2.98
N ASN D 19 -18.72 -9.96 -1.84
CA ASN D 19 -18.97 -8.75 -1.07
C ASN D 19 -20.45 -8.59 -0.72
N GLY D 20 -21.10 -9.74 -0.48
CA GLY D 20 -22.53 -9.78 -0.21
C GLY D 20 -22.74 -10.09 1.25
N ALA D 21 -23.57 -11.08 1.53
CA ALA D 21 -23.99 -11.45 2.89
C ALA D 21 -22.83 -11.58 3.90
N PHE D 22 -21.70 -12.12 3.42
CA PHE D 22 -20.54 -12.41 4.26
C PHE D 22 -19.38 -11.52 3.84
N ALA D 23 -19.68 -10.30 3.43
CA ALA D 23 -18.67 -9.36 2.90
C ALA D 23 -17.53 -9.14 3.86
N ASN D 24 -17.85 -9.13 5.15
CA ASN D 24 -16.88 -8.84 6.20
C ASN D 24 -16.71 -9.99 7.18
N THR D 25 -17.02 -11.20 6.76
CA THR D 25 -16.98 -12.37 7.63
C THR D 25 -15.73 -13.22 7.36
N PRO D 26 -14.79 -13.28 8.31
CA PRO D 26 -13.60 -14.12 8.12
C PRO D 26 -13.99 -15.58 7.89
N ALA D 27 -13.24 -16.25 7.01
CA ALA D 27 -13.45 -17.66 6.67
C ALA D 27 -13.65 -18.56 7.88
N HIS D 28 -12.87 -18.30 8.94
CA HIS D 28 -12.79 -19.17 10.10
C HIS D 28 -14.06 -19.11 10.91
N GLU D 29 -14.75 -17.97 10.85
CA GLU D 29 -16.08 -17.88 11.49
C GLU D 29 -17.11 -18.73 10.76
N LEU D 30 -17.04 -18.77 9.44
CA LEU D 30 -17.95 -19.60 8.67
C LEU D 30 -17.65 -21.04 8.96
N GLY D 31 -16.36 -21.36 9.09
CA GLY D 31 -15.92 -22.71 9.40
C GLY D 31 -16.38 -23.20 10.76
N ALA D 32 -16.25 -22.34 11.77
CA ALA D 32 -16.67 -22.68 13.13
C ALA D 32 -18.16 -23.08 13.18
N THR D 33 -18.98 -22.35 12.46
CA THR D 33 -20.41 -22.66 12.45
C THR D 33 -20.67 -24.06 11.90
N VAL D 34 -20.01 -24.43 10.80
CA VAL D 34 -20.22 -25.77 10.22
C VAL D 34 -19.65 -26.84 11.09
N ILE D 35 -18.52 -26.58 11.71
CA ILE D 35 -17.93 -27.51 12.67
C ILE D 35 -18.91 -27.81 13.80
N SER D 36 -19.44 -26.79 14.46
CA SER D 36 -20.40 -26.99 15.57
C SER D 36 -21.64 -27.73 15.06
N ALA D 37 -22.02 -27.46 13.81
CA ALA D 37 -23.23 -28.02 13.23
C ALA D 37 -23.09 -29.52 12.98
N VAL D 38 -21.96 -29.94 12.42
CA VAL D 38 -21.78 -31.38 12.17
C VAL D 38 -21.77 -32.15 13.49
N LEU D 39 -21.29 -31.51 14.55
CA LEU D 39 -21.19 -32.11 15.88
C LEU D 39 -22.56 -32.24 16.55
N GLU D 40 -23.35 -31.17 16.45
CA GLU D 40 -24.73 -31.15 16.94
C GLU D 40 -25.60 -32.13 16.16
N ARG D 41 -25.47 -32.11 14.84
CA ARG D 41 -26.20 -33.02 13.94
C ARG D 41 -25.97 -34.52 14.21
N ALA D 42 -24.75 -34.85 14.65
CA ALA D 42 -24.34 -36.24 14.95
C ALA D 42 -24.51 -36.61 16.44
N GLY D 43 -24.70 -35.61 17.31
CA GLY D 43 -24.82 -35.85 18.75
C GLY D 43 -23.48 -36.18 19.37
N VAL D 44 -22.40 -35.71 18.73
CA VAL D 44 -21.05 -35.92 19.20
C VAL D 44 -20.56 -34.64 19.88
N ALA D 45 -19.85 -34.80 20.98
CA ALA D 45 -19.29 -33.66 21.71
C ALA D 45 -18.00 -33.22 21.05
N ALA D 46 -17.77 -31.91 21.08
CA ALA D 46 -16.60 -31.32 20.43
C ALA D 46 -15.29 -31.88 20.96
N GLY D 47 -15.29 -32.26 22.22
CA GLY D 47 -14.07 -32.75 22.85
C GLY D 47 -13.61 -34.08 22.31
N GLU D 48 -14.49 -34.77 21.60
CA GLU D 48 -14.21 -36.09 21.03
C GLU D 48 -13.52 -35.98 19.66
N VAL D 49 -13.49 -34.78 19.09
CA VAL D 49 -12.86 -34.51 17.82
C VAL D 49 -11.34 -34.58 18.00
N ASN D 50 -10.68 -35.44 17.23
CA ASN D 50 -9.22 -35.52 17.27
C ASN D 50 -8.59 -34.33 16.56
N GLU D 51 -9.16 -33.97 15.40
CA GLU D 51 -8.55 -33.01 14.48
C GLU D 51 -9.53 -32.45 13.45
N VAL D 52 -9.34 -31.18 13.09
CA VAL D 52 -10.09 -30.49 12.07
C VAL D 52 -9.14 -30.21 10.89
N ILE D 53 -9.54 -30.62 9.69
CA ILE D 53 -8.77 -30.43 8.47
C ILE D 53 -9.60 -29.56 7.58
N LEU D 54 -9.15 -28.33 7.28
CA LEU D 54 -9.94 -27.41 6.46
C LEU D 54 -9.15 -26.82 5.28
N GLY D 55 -9.62 -27.13 4.07
CA GLY D 55 -9.12 -26.51 2.87
C GLY D 55 -9.48 -25.04 2.80
N GLN D 56 -8.51 -24.26 2.34
CA GLN D 56 -8.66 -22.83 2.21
C GLN D 56 -7.50 -22.33 1.36
N VAL D 57 -7.82 -21.54 0.35
CA VAL D 57 -6.87 -21.12 -0.65
C VAL D 57 -6.36 -19.71 -0.37
N LEU D 58 -7.19 -18.90 0.29
CA LEU D 58 -6.94 -17.46 0.38
C LEU D 58 -6.95 -17.00 1.85
N PRO D 59 -5.95 -17.47 2.59
CA PRO D 59 -5.85 -17.16 4.02
C PRO D 59 -5.14 -15.85 4.35
N ALA D 60 -4.60 -15.15 3.37
CA ALA D 60 -3.74 -13.99 3.69
C ALA D 60 -4.42 -13.02 4.66
N GLY D 61 -3.68 -12.60 5.68
CA GLY D 61 -4.14 -11.67 6.70
C GLY D 61 -5.14 -12.18 7.75
N GLU D 62 -5.49 -13.46 7.73
CA GLU D 62 -6.45 -14.00 8.69
C GLU D 62 -5.77 -14.49 9.96
N GLY D 63 -4.43 -14.45 9.98
CA GLY D 63 -3.65 -14.85 11.15
C GLY D 63 -3.22 -16.30 11.12
N GLN D 64 -2.59 -16.74 12.21
CA GLN D 64 -2.09 -18.12 12.27
C GLN D 64 -3.22 -19.11 12.04
N ASN D 65 -2.96 -20.03 11.11
CA ASN D 65 -3.74 -21.24 10.93
C ASN D 65 -5.23 -21.07 11.20
N PRO D 66 -5.93 -20.43 10.26
CA PRO D 66 -7.39 -20.25 10.39
C PRO D 66 -8.20 -21.52 10.69
N ALA D 67 -7.73 -22.70 10.28
CA ALA D 67 -8.42 -23.94 10.60
C ALA D 67 -8.50 -24.14 12.11
N ARG D 68 -7.39 -23.83 12.77
CA ARG D 68 -7.28 -23.86 14.23
C ARG D 68 -8.17 -22.81 14.81
N GLN D 69 -8.21 -21.62 14.23
CA GLN D 69 -9.11 -20.59 14.76
C GLN D 69 -10.56 -21.06 14.64
N ALA D 70 -10.89 -21.75 13.55
CA ALA D 70 -12.23 -22.25 13.34
C ALA D 70 -12.58 -23.29 14.41
N ALA D 71 -11.67 -24.23 14.63
CA ALA D 71 -11.88 -25.31 15.60
C ALA D 71 -12.10 -24.78 17.01
N MET D 72 -11.29 -23.81 17.40
CA MET D 72 -11.32 -23.26 18.77
C MET D 72 -12.59 -22.45 19.01
N LYS D 73 -12.99 -21.68 18.01
CA LYS D 73 -14.25 -20.94 18.07
C LYS D 73 -15.49 -21.86 18.07
N ALA D 74 -15.40 -23.00 17.39
CA ALA D 74 -16.44 -24.04 17.47
C ALA D 74 -16.51 -24.78 18.82
N GLY D 75 -15.54 -24.57 19.70
CA GLY D 75 -15.54 -25.22 21.01
C GLY D 75 -14.78 -26.53 21.09
N VAL D 76 -14.16 -26.91 19.98
CA VAL D 76 -13.24 -28.04 19.98
C VAL D 76 -12.08 -27.62 20.89
N PRO D 77 -11.77 -28.42 21.92
CA PRO D 77 -10.75 -28.04 22.91
C PRO D 77 -9.31 -27.89 22.36
N GLN D 78 -8.43 -27.28 23.15
CA GLN D 78 -7.02 -27.03 22.77
C GLN D 78 -6.26 -28.32 22.48
N GLU D 79 -6.68 -29.42 23.10
CA GLU D 79 -6.07 -30.76 22.93
C GLU D 79 -6.13 -31.31 21.51
N ALA D 80 -7.23 -31.06 20.80
CA ALA D 80 -7.31 -31.46 19.39
C ALA D 80 -6.30 -30.71 18.55
N THR D 81 -6.19 -31.10 17.29
CA THR D 81 -5.34 -30.40 16.34
C THR D 81 -6.14 -29.89 15.16
N ALA D 82 -5.53 -29.01 14.40
CA ALA D 82 -6.13 -28.48 13.18
C ALA D 82 -5.07 -27.99 12.22
N TRP D 83 -5.38 -28.11 10.92
CA TRP D 83 -4.53 -27.60 9.86
C TRP D 83 -5.33 -27.29 8.58
N GLY D 84 -4.83 -26.34 7.81
CA GLY D 84 -5.37 -26.10 6.48
C GLY D 84 -4.60 -26.76 5.35
N MET D 85 -5.25 -26.88 4.20
CA MET D 85 -4.59 -27.39 3.01
C MET D 85 -5.17 -26.75 1.77
N ASN D 86 -4.40 -26.84 0.68
CA ASN D 86 -4.68 -26.15 -0.58
C ASN D 86 -4.37 -27.05 -1.79
N GLN D 87 -5.38 -27.72 -2.31
CA GLN D 87 -5.34 -28.21 -3.69
C GLN D 87 -6.32 -27.37 -4.51
N LEU D 88 -6.17 -26.05 -4.41
CA LEU D 88 -7.13 -25.09 -4.97
C LEU D 88 -8.60 -25.57 -4.95
N GLY D 90 -10.12 -28.30 -5.58
CA GLY D 90 -10.28 -29.62 -4.99
C GLY D 90 -10.18 -29.64 -3.46
N SER D 91 -9.70 -28.56 -2.84
CA SER D 91 -9.44 -28.51 -1.40
C SER D 91 -10.52 -29.09 -0.46
N GLY D 92 -11.76 -28.62 -0.56
CA GLY D 92 -12.83 -29.07 0.31
C GLY D 92 -13.15 -30.55 0.25
N LEU D 93 -13.00 -31.14 -0.93
CA LEU D 93 -13.25 -32.58 -1.05
C LEU D 93 -12.03 -33.36 -0.61
N ARG D 94 -10.87 -32.88 -1.03
CA ARG D 94 -9.62 -33.51 -0.70
C ARG D 94 -9.44 -33.63 0.82
N ALA D 95 -9.83 -32.58 1.53
CA ALA D 95 -9.76 -32.55 2.98
C ALA D 95 -10.51 -33.72 3.59
N VAL D 96 -11.65 -34.07 3.00
CA VAL D 96 -12.43 -35.22 3.43
C VAL D 96 -11.68 -36.54 3.18
N ALA D 97 -11.05 -36.67 2.02
CA ALA D 97 -10.20 -37.83 1.73
C ALA D 97 -9.06 -37.99 2.75
N LEU D 98 -8.41 -36.88 3.04
CA LEU D 98 -7.34 -36.76 4.01
C LEU D 98 -7.80 -37.12 5.42
N GLY D 99 -9.00 -36.66 5.81
CA GLY D 99 -9.57 -37.00 7.12
C GLY D 99 -9.84 -38.48 7.23
N MET D 100 -10.40 -39.04 6.13
CA MET D 100 -10.70 -40.46 6.03
C MET D 100 -9.43 -41.29 6.26
N GLN D 101 -8.30 -40.77 5.78
CA GLN D 101 -7.02 -41.45 5.84
C GLN D 101 -6.48 -41.45 7.29
N GLN D 102 -6.68 -40.34 8.01
CA GLN D 102 -6.32 -40.28 9.43
C GLN D 102 -6.93 -41.44 10.18
N ILE D 103 -8.21 -41.71 9.92
CA ILE D 103 -8.95 -42.80 10.57
C ILE D 103 -8.55 -44.17 10.05
N ALA D 104 -8.26 -44.26 8.75
CA ALA D 104 -7.87 -45.53 8.14
C ALA D 104 -6.50 -45.99 8.62
N THR D 105 -5.59 -45.04 8.92
CA THR D 105 -4.26 -45.41 9.45
C THR D 105 -4.17 -45.54 10.96
N GLY D 106 -5.30 -45.35 11.65
CA GLY D 106 -5.41 -45.59 13.09
C GLY D 106 -4.80 -44.44 13.87
N ASP D 107 -4.63 -43.30 13.21
CA ASP D 107 -4.01 -42.14 13.84
C ASP D 107 -5.03 -41.21 14.46
N ALA D 108 -6.31 -41.42 14.15
CA ALA D 108 -7.44 -40.71 14.75
C ALA D 108 -8.78 -41.47 14.65
N SER D 109 -9.76 -40.99 15.39
CA SER D 109 -11.08 -41.63 15.49
C SER D 109 -12.21 -40.83 14.87
N ILE D 110 -12.11 -39.52 15.01
CA ILE D 110 -13.19 -38.63 14.68
C ILE D 110 -12.52 -37.39 14.15
N ILE D 111 -12.75 -37.13 12.86
CA ILE D 111 -12.19 -35.99 12.17
C ILE D 111 -13.31 -35.12 11.72
N VAL D 112 -13.12 -33.81 11.75
CA VAL D 112 -14.02 -32.91 11.03
C VAL D 112 -13.19 -32.36 9.88
N ALA D 113 -13.75 -32.44 8.68
CA ALA D 113 -13.01 -32.11 7.47
C ALA D 113 -13.92 -31.37 6.53
N GLY D 114 -13.39 -30.37 5.85
CA GLY D 114 -14.10 -29.76 4.74
C GLY D 114 -13.32 -28.60 4.21
N GLY D 115 -13.99 -27.49 3.95
CA GLY D 115 -13.30 -26.32 3.45
C GLY D 115 -13.97 -25.02 3.82
N MET D 116 -13.25 -23.92 3.64
CA MET D 116 -13.79 -22.62 3.96
C MET D 116 -13.08 -21.57 3.13
N GLU D 117 -13.81 -20.50 2.80
CA GLU D 117 -13.27 -19.48 1.92
C GLU D 117 -14.06 -18.18 2.04
N SER D 118 -13.35 -17.07 2.30
CA SER D 118 -13.88 -15.74 2.13
C SER D 118 -13.10 -15.07 1.03
N MET D 119 -13.64 -15.17 -0.17
CA MET D 119 -13.08 -14.47 -1.32
C MET D 119 -13.23 -12.96 -1.15
N SER D 120 -14.32 -12.54 -0.51
CA SER D 120 -14.56 -11.12 -0.22
C SER D 120 -13.48 -10.53 0.70
N MET D 121 -13.07 -11.32 1.68
CA MET D 121 -12.14 -10.83 2.70
C MET D 121 -10.67 -10.92 2.24
N ALA D 122 -10.44 -11.54 1.09
CA ALA D 122 -9.08 -11.61 0.52
C ALA D 122 -8.50 -10.22 0.25
N PRO D 123 -7.32 -9.94 0.81
CA PRO D 123 -6.67 -8.64 0.65
C PRO D 123 -5.85 -8.50 -0.63
N HIS D 124 -5.55 -7.24 -0.96
CA HIS D 124 -4.47 -6.86 -1.87
C HIS D 124 -3.13 -6.83 -1.15
N CYS D 125 -2.04 -7.05 -1.89
CA CYS D 125 -0.74 -7.26 -1.30
C CYS D 125 0.38 -6.83 -2.23
N ALA D 126 1.57 -6.67 -1.66
CA ALA D 126 2.80 -6.38 -2.39
C ALA D 126 3.96 -6.76 -1.50
N HIS D 127 5.05 -7.26 -2.11
CA HIS D 127 6.31 -7.48 -1.41
C HIS D 127 7.09 -6.14 -1.34
N LEU D 128 7.26 -5.63 -0.12
CA LEU D 128 7.86 -4.31 0.11
C LEU D 128 9.05 -4.30 1.08
N ARG D 129 9.56 -5.45 1.50
CA ARG D 129 10.76 -5.48 2.36
C ARG D 129 11.96 -4.80 1.73
N GLY D 130 12.27 -5.15 0.50
CA GLY D 130 13.41 -4.56 -0.18
C GLY D 130 13.20 -3.09 -0.54
N GLY D 131 11.97 -2.60 -0.48
CA GLY D 131 11.66 -1.23 -0.90
C GLY D 131 11.46 -1.11 -2.40
N VAL D 132 10.89 0.00 -2.82
CA VAL D 132 10.72 0.31 -4.24
C VAL D 132 11.43 1.64 -4.46
N LYS D 133 12.71 1.57 -4.83
CA LYS D 133 13.54 2.78 -4.89
C LYS D 133 12.96 3.90 -5.78
N MET D 134 12.51 3.56 -6.99
CA MET D 134 11.66 4.46 -7.80
C MET D 134 10.70 3.71 -8.75
N GLY D 135 9.72 4.48 -9.27
CA GLY D 135 8.66 3.98 -10.14
C GLY D 135 7.36 3.56 -9.45
N ASP D 136 6.28 3.53 -10.23
CA ASP D 136 5.03 2.83 -9.83
C ASP D 136 5.28 1.33 -9.56
N PHE D 137 4.42 0.72 -8.72
CA PHE D 137 4.35 -0.74 -8.51
C PHE D 137 2.87 -1.21 -8.32
N LYS D 138 2.62 -2.50 -8.41
CA LYS D 138 1.29 -3.04 -8.32
C LYS D 138 0.96 -3.54 -6.93
N MET D 139 -0.19 -3.11 -6.43
CA MET D 139 -0.88 -3.81 -5.35
C MET D 139 -1.74 -4.86 -6.00
N ILE D 140 -1.52 -6.10 -5.55
CA ILE D 140 -1.96 -7.33 -6.19
C ILE D 140 -3.18 -7.92 -5.45
N ASP D 141 -4.22 -8.29 -6.21
CA ASP D 141 -5.42 -8.87 -5.65
C ASP D 141 -5.17 -10.36 -5.41
N THR D 142 -4.97 -10.74 -4.15
CA THR D 142 -4.58 -12.12 -3.85
C THR D 142 -5.65 -13.10 -4.30
N MET D 143 -6.89 -12.66 -4.35
CA MET D 143 -7.95 -13.56 -4.79
C MET D 143 -7.68 -14.01 -6.21
N ILE D 144 -7.31 -13.05 -7.05
CA ILE D 144 -7.11 -13.29 -8.47
C ILE D 144 -5.80 -14.03 -8.69
N LYS D 145 -4.75 -13.55 -8.04
CA LYS D 145 -3.39 -14.05 -8.24
C LYS D 145 -3.26 -15.46 -7.68
N ASP D 146 -3.66 -15.64 -6.42
CA ASP D 146 -3.47 -16.91 -5.72
C ASP D 146 -4.64 -17.89 -5.89
N GLY D 147 -5.78 -17.37 -6.34
CA GLY D 147 -6.99 -18.17 -6.53
C GLY D 147 -7.40 -18.46 -7.96
N LEU D 148 -7.23 -17.49 -8.86
CA LEU D 148 -7.82 -17.60 -10.20
C LEU D 148 -6.87 -17.47 -11.38
N THR D 149 -5.58 -17.30 -11.12
CA THR D 149 -4.63 -17.05 -12.20
C THR D 149 -3.74 -18.25 -12.38
N ASP D 150 -3.59 -18.73 -13.61
CA ASP D 150 -2.75 -19.88 -13.81
C ASP D 150 -1.31 -19.47 -13.64
N ALA D 151 -0.57 -20.20 -12.80
CA ALA D 151 0.80 -19.80 -12.45
C ALA D 151 1.79 -20.00 -13.59
N PHE D 152 1.46 -20.91 -14.51
CA PHE D 152 2.36 -21.29 -15.58
C PHE D 152 2.18 -20.44 -16.85
N TYR D 153 0.94 -20.25 -17.28
CA TYR D 153 0.67 -19.61 -18.55
C TYR D 153 0.24 -18.16 -18.38
N GLY D 154 -0.03 -17.76 -17.14
CA GLY D 154 -0.28 -16.38 -16.76
C GLY D 154 -1.71 -15.86 -16.92
N TYR D 155 -2.65 -16.70 -17.36
CA TYR D 155 -4.00 -16.23 -17.66
C TYR D 155 -5.05 -16.70 -16.64
N HIS D 156 -6.20 -16.02 -16.60
CA HIS D 156 -7.30 -16.40 -15.68
C HIS D 156 -7.80 -17.83 -15.98
N MET D 157 -8.41 -18.48 -14.98
CA MET D 157 -9.06 -19.78 -15.20
C MET D 157 -10.01 -19.77 -16.40
N GLY D 158 -10.67 -18.64 -16.64
CA GLY D 158 -11.63 -18.52 -17.73
C GLY D 158 -11.08 -18.78 -19.13
N THR D 159 -9.76 -18.61 -19.30
CA THR D 159 -9.09 -18.89 -20.57
C THR D 159 -8.83 -20.39 -20.75
N THR D 160 -8.57 -21.08 -19.66
CA THR D 160 -8.52 -22.55 -19.69
C THR D 160 -9.89 -23.10 -20.10
N ALA D 161 -10.96 -22.43 -19.67
CA ALA D 161 -12.33 -22.80 -20.07
C ALA D 161 -12.56 -22.56 -21.56
N GLU D 162 -11.99 -21.49 -22.11
CA GLU D 162 -12.01 -21.24 -23.56
C GLU D 162 -11.26 -22.33 -24.34
N ASN D 163 -10.12 -22.78 -23.79
CA ASN D 163 -9.32 -23.85 -24.41
C ASN D 163 -10.11 -25.16 -24.51
N VAL D 164 -10.94 -25.41 -23.50
CA VAL D 164 -11.82 -26.59 -23.48
C VAL D 164 -13.00 -26.41 -24.44
N ALA D 165 -13.49 -25.18 -24.58
CA ALA D 165 -14.58 -24.87 -25.51
C ALA D 165 -14.17 -25.03 -26.97
N LYS D 166 -12.87 -25.04 -27.24
CA LYS D 166 -12.35 -25.13 -28.60
C LYS D 166 -11.89 -26.55 -28.97
N GLN D 167 -11.43 -27.30 -27.97
CA GLN D 167 -11.04 -28.70 -28.13
C GLN D 167 -12.30 -29.57 -28.30
N TRP D 168 -13.36 -29.20 -27.59
CA TRP D 168 -14.63 -29.93 -27.59
C TRP D 168 -15.68 -29.25 -28.49
N GLN D 169 -15.30 -28.14 -29.13
CA GLN D 169 -16.15 -27.45 -30.10
C GLN D 169 -17.55 -27.16 -29.54
N LEU D 170 -17.59 -26.65 -28.31
CA LEU D 170 -18.83 -26.31 -27.65
C LEU D 170 -19.29 -24.91 -28.06
N SER D 171 -20.53 -24.84 -28.52
CA SER D 171 -21.13 -23.59 -28.99
C SER D 171 -21.51 -22.69 -27.83
N ARG D 172 -21.62 -21.39 -28.10
CA ARG D 172 -22.11 -20.43 -27.10
C ARG D 172 -23.52 -20.78 -26.62
N ASP D 173 -24.33 -21.33 -27.52
CA ASP D 173 -25.71 -21.72 -27.22
C ASP D 173 -25.74 -22.89 -26.27
N GLU D 174 -24.90 -23.88 -26.53
CA GLU D 174 -24.86 -25.09 -25.72
C GLU D 174 -24.44 -24.79 -24.28
N GLN D 175 -23.57 -23.78 -24.11
CA GLN D 175 -23.09 -23.35 -22.78
C GLN D 175 -24.14 -22.49 -22.06
N ASP D 176 -24.79 -21.59 -22.79
CA ASP D 176 -25.85 -20.74 -22.22
C ASP D 176 -27.07 -21.54 -21.79
N ALA D 177 -27.37 -22.64 -22.50
CA ALA D 177 -28.48 -23.52 -22.14
C ALA D 177 -28.16 -24.33 -20.88
N PHE D 178 -26.90 -24.73 -20.73
CA PHE D 178 -26.44 -25.47 -19.56
C PHE D 178 -26.56 -24.64 -18.29
N ALA D 179 -26.20 -23.36 -18.39
CA ALA D 179 -26.21 -22.43 -17.25
C ALA D 179 -27.64 -22.06 -16.88
N VAL D 180 -28.49 -21.82 -17.88
CA VAL D 180 -29.91 -21.61 -17.63
C VAL D 180 -30.52 -22.82 -16.92
N ALA D 181 -30.13 -24.03 -17.33
CA ALA D 181 -30.66 -25.27 -16.73
C ALA D 181 -30.16 -25.42 -15.29
N SER D 182 -28.95 -24.91 -15.03
CA SER D 182 -28.36 -24.95 -13.68
C SER D 182 -29.06 -23.96 -12.76
N GLN D 183 -29.34 -22.75 -13.25
CA GLN D 183 -29.99 -21.73 -12.44
C GLN D 183 -31.39 -22.16 -12.06
N ASN D 184 -32.11 -22.74 -13.04
CA ASN D 184 -33.50 -23.19 -12.90
C ASN D 184 -33.66 -24.40 -12.00
N LYS D 185 -32.71 -25.32 -12.07
CA LYS D 185 -32.67 -26.49 -11.16
C LYS D 185 -32.42 -26.03 -9.72
N ALA D 186 -31.59 -24.99 -9.58
CA ALA D 186 -31.20 -24.44 -8.27
C ALA D 186 -32.30 -23.59 -7.68
N GLU D 187 -32.97 -22.81 -8.51
CA GLU D 187 -34.12 -22.04 -8.05
C GLU D 187 -35.30 -22.97 -7.66
N ALA D 188 -35.52 -24.02 -8.43
CA ALA D 188 -36.56 -25.00 -8.12
C ALA D 188 -36.25 -25.66 -6.78
N ALA D 189 -35.04 -26.21 -6.66
CA ALA D 189 -34.67 -26.95 -5.47
C ALA D 189 -34.74 -26.07 -4.20
N GLN D 190 -34.30 -24.82 -4.29
CA GLN D 190 -34.23 -23.89 -3.14
C GLN D 190 -35.61 -23.57 -2.61
N LYS D 191 -36.52 -23.25 -3.52
CA LYS D 191 -37.92 -22.97 -3.18
C LYS D 191 -38.64 -24.20 -2.64
N ASP D 192 -38.22 -25.41 -3.04
CA ASP D 192 -38.83 -26.65 -2.58
C ASP D 192 -38.23 -27.18 -1.26
N GLY D 193 -37.30 -26.41 -0.68
CA GLY D 193 -36.73 -26.74 0.61
C GLY D 193 -35.57 -27.73 0.56
N ARG D 194 -35.04 -28.03 -0.63
CA ARG D 194 -34.07 -29.11 -0.79
C ARG D 194 -32.67 -28.78 -0.29
N PHE D 195 -32.37 -27.49 -0.13
CA PHE D 195 -31.13 -27.04 0.52
C PHE D 195 -31.28 -26.81 2.03
N LYS D 196 -32.48 -27.00 2.56
CA LYS D 196 -32.73 -26.66 3.96
C LYS D 196 -31.89 -27.52 4.91
N ASP D 197 -31.87 -28.83 4.67
CA ASP D 197 -31.20 -29.80 5.53
C ASP D 197 -29.68 -29.62 5.57
N GLU D 198 -29.06 -29.46 4.41
CA GLU D 198 -27.62 -29.27 4.35
C GLU D 198 -27.20 -27.90 4.89
N ILE D 199 -28.04 -26.89 4.72
CA ILE D 199 -27.63 -25.56 5.17
C ILE D 199 -27.84 -25.45 6.68
N VAL D 200 -26.80 -25.02 7.40
CA VAL D 200 -26.97 -24.51 8.75
C VAL D 200 -26.93 -22.98 8.64
N PRO D 201 -27.90 -22.28 9.24
CA PRO D 201 -27.88 -20.82 9.24
C PRO D 201 -26.62 -20.23 9.88
N PHE D 202 -26.23 -19.05 9.43
CA PHE D 202 -25.10 -18.34 10.01
C PHE D 202 -25.51 -16.93 10.36
N ILE D 203 -25.16 -16.53 11.58
CA ILE D 203 -25.53 -15.25 12.16
C ILE D 203 -24.42 -14.22 11.91
N VAL D 204 -24.63 -13.34 10.92
CA VAL D 204 -23.74 -12.22 10.67
C VAL D 204 -24.00 -11.15 11.73
N LYS D 205 -23.04 -10.93 12.63
CA LYS D 205 -23.25 -10.00 13.74
C LYS D 205 -22.96 -8.56 13.34
N GLY D 206 -23.91 -7.67 13.63
CA GLY D 206 -23.76 -6.26 13.33
C GLY D 206 -24.18 -5.33 14.45
N ARG D 207 -24.03 -4.04 14.20
CA ARG D 207 -24.19 -3.01 15.21
C ARG D 207 -25.65 -2.60 15.23
N LYS D 208 -26.24 -2.51 14.03
CA LYS D 208 -27.65 -2.14 13.87
C LYS D 208 -28.54 -3.37 13.61
N GLY D 209 -28.14 -4.53 14.12
CA GLY D 209 -28.98 -5.71 14.06
C GLY D 209 -28.28 -6.90 13.43
N ASP D 210 -28.41 -8.06 14.06
CA ASP D 210 -27.85 -9.29 13.51
C ASP D 210 -28.70 -9.71 12.33
N ILE D 211 -28.12 -10.52 11.45
CA ILE D 211 -28.83 -11.07 10.30
C ILE D 211 -28.56 -12.57 10.21
N THR D 212 -29.63 -13.34 10.02
CA THR D 212 -29.53 -14.78 9.78
C THR D 212 -29.46 -14.96 8.27
N VAL D 213 -28.46 -15.70 7.82
CA VAL D 213 -28.25 -16.01 6.42
C VAL D 213 -28.40 -17.53 6.30
N ASP D 214 -29.50 -17.97 5.70
CA ASP D 214 -29.77 -19.41 5.46
C ASP D 214 -30.25 -19.73 4.04
N ALA D 215 -30.07 -18.79 3.11
CA ALA D 215 -30.41 -19.00 1.72
C ALA D 215 -29.17 -18.68 0.86
N ASP D 216 -28.90 -19.54 -0.10
CA ASP D 216 -27.86 -19.30 -1.11
C ASP D 216 -28.24 -18.06 -1.90
N GLU D 217 -27.52 -16.95 -1.69
CA GLU D 217 -27.93 -15.65 -2.26
C GLU D 217 -27.45 -15.36 -3.68
N TYR D 218 -26.59 -16.22 -4.22
CA TYR D 218 -26.01 -16.06 -5.56
C TYR D 218 -26.88 -16.65 -6.67
N ILE D 219 -27.84 -17.49 -6.31
CA ILE D 219 -28.82 -18.03 -7.27
C ILE D 219 -29.66 -16.91 -7.89
N ARG D 220 -29.81 -16.97 -9.22
CA ARG D 220 -30.59 -15.99 -9.99
C ARG D 220 -32.00 -16.50 -10.28
N HIS D 221 -32.99 -15.89 -9.64
CA HIS D 221 -34.39 -16.31 -9.80
C HIS D 221 -34.96 -15.89 -11.18
N GLY D 222 -35.55 -16.84 -11.92
CA GLY D 222 -36.21 -16.56 -13.20
C GLY D 222 -35.22 -16.34 -14.33
N ALA D 223 -34.14 -17.14 -14.30
CA ALA D 223 -33.04 -16.99 -15.24
C ALA D 223 -33.48 -17.36 -16.66
N THR D 224 -33.65 -16.32 -17.48
CA THR D 224 -34.05 -16.49 -18.88
C THR D 224 -32.81 -16.76 -19.72
N LEU D 225 -33.01 -17.42 -20.86
CA LEU D 225 -31.96 -17.56 -21.86
C LEU D 225 -31.62 -16.21 -22.54
N ASP D 226 -32.43 -15.18 -22.26
CA ASP D 226 -32.21 -13.84 -22.82
C ASP D 226 -31.06 -13.10 -22.13
N SER D 227 -31.13 -13.05 -20.81
CA SER D 227 -30.09 -12.40 -20.01
C SER D 227 -28.74 -13.11 -20.14
N MET D 228 -28.76 -14.40 -20.48
CA MET D 228 -27.54 -15.14 -20.82
C MET D 228 -27.01 -14.75 -22.20
N ALA D 229 -27.90 -14.74 -23.20
CA ALA D 229 -27.48 -14.57 -24.59
C ALA D 229 -27.03 -13.14 -24.92
N LYS D 230 -27.35 -12.19 -24.04
CA LYS D 230 -27.00 -10.77 -24.22
C LYS D 230 -25.67 -10.36 -23.56
N LEU D 231 -24.98 -11.30 -22.92
CA LEU D 231 -23.70 -10.98 -22.27
C LEU D 231 -22.55 -11.01 -23.27
N ARG D 232 -21.57 -10.16 -23.04
CA ARG D 232 -20.33 -10.22 -23.81
C ARG D 232 -19.43 -11.32 -23.24
N PRO D 233 -18.62 -11.95 -24.10
CA PRO D 233 -17.56 -12.84 -23.61
C PRO D 233 -16.59 -12.08 -22.67
N ALA D 234 -16.18 -12.73 -21.60
CA ALA D 234 -15.36 -12.11 -20.55
C ALA D 234 -13.85 -12.35 -20.71
N PHE D 235 -13.45 -13.33 -21.53
CA PHE D 235 -12.05 -13.76 -21.62
C PHE D 235 -11.45 -13.73 -23.06
N ASP D 236 -12.31 -13.71 -24.08
CA ASP D 236 -11.89 -13.64 -25.49
C ASP D 236 -13.05 -13.08 -26.30
N LYS D 237 -12.76 -12.03 -27.10
CA LYS D 237 -13.79 -11.27 -27.82
C LYS D 237 -14.58 -12.10 -28.88
N GLU D 238 -13.94 -13.12 -29.46
CA GLU D 238 -14.61 -14.09 -30.36
C GLU D 238 -14.80 -15.46 -29.67
N GLY D 239 -14.99 -15.43 -28.35
CA GLY D 239 -15.16 -16.64 -27.56
C GLY D 239 -16.59 -16.83 -27.09
N THR D 240 -16.77 -17.76 -26.16
CA THR D 240 -18.09 -18.20 -25.70
C THR D 240 -18.31 -18.10 -24.19
N VAL D 241 -17.25 -17.85 -23.41
CA VAL D 241 -17.34 -17.94 -21.95
C VAL D 241 -17.68 -16.57 -21.37
N THR D 242 -18.68 -16.53 -20.50
CA THR D 242 -19.21 -15.30 -19.93
C THR D 242 -19.35 -15.38 -18.40
N ALA D 243 -19.75 -14.26 -17.80
CA ALA D 243 -20.09 -14.22 -16.39
C ALA D 243 -21.32 -15.07 -16.10
N GLY D 244 -22.21 -15.21 -17.09
CA GLY D 244 -23.44 -15.98 -16.96
C GLY D 244 -23.26 -17.48 -17.04
N ASN D 245 -22.37 -17.94 -17.93
CA ASN D 245 -22.06 -19.36 -18.07
C ASN D 245 -20.76 -19.79 -17.39
N ALA D 246 -20.20 -18.90 -16.55
CA ALA D 246 -19.13 -19.28 -15.61
C ALA D 246 -19.64 -19.12 -14.19
N SER D 247 -19.02 -19.83 -13.26
CA SER D 247 -19.32 -19.62 -11.84
C SER D 247 -18.75 -18.28 -11.41
N GLY D 248 -18.97 -17.92 -10.16
CA GLY D 248 -18.58 -16.59 -9.69
C GLY D 248 -17.63 -16.68 -8.53
N LEU D 249 -17.48 -15.53 -7.87
CA LEU D 249 -16.65 -15.36 -6.70
C LEU D 249 -17.57 -15.36 -5.49
N ASN D 250 -17.22 -16.12 -4.48
CA ASN D 250 -18.15 -16.45 -3.40
C ASN D 250 -17.51 -16.79 -2.06
N ASP D 251 -18.30 -16.64 -0.98
CA ASP D 251 -17.88 -16.99 0.37
C ASP D 251 -18.69 -18.19 0.89
N GLY D 252 -18.09 -19.02 1.72
CA GLY D 252 -18.81 -20.13 2.30
C GLY D 252 -17.92 -21.08 3.08
N ALA D 253 -18.55 -21.95 3.86
CA ALA D 253 -17.86 -23.11 4.40
C ALA D 253 -18.73 -24.34 4.42
N ALA D 254 -18.09 -25.47 4.59
CA ALA D 254 -18.80 -26.75 4.59
C ALA D 254 -17.91 -27.79 5.19
N ALA D 255 -18.53 -28.82 5.75
CA ALA D 255 -17.78 -29.77 6.54
C ALA D 255 -18.51 -31.07 6.66
N ALA D 256 -17.75 -32.10 7.00
CA ALA D 256 -18.24 -33.43 7.23
C ALA D 256 -17.62 -33.97 8.53
N LEU D 257 -18.38 -34.77 9.27
CA LEU D 257 -17.86 -35.44 10.45
C LEU D 257 -17.60 -36.91 10.07
N LEU D 258 -16.34 -37.31 10.15
CA LEU D 258 -15.93 -38.67 9.78
C LEU D 258 -15.58 -39.51 11.03
N MET D 259 -15.86 -40.80 10.93
CA MET D 259 -15.49 -41.78 11.94
C MET D 259 -15.63 -43.15 11.30
N SER D 260 -15.09 -44.20 11.92
CA SER D 260 -15.27 -45.55 11.39
C SER D 260 -16.75 -45.92 11.38
N GLU D 261 -17.10 -46.93 10.58
CA GLU D 261 -18.46 -47.39 10.48
C GLU D 261 -18.90 -48.01 11.81
N ALA D 262 -18.05 -48.85 12.39
CA ALA D 262 -18.37 -49.47 13.68
C ALA D 262 -18.54 -48.39 14.76
N GLU D 263 -17.77 -47.32 14.68
CA GLU D 263 -17.90 -46.22 15.66
C GLU D 263 -19.28 -45.52 15.58
N ALA D 264 -19.74 -45.23 14.37
CA ALA D 264 -21.01 -44.59 14.15
C ALA D 264 -22.12 -45.50 14.70
N SER D 265 -21.93 -46.80 14.52
CA SER D 265 -22.88 -47.77 15.03
C SER D 265 -22.93 -47.76 16.55
N ARG D 266 -21.76 -47.64 17.16
CA ARG D 266 -21.65 -47.61 18.62
C ARG D 266 -22.32 -46.36 19.20
N ARG D 267 -22.35 -45.29 18.41
CA ARG D 267 -22.90 -44.01 18.86
C ARG D 267 -24.35 -43.78 18.46
N GLY D 268 -25.00 -44.81 17.89
CA GLY D 268 -26.38 -44.72 17.44
C GLY D 268 -26.58 -43.71 16.32
N ILE D 269 -25.56 -43.50 15.51
CA ILE D 269 -25.63 -42.57 14.39
C ILE D 269 -26.04 -43.31 13.11
N GLN D 270 -26.99 -42.74 12.37
CA GLN D 270 -27.33 -43.20 11.02
C GLN D 270 -26.53 -42.35 10.03
N PRO D 271 -25.43 -42.88 9.48
CA PRO D 271 -24.50 -42.08 8.67
C PRO D 271 -25.01 -41.75 7.28
N LEU D 272 -24.72 -40.53 6.85
CA LEU D 272 -25.03 -40.02 5.50
C LEU D 272 -24.49 -40.87 4.35
N GLY D 273 -23.42 -41.62 4.61
CA GLY D 273 -22.86 -42.54 3.65
C GLY D 273 -21.50 -43.08 4.07
N ARG D 274 -20.96 -44.00 3.28
CA ARG D 274 -19.63 -44.58 3.47
C ARG D 274 -18.73 -44.07 2.35
N ILE D 275 -17.51 -43.64 2.69
CA ILE D 275 -16.52 -43.28 1.67
C ILE D 275 -15.93 -44.58 1.09
N VAL D 276 -16.33 -44.95 -0.13
CA VAL D 276 -15.83 -46.18 -0.77
C VAL D 276 -14.48 -45.94 -1.47
N SER D 277 -14.34 -44.80 -2.15
CA SER D 277 -13.06 -44.44 -2.74
C SER D 277 -12.92 -42.93 -3.00
N TRP D 278 -11.71 -42.56 -3.38
CA TRP D 278 -11.39 -41.25 -3.87
C TRP D 278 -10.18 -41.37 -4.79
N ALA D 279 -9.92 -40.30 -5.52
CA ALA D 279 -8.79 -40.24 -6.43
C ALA D 279 -8.58 -38.80 -6.92
N THR D 280 -7.31 -38.44 -7.07
CA THR D 280 -6.93 -37.19 -7.69
C THR D 280 -5.92 -37.54 -8.79
N VAL D 281 -5.99 -36.83 -9.92
CA VAL D 281 -5.08 -37.05 -11.05
C VAL D 281 -4.78 -35.72 -11.75
N GLY D 282 -3.64 -35.65 -12.42
CA GLY D 282 -3.23 -34.44 -13.09
C GLY D 282 -3.60 -34.43 -14.57
N VAL D 283 -3.75 -33.22 -15.10
CA VAL D 283 -3.96 -32.98 -16.52
C VAL D 283 -3.27 -31.66 -16.90
N ASP D 284 -3.21 -31.39 -18.19
CA ASP D 284 -2.60 -30.18 -18.73
C ASP D 284 -3.21 -28.92 -18.05
N PRO D 285 -2.37 -28.13 -17.36
CA PRO D 285 -2.80 -26.81 -16.88
C PRO D 285 -3.68 -26.01 -17.86
N LYS D 286 -3.31 -26.01 -19.14
CA LYS D 286 -4.04 -25.33 -20.21
C LYS D 286 -5.54 -25.67 -20.29
N VAL D 287 -5.86 -26.94 -20.04
CA VAL D 287 -7.24 -27.44 -20.09
C VAL D 287 -7.62 -28.11 -18.75
N MET D 288 -7.36 -27.38 -17.66
CA MET D 288 -7.59 -27.83 -16.29
C MET D 288 -9.02 -28.32 -15.97
N GLY D 289 -10.00 -27.87 -16.76
CA GLY D 289 -11.39 -28.23 -16.58
C GLY D 289 -11.73 -29.69 -16.84
N THR D 290 -10.81 -30.42 -17.48
CA THR D 290 -10.99 -31.82 -17.77
C THR D 290 -10.65 -32.71 -16.59
N GLY D 291 -10.12 -32.09 -15.54
CA GLY D 291 -9.65 -32.80 -14.36
C GLY D 291 -10.57 -33.91 -13.88
N PRO D 292 -11.88 -33.63 -13.80
CA PRO D 292 -12.86 -34.62 -13.34
C PRO D 292 -12.89 -35.93 -14.12
N ILE D 293 -12.37 -35.94 -15.35
CA ILE D 293 -12.41 -37.13 -16.19
C ILE D 293 -11.52 -38.25 -15.61
N PRO D 294 -10.20 -38.09 -15.60
CA PRO D 294 -9.33 -39.14 -15.04
C PRO D 294 -9.51 -39.37 -13.52
N ALA D 295 -9.84 -38.32 -12.78
CA ALA D 295 -10.09 -38.43 -11.34
C ALA D 295 -11.33 -39.29 -11.06
N SER D 296 -12.37 -39.13 -11.86
CA SER D 296 -13.61 -39.90 -11.66
C SER D 296 -13.49 -41.34 -12.14
N ARG D 297 -12.76 -41.56 -13.24
CA ARG D 297 -12.49 -42.90 -13.74
C ARG D 297 -11.65 -43.69 -12.75
N LYS D 298 -10.64 -43.04 -12.19
CA LYS D 298 -9.79 -43.66 -11.18
C LYS D 298 -10.62 -43.96 -9.91
N ALA D 299 -11.36 -42.97 -9.43
CA ALA D 299 -12.20 -43.15 -8.26
C ALA D 299 -13.11 -44.37 -8.48
N LEU D 300 -13.77 -44.41 -9.63
CA LEU D 300 -14.71 -45.48 -9.97
C LEU D 300 -14.04 -46.85 -10.07
N GLU D 301 -12.82 -46.89 -10.57
CA GLU D 301 -12.05 -48.13 -10.69
C GLU D 301 -11.56 -48.61 -9.30
N ARG D 302 -11.27 -47.68 -8.40
CA ARG D 302 -10.90 -48.06 -7.04
C ARG D 302 -12.11 -48.60 -6.26
N ALA D 303 -13.31 -48.15 -6.63
CA ALA D 303 -14.53 -48.65 -6.01
C ALA D 303 -15.01 -49.98 -6.61
N GLY D 304 -14.51 -50.36 -7.79
CA GLY D 304 -15.01 -51.53 -8.49
C GLY D 304 -16.36 -51.23 -9.12
N TRP D 305 -16.57 -49.96 -9.45
CA TRP D 305 -17.80 -49.44 -10.04
C TRP D 305 -17.67 -49.06 -11.52
N LYS D 306 -18.74 -49.28 -12.28
CA LYS D 306 -18.90 -48.76 -13.63
C LYS D 306 -19.56 -47.39 -13.54
N ILE D 307 -19.42 -46.58 -14.59
CA ILE D 307 -20.03 -45.26 -14.65
C ILE D 307 -21.57 -45.38 -14.55
N GLY D 308 -22.13 -46.42 -15.15
CA GLY D 308 -23.56 -46.65 -15.13
C GLY D 308 -24.13 -47.03 -13.78
N ASP D 309 -23.29 -47.54 -12.88
CA ASP D 309 -23.68 -47.90 -11.50
C ASP D 309 -24.19 -46.68 -10.72
N LEU D 310 -23.68 -45.51 -11.06
CA LEU D 310 -23.96 -44.28 -10.33
C LEU D 310 -25.42 -43.90 -10.40
N ASP D 311 -25.96 -43.51 -9.24
CA ASP D 311 -27.33 -43.05 -9.13
C ASP D 311 -27.40 -41.52 -8.98
N LEU D 312 -26.28 -40.92 -8.60
CA LEU D 312 -26.23 -39.48 -8.41
C LEU D 312 -24.81 -38.94 -8.53
N VAL D 313 -24.69 -37.70 -9.00
CA VAL D 313 -23.40 -37.11 -9.32
C VAL D 313 -23.42 -35.63 -9.09
N GLU D 314 -22.47 -35.14 -8.29
CA GLU D 314 -22.19 -33.72 -8.22
C GLU D 314 -20.86 -33.45 -8.94
N ALA D 315 -20.95 -32.84 -10.13
CA ALA D 315 -19.79 -32.50 -10.93
C ALA D 315 -19.68 -30.99 -10.98
N ASN D 316 -18.72 -30.46 -10.24
CA ASN D 316 -18.64 -29.02 -10.03
C ASN D 316 -18.55 -28.23 -11.32
N GLU D 317 -19.46 -27.27 -11.46
CA GLU D 317 -19.53 -26.41 -12.62
C GLU D 317 -18.75 -25.15 -12.33
N ALA D 318 -17.45 -25.20 -12.56
CA ALA D 318 -16.66 -23.97 -12.58
C ALA D 318 -17.01 -23.11 -13.78
N PHE D 319 -17.19 -23.78 -14.92
CA PHE D 319 -17.59 -23.18 -16.18
C PHE D 319 -18.54 -24.13 -16.89
N ALA D 320 -19.44 -23.58 -17.69
CA ALA D 320 -20.34 -24.41 -18.47
C ALA D 320 -19.49 -25.19 -19.45
N ALA D 321 -18.46 -24.52 -19.99
CA ALA D 321 -17.58 -25.12 -20.98
C ALA D 321 -16.97 -26.42 -20.48
N GLN D 322 -16.44 -26.40 -19.25
CA GLN D 322 -15.75 -27.59 -18.76
C GLN D 322 -16.73 -28.68 -18.35
N ALA D 323 -17.89 -28.28 -17.82
CA ALA D 323 -18.88 -29.21 -17.29
C ALA D 323 -19.41 -30.11 -18.40
N CYS D 324 -19.79 -29.49 -19.53
CA CYS D 324 -20.32 -30.20 -20.69
C CYS D 324 -19.30 -31.17 -21.26
N ALA D 325 -18.04 -30.74 -21.33
CA ALA D 325 -16.93 -31.60 -21.77
C ALA D 325 -16.78 -32.85 -20.89
N VAL D 326 -16.86 -32.67 -19.57
CA VAL D 326 -16.80 -33.76 -18.62
C VAL D 326 -18.00 -34.71 -18.80
N ASN D 327 -19.22 -34.16 -18.90
CA ASN D 327 -20.43 -34.97 -19.08
C ASN D 327 -20.42 -35.76 -20.39
N LYS D 328 -19.66 -35.26 -21.37
CA LYS D 328 -19.55 -35.88 -22.70
C LYS D 328 -18.52 -37.03 -22.72
N ASP D 329 -17.33 -36.78 -22.19
CA ASP D 329 -16.25 -37.78 -22.15
C ASP D 329 -16.64 -38.98 -21.30
N LEU D 330 -17.17 -38.69 -20.11
CA LEU D 330 -17.58 -39.71 -19.15
C LEU D 330 -18.86 -40.40 -19.58
N GLY D 331 -19.81 -39.61 -20.07
CA GLY D 331 -21.02 -40.13 -20.69
C GLY D 331 -22.01 -40.73 -19.70
N TRP D 332 -22.19 -40.08 -18.56
CA TRP D 332 -23.24 -40.47 -17.63
C TRP D 332 -24.51 -39.72 -18.00
N ASP D 333 -25.62 -40.15 -17.41
CA ASP D 333 -26.91 -39.55 -17.63
C ASP D 333 -26.90 -38.14 -17.03
N PRO D 334 -27.11 -37.09 -17.84
CA PRO D 334 -27.07 -35.71 -17.32
C PRO D 334 -28.26 -35.36 -16.39
N SER D 335 -29.33 -36.16 -16.45
CA SER D 335 -30.48 -35.99 -15.55
C SER D 335 -30.18 -36.30 -14.06
N ILE D 336 -29.16 -37.12 -13.79
CA ILE D 336 -28.70 -37.38 -12.43
C ILE D 336 -27.44 -36.55 -12.04
N VAL D 337 -27.05 -35.58 -12.88
CA VAL D 337 -25.89 -34.73 -12.59
C VAL D 337 -26.37 -33.35 -12.15
N ASN D 338 -25.87 -32.90 -10.99
CA ASN D 338 -26.24 -31.60 -10.42
C ASN D 338 -27.74 -31.43 -10.40
N VAL D 339 -28.37 -32.47 -9.90
CA VAL D 339 -29.81 -32.61 -9.83
C VAL D 339 -30.51 -31.40 -9.21
N ASN D 340 -29.86 -30.75 -8.25
CA ASN D 340 -30.38 -29.52 -7.62
C ASN D 340 -29.66 -28.25 -8.03
N GLY D 341 -28.98 -28.28 -9.17
CA GLY D 341 -28.20 -27.15 -9.64
C GLY D 341 -26.74 -27.31 -9.28
N GLY D 342 -25.93 -26.40 -9.80
CA GLY D 342 -24.51 -26.40 -9.53
C GLY D 342 -23.93 -24.99 -9.36
N ALA D 343 -22.61 -24.90 -9.49
CA ALA D 343 -21.87 -23.73 -9.05
C ALA D 343 -22.12 -22.45 -9.86
N ILE D 344 -22.41 -22.59 -11.14
CA ILE D 344 -22.80 -21.43 -11.95
C ILE D 344 -23.90 -20.65 -11.23
N ALA D 345 -24.87 -21.39 -10.66
CA ALA D 345 -25.96 -20.80 -9.91
C ALA D 345 -25.64 -20.54 -8.43
N ILE D 346 -25.08 -21.56 -7.76
CA ILE D 346 -24.92 -21.56 -6.31
C ILE D 346 -23.71 -20.74 -5.83
N GLY D 347 -22.62 -20.82 -6.58
CA GLY D 347 -21.36 -20.15 -6.26
C GLY D 347 -20.21 -21.13 -6.13
N HIS D 348 -18.99 -20.59 -6.14
CA HIS D 348 -17.77 -21.38 -6.08
C HIS D 348 -16.81 -20.77 -5.04
N PRO D 349 -17.11 -20.95 -3.76
CA PRO D 349 -16.18 -20.51 -2.69
C PRO D 349 -14.99 -21.47 -2.66
N ILE D 350 -13.89 -21.10 -3.33
CA ILE D 350 -12.86 -22.06 -3.82
C ILE D 350 -12.55 -23.24 -2.90
N GLY D 351 -12.02 -22.93 -1.71
CA GLY D 351 -11.56 -23.93 -0.76
C GLY D 351 -12.67 -24.75 -0.15
N ALA D 352 -13.83 -24.11 -0.01
CA ALA D 352 -15.07 -24.74 0.46
C ALA D 352 -15.80 -25.56 -0.61
N SER D 353 -15.66 -25.20 -1.89
CA SER D 353 -16.50 -25.82 -2.93
C SER D 353 -16.63 -27.37 -2.86
N GLY D 354 -15.53 -28.05 -2.64
CA GLY D 354 -15.51 -29.50 -2.73
C GLY D 354 -16.31 -30.12 -1.62
N ALA D 355 -16.30 -29.46 -0.45
CA ALA D 355 -17.14 -29.90 0.67
C ALA D 355 -18.59 -29.43 0.53
N ARG D 356 -18.80 -28.38 -0.23
CA ARG D 356 -20.14 -27.88 -0.56
C ARG D 356 -20.89 -28.88 -1.43
N ILE D 357 -20.25 -29.33 -2.50
CA ILE D 357 -20.94 -30.21 -3.44
C ILE D 357 -21.12 -31.57 -2.77
N LEU D 358 -20.17 -31.96 -1.92
CA LEU D 358 -20.33 -33.21 -1.16
C LEU D 358 -21.57 -33.15 -0.27
N ASN D 359 -21.84 -31.99 0.31
CA ASN D 359 -23.06 -31.81 1.11
C ASN D 359 -24.30 -32.05 0.28
N THR D 360 -24.41 -31.30 -0.82
CA THR D 360 -25.49 -31.42 -1.79
C THR D 360 -25.70 -32.91 -2.22
N LEU D 361 -24.60 -33.60 -2.50
CA LEU D 361 -24.63 -35.01 -2.89
C LEU D 361 -25.22 -35.88 -1.81
N LEU D 362 -24.75 -35.70 -0.57
CA LEU D 362 -25.13 -36.60 0.53
C LEU D 362 -26.60 -36.38 0.91
N PHE D 363 -27.01 -35.12 1.04
CA PHE D 363 -28.35 -34.83 1.50
C PHE D 363 -29.42 -35.16 0.45
N GLU D 364 -29.09 -34.95 -0.83
CA GLU D 364 -29.97 -35.35 -1.93
C GLU D 364 -30.00 -36.88 -2.13
N MET D 365 -28.89 -37.56 -1.83
CA MET D 365 -28.85 -39.03 -1.81
C MET D 365 -29.78 -39.57 -0.72
N LYS D 366 -29.86 -38.90 0.42
CA LYS D 366 -30.81 -39.28 1.47
C LYS D 366 -32.27 -39.05 0.98
N ARG D 367 -32.50 -37.88 0.36
CA ARG D 367 -33.83 -37.44 -0.05
C ARG D 367 -34.52 -38.43 -0.99
N ARG D 368 -33.76 -39.00 -1.92
CA ARG D 368 -34.33 -39.86 -2.96
C ARG D 368 -33.95 -41.34 -2.81
N GLY D 369 -33.12 -41.65 -1.82
CA GLY D 369 -32.69 -43.02 -1.60
C GLY D 369 -31.72 -43.55 -2.65
N ALA D 370 -30.88 -42.67 -3.21
CA ALA D 370 -29.80 -43.09 -4.11
C ALA D 370 -28.78 -43.90 -3.31
N ARG D 371 -28.33 -45.02 -3.87
CA ARG D 371 -27.36 -45.87 -3.19
C ARG D 371 -25.97 -45.37 -3.46
N LYS D 372 -25.61 -45.19 -4.73
CA LYS D 372 -24.24 -44.83 -5.09
C LYS D 372 -24.13 -43.40 -5.65
N GLY D 373 -23.04 -42.73 -5.29
CA GLY D 373 -22.86 -41.33 -5.58
C GLY D 373 -21.41 -41.04 -5.89
N LEU D 374 -21.19 -39.88 -6.48
CA LEU D 374 -19.84 -39.45 -6.84
C LEU D 374 -19.81 -37.92 -6.96
N ALA D 375 -18.91 -37.29 -6.20
CA ALA D 375 -18.64 -35.86 -6.31
C ALA D 375 -17.26 -35.65 -6.95
N THR D 376 -17.10 -34.61 -7.76
CA THR D 376 -15.81 -34.37 -8.42
C THR D 376 -15.65 -32.94 -8.90
N LEU D 377 -14.40 -32.47 -8.90
CA LEU D 377 -14.08 -31.08 -9.18
C LEU D 377 -12.84 -30.97 -10.02
N CYS D 378 -12.88 -30.08 -11.01
CA CYS D 378 -11.70 -29.67 -11.75
C CYS D 378 -10.90 -28.69 -10.88
N ILE D 379 -9.61 -28.53 -11.17
CA ILE D 379 -8.67 -27.79 -10.30
C ILE D 379 -7.64 -27.01 -11.09
N GLY D 380 -7.52 -25.71 -10.79
CA GLY D 380 -6.54 -24.82 -11.39
C GLY D 380 -5.13 -25.37 -11.31
N GLY D 381 -4.35 -25.13 -12.35
CA GLY D 381 -3.04 -25.73 -12.47
C GLY D 381 -3.08 -27.14 -13.05
N GLY D 382 -4.28 -27.67 -13.28
CA GLY D 382 -4.47 -28.94 -13.98
C GLY D 382 -4.58 -30.20 -13.12
N MET D 383 -5.68 -30.36 -12.39
CA MET D 383 -5.94 -31.60 -11.66
C MET D 383 -7.43 -31.78 -11.46
N GLY D 384 -7.80 -32.99 -11.08
CA GLY D 384 -9.15 -33.33 -10.67
C GLY D 384 -9.07 -34.12 -9.37
N VAL D 385 -10.15 -34.07 -8.62
CA VAL D 385 -10.36 -34.89 -7.44
C VAL D 385 -11.77 -35.49 -7.55
N ALA D 386 -11.95 -36.65 -6.96
CA ALA D 386 -13.23 -37.34 -7.05
C ALA D 386 -13.36 -38.21 -5.83
N MET D 387 -14.59 -38.53 -5.44
CA MET D 387 -14.89 -39.40 -4.29
C MET D 387 -16.20 -40.17 -4.57
N CYS D 388 -16.21 -41.47 -4.26
CA CYS D 388 -17.39 -42.29 -4.37
C CYS D 388 -17.99 -42.54 -2.99
N ILE D 389 -19.27 -42.26 -2.85
CA ILE D 389 -20.01 -42.43 -1.61
C ILE D 389 -21.10 -43.50 -1.83
N GLU D 390 -21.21 -44.47 -0.91
CA GLU D 390 -22.31 -45.45 -0.91
C GLU D 390 -23.16 -45.28 0.34
N SER D 391 -24.47 -45.15 0.18
CA SER D 391 -25.39 -45.03 1.31
C SER D 391 -25.44 -46.33 2.12
N LEU D 392 -25.92 -46.25 3.36
CA LEU D 392 -26.01 -47.39 4.26
C LEU D 392 -27.46 -47.64 4.66
#